data_1D5H
# 
_entry.id   1D5H 
# 
_audit_conform.dict_name       mmcif_pdbx.dic 
_audit_conform.dict_version    5.403 
_audit_conform.dict_location   http://mmcif.pdb.org/dictionaries/ascii/mmcif_pdbx.dic 
# 
loop_
_database_2.database_id 
_database_2.database_code 
_database_2.pdbx_database_accession 
_database_2.pdbx_DOI 
PDB   1D5H         pdb_00001d5h 10.2210/pdb1d5h/pdb 
RCSB  RCSB009807   ?            ?                   
WWPDB D_1000009807 ?            ?                   
# 
loop_
_pdbx_audit_revision_history.ordinal 
_pdbx_audit_revision_history.data_content_type 
_pdbx_audit_revision_history.major_revision 
_pdbx_audit_revision_history.minor_revision 
_pdbx_audit_revision_history.revision_date 
_pdbx_audit_revision_history.part_number 
1 'Structure model' 1 0 1999-10-20 ? 
2 'Structure model' 1 1 2008-04-27 ? 
3 'Structure model' 1 2 2011-07-13 ? 
4 'Structure model' 1 3 2017-02-01 ? 
5 'Structure model' 1 4 2017-10-04 ? 
6 'Structure model' 1 5 2018-01-31 ? 
7 'Structure model' 1 6 2018-03-14 ? 
8 'Structure model' 1 7 2025-03-26 ? 
# 
_pdbx_audit_revision_details.ordinal             1 
_pdbx_audit_revision_details.revision_ordinal    1 
_pdbx_audit_revision_details.data_content_type   'Structure model' 
_pdbx_audit_revision_details.provider            repository 
_pdbx_audit_revision_details.type                'Initial release' 
_pdbx_audit_revision_details.description         ? 
_pdbx_audit_revision_details.details             ? 
# 
loop_
_pdbx_audit_revision_group.ordinal 
_pdbx_audit_revision_group.revision_ordinal 
_pdbx_audit_revision_group.data_content_type 
_pdbx_audit_revision_group.group 
1  2 'Structure model' 'Version format compliance' 
2  3 'Structure model' 'Version format compliance' 
3  4 'Structure model' 'Structure summary'         
4  5 'Structure model' 'Refinement description'    
5  6 'Structure model' 'Experimental preparation'  
6  7 'Structure model' 'Database references'       
7  8 'Structure model' 'Data collection'           
8  8 'Structure model' 'Database references'       
9  8 'Structure model' 'Derived calculations'      
10 8 'Structure model' 'Structure summary'         
# 
loop_
_pdbx_audit_revision_category.ordinal 
_pdbx_audit_revision_category.revision_ordinal 
_pdbx_audit_revision_category.data_content_type 
_pdbx_audit_revision_category.category 
1  5 'Structure model' software                  
2  6 'Structure model' exptl_crystal_grow        
3  7 'Structure model' struct_ref_seq_dif        
4  8 'Structure model' chem_comp_atom            
5  8 'Structure model' chem_comp_bond            
6  8 'Structure model' database_2                
7  8 'Structure model' pdbx_entry_details        
8  8 'Structure model' pdbx_modification_feature 
9  8 'Structure model' struct_conn               
10 8 'Structure model' struct_ref_seq_dif        
11 8 'Structure model' struct_site               
# 
loop_
_pdbx_audit_revision_item.ordinal 
_pdbx_audit_revision_item.revision_ordinal 
_pdbx_audit_revision_item.data_content_type 
_pdbx_audit_revision_item.item 
1 6 'Structure model' '_exptl_crystal_grow.temp'            
2 7 'Structure model' '_struct_ref_seq_dif.details'         
3 8 'Structure model' '_database_2.pdbx_DOI'                
4 8 'Structure model' '_database_2.pdbx_database_accession' 
5 8 'Structure model' '_struct_conn.pdbx_leaving_atom_flag' 
6 8 'Structure model' '_struct_ref_seq_dif.details'         
7 8 'Structure model' '_struct_site.pdbx_auth_asym_id'      
8 8 'Structure model' '_struct_site.pdbx_auth_comp_id'      
9 8 'Structure model' '_struct_site.pdbx_auth_seq_id'       
# 
_pdbx_database_status.status_code                     REL 
_pdbx_database_status.entry_id                        1D5H 
_pdbx_database_status.recvd_initial_deposition_date   1999-10-07 
_pdbx_database_status.deposit_site                    RCSB 
_pdbx_database_status.process_site                    RCSB 
_pdbx_database_status.status_code_sf                  REL 
_pdbx_database_status.status_code_mr                  ? 
_pdbx_database_status.SG_entry                        ? 
_pdbx_database_status.status_code_cs                  ? 
_pdbx_database_status.methods_development_category    ? 
_pdbx_database_status.pdb_format_compatible           Y 
_pdbx_database_status.status_code_nmr_data            ? 
# 
loop_
_pdbx_database_related.db_name 
_pdbx_database_related.db_id 
_pdbx_database_related.details 
_pdbx_database_related.content_type 
PDB 1RNV 'Control structure for this study, RNase S15.' unspecified 
PDB 1D5D 'RELATED STUDY'                                unspecified 
PDB 1D5E 'RELATED STUDY'                                unspecified 
# 
loop_
_audit_author.name 
_audit_author.pdbx_ordinal 
'Ratnaparkhi, G.S.' 1 
'Varadarajan, R.'   2 
# 
loop_
_citation.id 
_citation.title 
_citation.journal_abbrev 
_citation.journal_volume 
_citation.page_first 
_citation.page_last 
_citation.year 
_citation.journal_id_ASTM 
_citation.country 
_citation.journal_id_ISSN 
_citation.journal_id_CSD 
_citation.book_publisher 
_citation.pdbx_database_id_PubMed 
_citation.pdbx_database_id_DOI 
primary 
;Thermodynamic and structural studies of cavity formation in proteins suggest that loss of packing interactions rather than the hydrophobic effect dominates the observed energetics.
;
Biochemistry                      39 12365 12374 2000 BICHAW US 0006-2960 0033 ? 11015216 10.1021/bi000775k 
1       'X-ray crystallographic studies of the denaturation of ribonuclease S' 'Proteins: Struct.,Funct.,Genet.' 36 282   294   
1999 PSFGEY US 0887-3585 0867 ? ?        '10.1002/(SICI)1097-0134(19990815)36:3<282::AID-PROT3>3.3.CO;2-6' 
2       'Crystallographic structures of ribonuclease S variants with nonpolar substitution at position 13: packing and cavities' 
Biochemistry                      31 12315 12327 1992 BICHAW US 0006-2960 0033 ? ?        ? 
3       
'Thermodynamic and structural consequences of changing a sulfur atom to a methylene group in the M13Nle mutation in ribonuclease-S' 
Biochemistry                      33 8587  8593  1994 BICHAW US 0006-2960 0033 ? ?        ? 
# 
loop_
_citation_author.citation_id 
_citation_author.name 
_citation_author.ordinal 
_citation_author.identifier_ORCID 
primary 'Ratnaparkhi, G.S.' 1  ? 
primary 'Varadarajan, R.'   2  ? 
1       'Ratnaparkhi, G.S.' 3  ? 
1       'Varadarajan, R.'   4  ? 
2       'Varadarajan, R.'   5  ? 
2       'Richards, F.M.'    6  ? 
3       'Thomson, J.'       7  ? 
3       'Ratnaparkhi, G.S.' 8  ? 
3       'Varadarajan, R.'   9  ? 
3       'Sturtevant, J.M.'  10 ? 
3       'Richards, F.M.'    11 ? 
# 
loop_
_entity.id 
_entity.type 
_entity.src_method 
_entity.pdbx_description 
_entity.formula_weight 
_entity.pdbx_number_of_molecules 
_entity.pdbx_ec 
_entity.pdbx_mutation 
_entity.pdbx_fragment 
_entity.details 
1 polymer     syn 'S PEPTIDE'   1675.863  1  ? F8A 'RESIDUES 1-15'   SYNTHETIC 
2 polymer     nat 'RNASE S'     11294.749 1  ? ?   'RESIDUES 24-124' ?         
3 non-polymer syn 'SULFATE ION' 96.063    1  ? ?   ?                 ?         
4 water       nat water         18.015    35 ? ?   ?                 ?         
# 
loop_
_entity_poly.entity_id 
_entity_poly.type 
_entity_poly.nstd_linkage 
_entity_poly.nstd_monomer 
_entity_poly.pdbx_seq_one_letter_code 
_entity_poly.pdbx_seq_one_letter_code_can 
_entity_poly.pdbx_strand_id 
_entity_poly.pdbx_target_identifier 
1 'polypeptide(L)' no yes 'KETAAAKAERQHMD(SET)'                                                                                    
KETAAAKAERQHMDS                                                                                          A ? 
2 'polypeptide(L)' no no  
;NYCNQMMKSRNLTKDRCKPVNTFVHESLADVQAVCSQKNVACKNGQTNCYQSYSTMSITDCRETGSSKYPNCAYKTTQAN
KHIIVACEGNPYVPVHFDASV
;
;NYCNQMMKSRNLTKDRCKPVNTFVHESLADVQAVCSQKNVACKNGQTNCYQSYSTMSITDCRETGSSKYPNCAYKTTQAN
KHIIVACEGNPYVPVHFDASV
;
B ? 
# 
loop_
_pdbx_entity_nonpoly.entity_id 
_pdbx_entity_nonpoly.name 
_pdbx_entity_nonpoly.comp_id 
3 'SULFATE ION' SO4 
4 water         HOH 
# 
loop_
_entity_poly_seq.entity_id 
_entity_poly_seq.num 
_entity_poly_seq.mon_id 
_entity_poly_seq.hetero 
1 1   LYS n 
1 2   GLU n 
1 3   THR n 
1 4   ALA n 
1 5   ALA n 
1 6   ALA n 
1 7   LYS n 
1 8   ALA n 
1 9   GLU n 
1 10  ARG n 
1 11  GLN n 
1 12  HIS n 
1 13  MET n 
1 14  ASP n 
1 15  SET n 
2 1   ASN n 
2 2   TYR n 
2 3   CYS n 
2 4   ASN n 
2 5   GLN n 
2 6   MET n 
2 7   MET n 
2 8   LYS n 
2 9   SER n 
2 10  ARG n 
2 11  ASN n 
2 12  LEU n 
2 13  THR n 
2 14  LYS n 
2 15  ASP n 
2 16  ARG n 
2 17  CYS n 
2 18  LYS n 
2 19  PRO n 
2 20  VAL n 
2 21  ASN n 
2 22  THR n 
2 23  PHE n 
2 24  VAL n 
2 25  HIS n 
2 26  GLU n 
2 27  SER n 
2 28  LEU n 
2 29  ALA n 
2 30  ASP n 
2 31  VAL n 
2 32  GLN n 
2 33  ALA n 
2 34  VAL n 
2 35  CYS n 
2 36  SER n 
2 37  GLN n 
2 38  LYS n 
2 39  ASN n 
2 40  VAL n 
2 41  ALA n 
2 42  CYS n 
2 43  LYS n 
2 44  ASN n 
2 45  GLY n 
2 46  GLN n 
2 47  THR n 
2 48  ASN n 
2 49  CYS n 
2 50  TYR n 
2 51  GLN n 
2 52  SER n 
2 53  TYR n 
2 54  SER n 
2 55  THR n 
2 56  MET n 
2 57  SER n 
2 58  ILE n 
2 59  THR n 
2 60  ASP n 
2 61  CYS n 
2 62  ARG n 
2 63  GLU n 
2 64  THR n 
2 65  GLY n 
2 66  SER n 
2 67  SER n 
2 68  LYS n 
2 69  TYR n 
2 70  PRO n 
2 71  ASN n 
2 72  CYS n 
2 73  ALA n 
2 74  TYR n 
2 75  LYS n 
2 76  THR n 
2 77  THR n 
2 78  GLN n 
2 79  ALA n 
2 80  ASN n 
2 81  LYS n 
2 82  HIS n 
2 83  ILE n 
2 84  ILE n 
2 85  VAL n 
2 86  ALA n 
2 87  CYS n 
2 88  GLU n 
2 89  GLY n 
2 90  ASN n 
2 91  PRO n 
2 92  TYR n 
2 93  VAL n 
2 94  PRO n 
2 95  VAL n 
2 96  HIS n 
2 97  PHE n 
2 98  ASP n 
2 99  ALA n 
2 100 SER n 
2 101 VAL n 
# 
_entity_src_nat.entity_id                  2 
_entity_src_nat.pdbx_src_id                1 
_entity_src_nat.pdbx_alt_source_flag       sample 
_entity_src_nat.pdbx_beg_seq_num           ? 
_entity_src_nat.pdbx_end_seq_num           ? 
_entity_src_nat.common_name                cattle 
_entity_src_nat.pdbx_organism_scientific   'Bos taurus' 
_entity_src_nat.pdbx_ncbi_taxonomy_id      9913 
_entity_src_nat.genus                      Bos 
_entity_src_nat.species                    ? 
_entity_src_nat.strain                     ? 
_entity_src_nat.tissue                     ? 
_entity_src_nat.tissue_fraction            ? 
_entity_src_nat.pdbx_secretion             ? 
_entity_src_nat.pdbx_fragment              ? 
_entity_src_nat.pdbx_variant               ? 
_entity_src_nat.pdbx_cell_line             ? 
_entity_src_nat.pdbx_atcc                  ? 
_entity_src_nat.pdbx_cellular_location     ? 
_entity_src_nat.pdbx_organ                 ? 
_entity_src_nat.pdbx_organelle             ? 
_entity_src_nat.pdbx_cell                  ? 
_entity_src_nat.pdbx_plasmid_name          ? 
_entity_src_nat.pdbx_plasmid_details       ? 
_entity_src_nat.details                    'DERIEVED FROM A LIMIT DIGEST OF BOVINE PANCREATIC RNASE A' 
# 
_pdbx_entity_src_syn.entity_id              1 
_pdbx_entity_src_syn.pdbx_src_id            1 
_pdbx_entity_src_syn.pdbx_alt_source_flag   sample 
_pdbx_entity_src_syn.pdbx_beg_seq_num       ? 
_pdbx_entity_src_syn.pdbx_end_seq_num       ? 
_pdbx_entity_src_syn.organism_scientific    ? 
_pdbx_entity_src_syn.organism_common_name   ? 
_pdbx_entity_src_syn.ncbi_taxonomy_id       ? 
_pdbx_entity_src_syn.details                'S15 peptide synthesized by solid phase peptide synthesis' 
# 
loop_
_chem_comp.id 
_chem_comp.type 
_chem_comp.mon_nstd_flag 
_chem_comp.name 
_chem_comp.pdbx_synonyms 
_chem_comp.formula 
_chem_comp.formula_weight 
ALA 'L-peptide linking' y ALANINE         ? 'C3 H7 N O2'     89.093  
ARG 'L-peptide linking' y ARGININE        ? 'C6 H15 N4 O2 1' 175.209 
ASN 'L-peptide linking' y ASPARAGINE      ? 'C4 H8 N2 O3'    132.118 
ASP 'L-peptide linking' y 'ASPARTIC ACID' ? 'C4 H7 N O4'     133.103 
CYS 'L-peptide linking' y CYSTEINE        ? 'C3 H7 N O2 S'   121.158 
GLN 'L-peptide linking' y GLUTAMINE       ? 'C5 H10 N2 O3'   146.144 
GLU 'L-peptide linking' y 'GLUTAMIC ACID' ? 'C5 H9 N O4'     147.129 
GLY 'peptide linking'   y GLYCINE         ? 'C2 H5 N O2'     75.067  
HIS 'L-peptide linking' y HISTIDINE       ? 'C6 H10 N3 O2 1' 156.162 
HOH non-polymer         . WATER           ? 'H2 O'           18.015  
ILE 'L-peptide linking' y ISOLEUCINE      ? 'C6 H13 N O2'    131.173 
LEU 'L-peptide linking' y LEUCINE         ? 'C6 H13 N O2'    131.173 
LYS 'L-peptide linking' y LYSINE          ? 'C6 H15 N2 O2 1' 147.195 
MET 'L-peptide linking' y METHIONINE      ? 'C5 H11 N O2 S'  149.211 
PHE 'L-peptide linking' y PHENYLALANINE   ? 'C9 H11 N O2'    165.189 
PRO 'L-peptide linking' y PROLINE         ? 'C5 H9 N O2'     115.130 
SER 'L-peptide linking' y SERINE          ? 'C3 H7 N O3'     105.093 
SET 'L-peptide linking' n AMINOSERINE     ? 'C3 H8 N2 O2'    104.108 
SO4 non-polymer         . 'SULFATE ION'   ? 'O4 S -2'        96.063  
THR 'L-peptide linking' y THREONINE       ? 'C4 H9 N O3'     119.119 
TYR 'L-peptide linking' y TYROSINE        ? 'C9 H11 N O3'    181.189 
VAL 'L-peptide linking' y VALINE          ? 'C5 H11 N O2'    117.146 
# 
loop_
_pdbx_poly_seq_scheme.asym_id 
_pdbx_poly_seq_scheme.entity_id 
_pdbx_poly_seq_scheme.seq_id 
_pdbx_poly_seq_scheme.mon_id 
_pdbx_poly_seq_scheme.ndb_seq_num 
_pdbx_poly_seq_scheme.pdb_seq_num 
_pdbx_poly_seq_scheme.auth_seq_num 
_pdbx_poly_seq_scheme.pdb_mon_id 
_pdbx_poly_seq_scheme.auth_mon_id 
_pdbx_poly_seq_scheme.pdb_strand_id 
_pdbx_poly_seq_scheme.pdb_ins_code 
_pdbx_poly_seq_scheme.hetero 
A 1 1   LYS 1   1   1   LYS LYS A . n 
A 1 2   GLU 2   2   2   GLU GLU A . n 
A 1 3   THR 3   3   3   THR THR A . n 
A 1 4   ALA 4   4   4   ALA ALA A . n 
A 1 5   ALA 5   5   5   ALA ALA A . n 
A 1 6   ALA 6   6   6   ALA ALA A . n 
A 1 7   LYS 7   7   7   LYS LYS A . n 
A 1 8   ALA 8   8   8   ALA ALA A . n 
A 1 9   GLU 9   9   9   GLU GLU A . n 
A 1 10  ARG 10  10  10  ARG ARG A . n 
A 1 11  GLN 11  11  11  GLN GLN A . n 
A 1 12  HIS 12  12  12  HIS HIS A . n 
A 1 13  MET 13  13  13  MET MET A . n 
A 1 14  ASP 14  14  14  ASP ASP A . n 
A 1 15  SET 15  15  15  SET SET A . n 
B 2 1   ASN 1   24  24  ASN ASN B . n 
B 2 2   TYR 2   25  25  TYR TYR B . n 
B 2 3   CYS 3   26  26  CYS CYS B . n 
B 2 4   ASN 4   27  27  ASN ASN B . n 
B 2 5   GLN 5   28  28  GLN GLN B . n 
B 2 6   MET 6   29  29  MET MET B . n 
B 2 7   MET 7   30  30  MET MET B . n 
B 2 8   LYS 8   31  31  LYS LYS B . n 
B 2 9   SER 9   32  32  SER SER B . n 
B 2 10  ARG 10  33  33  ARG ARG B . n 
B 2 11  ASN 11  34  34  ASN ASN B . n 
B 2 12  LEU 12  35  35  LEU LEU B . n 
B 2 13  THR 13  36  36  THR THR B . n 
B 2 14  LYS 14  37  37  LYS LYS B . n 
B 2 15  ASP 15  38  38  ASP ASP B . n 
B 2 16  ARG 16  39  39  ARG ARG B . n 
B 2 17  CYS 17  40  40  CYS CYS B . n 
B 2 18  LYS 18  41  41  LYS LYS B . n 
B 2 19  PRO 19  42  42  PRO PRO B . n 
B 2 20  VAL 20  43  43  VAL VAL B . n 
B 2 21  ASN 21  44  44  ASN ASN B . n 
B 2 22  THR 22  45  45  THR THR B . n 
B 2 23  PHE 23  46  46  PHE PHE B . n 
B 2 24  VAL 24  47  47  VAL VAL B . n 
B 2 25  HIS 25  48  48  HIS HIS B . n 
B 2 26  GLU 26  49  49  GLU GLU B . n 
B 2 27  SER 27  50  50  SER SER B . n 
B 2 28  LEU 28  51  51  LEU LEU B . n 
B 2 29  ALA 29  52  52  ALA ALA B . n 
B 2 30  ASP 30  53  53  ASP ASP B . n 
B 2 31  VAL 31  54  54  VAL VAL B . n 
B 2 32  GLN 32  55  55  GLN GLN B . n 
B 2 33  ALA 33  56  56  ALA ALA B . n 
B 2 34  VAL 34  57  57  VAL VAL B . n 
B 2 35  CYS 35  58  58  CYS CYS B . n 
B 2 36  SER 36  59  59  SER SER B . n 
B 2 37  GLN 37  60  60  GLN GLN B . n 
B 2 38  LYS 38  61  61  LYS LYS B . n 
B 2 39  ASN 39  62  62  ASN ASN B . n 
B 2 40  VAL 40  63  63  VAL VAL B . n 
B 2 41  ALA 41  64  64  ALA ALA B . n 
B 2 42  CYS 42  65  65  CYS CYS B . n 
B 2 43  LYS 43  66  66  LYS LYS B . n 
B 2 44  ASN 44  67  67  ASN ASN B . n 
B 2 45  GLY 45  68  68  GLY GLY B . n 
B 2 46  GLN 46  69  69  GLN GLN B . n 
B 2 47  THR 47  70  70  THR THR B . n 
B 2 48  ASN 48  71  71  ASN ASN B . n 
B 2 49  CYS 49  72  72  CYS CYS B . n 
B 2 50  TYR 50  73  73  TYR TYR B . n 
B 2 51  GLN 51  74  74  GLN GLN B . n 
B 2 52  SER 52  75  75  SER SER B . n 
B 2 53  TYR 53  76  76  TYR TYR B . n 
B 2 54  SER 54  77  77  SER SER B . n 
B 2 55  THR 55  78  78  THR THR B . n 
B 2 56  MET 56  79  79  MET MET B . n 
B 2 57  SER 57  80  80  SER SER B . n 
B 2 58  ILE 58  81  81  ILE ILE B . n 
B 2 59  THR 59  82  82  THR THR B . n 
B 2 60  ASP 60  83  83  ASP ASP B . n 
B 2 61  CYS 61  84  84  CYS CYS B . n 
B 2 62  ARG 62  85  85  ARG ARG B . n 
B 2 63  GLU 63  86  86  GLU GLU B . n 
B 2 64  THR 64  87  87  THR THR B . n 
B 2 65  GLY 65  88  88  GLY GLY B . n 
B 2 66  SER 66  89  89  SER SER B . n 
B 2 67  SER 67  90  90  SER SER B . n 
B 2 68  LYS 68  91  91  LYS LYS B . n 
B 2 69  TYR 69  92  92  TYR TYR B . n 
B 2 70  PRO 70  93  93  PRO PRO B . n 
B 2 71  ASN 71  94  94  ASN ASN B . n 
B 2 72  CYS 72  95  95  CYS CYS B . n 
B 2 73  ALA 73  96  96  ALA ALA B . n 
B 2 74  TYR 74  97  97  TYR TYR B . n 
B 2 75  LYS 75  98  98  LYS LYS B . n 
B 2 76  THR 76  99  99  THR THR B . n 
B 2 77  THR 77  100 100 THR THR B . n 
B 2 78  GLN 78  101 101 GLN GLN B . n 
B 2 79  ALA 79  102 102 ALA ALA B . n 
B 2 80  ASN 80  103 103 ASN ASN B . n 
B 2 81  LYS 81  104 104 LYS LYS B . n 
B 2 82  HIS 82  105 105 HIS HIS B . n 
B 2 83  ILE 83  106 106 ILE ILE B . n 
B 2 84  ILE 84  107 107 ILE ILE B . n 
B 2 85  VAL 85  108 108 VAL VAL B . n 
B 2 86  ALA 86  109 109 ALA ALA B . n 
B 2 87  CYS 87  110 110 CYS CYS B . n 
B 2 88  GLU 88  111 111 GLU GLU B . n 
B 2 89  GLY 89  112 112 GLY GLY B . n 
B 2 90  ASN 90  113 113 ASN ASN B . n 
B 2 91  PRO 91  114 114 PRO PRO B . n 
B 2 92  TYR 92  115 115 TYR TYR B . n 
B 2 93  VAL 93  116 116 VAL VAL B . n 
B 2 94  PRO 94  117 117 PRO PRO B . n 
B 2 95  VAL 95  118 118 VAL VAL B . n 
B 2 96  HIS 96  119 119 HIS HIS B . n 
B 2 97  PHE 97  120 120 PHE PHE B . n 
B 2 98  ASP 98  121 121 ASP ASP B . n 
B 2 99  ALA 99  122 122 ALA ALA B . n 
B 2 100 SER 100 123 123 SER SER B . n 
B 2 101 VAL 101 124 124 VAL VAL B . n 
# 
loop_
_pdbx_nonpoly_scheme.asym_id 
_pdbx_nonpoly_scheme.entity_id 
_pdbx_nonpoly_scheme.mon_id 
_pdbx_nonpoly_scheme.ndb_seq_num 
_pdbx_nonpoly_scheme.pdb_seq_num 
_pdbx_nonpoly_scheme.auth_seq_num 
_pdbx_nonpoly_scheme.pdb_mon_id 
_pdbx_nonpoly_scheme.auth_mon_id 
_pdbx_nonpoly_scheme.pdb_strand_id 
_pdbx_nonpoly_scheme.pdb_ins_code 
C 3 SO4 1  125 125 SO4 SO4 B . 
D 4 HOH 1  202 202 HOH HOH A . 
D 4 HOH 2  218 218 HOH HOH A . 
D 4 HOH 3  227 227 HOH HOH A . 
D 4 HOH 4  236 236 HOH HOH A . 
D 4 HOH 5  245 245 HOH HOH A . 
D 4 HOH 6  247 247 HOH HOH A . 
E 4 HOH 1  201 201 HOH HOH B . 
E 4 HOH 2  203 203 HOH HOH B . 
E 4 HOH 3  205 205 HOH HOH B . 
E 4 HOH 4  207 207 HOH HOH B . 
E 4 HOH 5  208 208 HOH HOH B . 
E 4 HOH 6  209 209 HOH HOH B . 
E 4 HOH 7  210 210 HOH HOH B . 
E 4 HOH 8  211 211 HOH HOH B . 
E 4 HOH 9  212 212 HOH HOH B . 
E 4 HOH 10 213 213 HOH HOH B . 
E 4 HOH 11 214 214 HOH HOH B . 
E 4 HOH 12 215 215 HOH HOH B . 
E 4 HOH 13 216 216 HOH HOH B . 
E 4 HOH 14 217 217 HOH HOH B . 
E 4 HOH 15 219 219 HOH HOH B . 
E 4 HOH 16 221 221 HOH HOH B . 
E 4 HOH 17 222 222 HOH HOH B . 
E 4 HOH 18 226 226 HOH HOH B . 
E 4 HOH 19 228 228 HOH HOH B . 
E 4 HOH 20 237 237 HOH HOH B . 
E 4 HOH 21 241 241 HOH HOH B . 
E 4 HOH 22 243 243 HOH HOH B . 
E 4 HOH 23 248 248 HOH HOH B . 
E 4 HOH 24 252 252 HOH HOH B . 
E 4 HOH 25 255 255 HOH HOH B . 
E 4 HOH 26 257 257 HOH HOH B . 
E 4 HOH 27 259 259 HOH HOH B . 
E 4 HOH 28 260 260 HOH HOH B . 
E 4 HOH 29 262 262 HOH HOH B . 
# 
loop_
_software.name 
_software.classification 
_software.version 
_software.citation_id 
_software.pdbx_ordinal 
X-GEN  'data scaling'   .     ? 1 
X-GEN  'data reduction' .     ? 2 
X-PLOR 'model building' .     ? 3 
X-PLOR refinement       3.851 ? 4 
X-PLOR phasing          .     ? 5 
# 
_cell.entry_id           1D5H 
_cell.length_a           44.710 
_cell.length_b           44.710 
_cell.length_c           97.520 
_cell.angle_alpha        90.00 
_cell.angle_beta         90.00 
_cell.angle_gamma        120.00 
_cell.Z_PDB              6 
_cell.pdbx_unique_axis   ? 
_cell.length_a_esd       ? 
_cell.length_b_esd       ? 
_cell.length_c_esd       ? 
_cell.angle_alpha_esd    ? 
_cell.angle_beta_esd     ? 
_cell.angle_gamma_esd    ? 
# 
_symmetry.entry_id                         1D5H 
_symmetry.space_group_name_H-M             'P 31 2 1' 
_symmetry.pdbx_full_space_group_name_H-M   ? 
_symmetry.cell_setting                     ? 
_symmetry.Int_Tables_number                152 
_symmetry.space_group_name_Hall            ? 
# 
_exptl.entry_id          1D5H 
_exptl.method            'X-RAY DIFFRACTION' 
_exptl.crystals_number   1 
# 
_exptl_crystal.id                    1 
_exptl_crystal.density_meas          ? 
_exptl_crystal.density_Matthews      2.17 
_exptl_crystal.density_percent_sol   43.28 
_exptl_crystal.description           ? 
_exptl_crystal.F_000                 ? 
_exptl_crystal.preparation           ? 
# 
_exptl_crystal_grow.crystal_id      1 
_exptl_crystal_grow.method          'VAPOR DIFFUSION, SITTING DROP' 
_exptl_crystal_grow.temp            293.0 
_exptl_crystal_grow.temp_details    ? 
_exptl_crystal_grow.pH              5.75 
_exptl_crystal_grow.pdbx_details    
'3M CsCl, 35% Ammonium Sulfate. 0.1 M Sodium Acetate, pH 5.75, VAPOR DIFFUSION, SITTING DROP, temperature 20K' 
_exptl_crystal_grow.pdbx_pH_range   . 
# 
_diffrn.id                     1 
_diffrn.ambient_temp           293 
_diffrn.ambient_temp_details   ? 
_diffrn.crystal_id             1 
# 
_diffrn_detector.diffrn_id              1 
_diffrn_detector.detector               'AREA DETECTOR' 
_diffrn_detector.type                   XENTRONICS 
_diffrn_detector.pdbx_collection_date   1994-03-08 
_diffrn_detector.details                ? 
# 
_diffrn_radiation.diffrn_id                        1 
_diffrn_radiation.wavelength_id                    1 
_diffrn_radiation.pdbx_monochromatic_or_laue_m_l   M 
_diffrn_radiation.monochromator                    ? 
_diffrn_radiation.pdbx_diffrn_protocol             'SINGLE WAVELENGTH' 
_diffrn_radiation.pdbx_scattering_type             x-ray 
# 
_diffrn_radiation_wavelength.id           1 
_diffrn_radiation_wavelength.wavelength   1.5418 
_diffrn_radiation_wavelength.wt           1.0 
# 
_diffrn_source.diffrn_id                   1 
_diffrn_source.source                      'ROTATING ANODE' 
_diffrn_source.type                        RIGAKU 
_diffrn_source.pdbx_synchrotron_site       ? 
_diffrn_source.pdbx_synchrotron_beamline   ? 
_diffrn_source.pdbx_wavelength             1.5418 
_diffrn_source.pdbx_wavelength_list        ? 
# 
_reflns.entry_id                     1D5H 
_reflns.observed_criterion_sigma_I   1 
_reflns.observed_criterion_sigma_F   1 
_reflns.d_resolution_low             10 
_reflns.d_resolution_high            2.2 
_reflns.number_obs                   5328 
_reflns.number_all                   ? 
_reflns.percent_possible_obs         95 
_reflns.pdbx_Rmerge_I_obs            0.06 
_reflns.pdbx_Rsym_value              ? 
_reflns.pdbx_netI_over_sigmaI        13.0 
_reflns.B_iso_Wilson_estimate        22.3 
_reflns.pdbx_redundancy              2.5 
_reflns.R_free_details               ? 
_reflns.limit_h_max                  ? 
_reflns.limit_h_min                  ? 
_reflns.limit_k_max                  ? 
_reflns.limit_k_min                  ? 
_reflns.limit_l_max                  ? 
_reflns.limit_l_min                  ? 
_reflns.observed_criterion_F_max     ? 
_reflns.observed_criterion_F_min     ? 
_reflns.pdbx_chi_squared             ? 
_reflns.pdbx_scaling_rejects         ? 
_reflns.pdbx_ordinal                 1 
_reflns.pdbx_diffrn_id               1 
# 
_reflns_shell.d_res_high             2.25 
_reflns_shell.d_res_low              2.37 
_reflns_shell.percent_possible_all   70 
_reflns_shell.Rmerge_I_obs           0.3 
_reflns_shell.pdbx_Rsym_value        ? 
_reflns_shell.meanI_over_sigI_obs    ? 
_reflns_shell.pdbx_redundancy        ? 
_reflns_shell.percent_possible_obs   ? 
_reflns_shell.number_unique_all      504 
_reflns_shell.number_measured_all    ? 
_reflns_shell.number_measured_obs    ? 
_reflns_shell.number_unique_obs      ? 
_reflns_shell.pdbx_chi_squared       ? 
_reflns_shell.pdbx_ordinal           1 
_reflns_shell.pdbx_diffrn_id         1 
# 
_refine.entry_id                                 1D5H 
_refine.ls_number_reflns_obs                     5238 
_refine.ls_number_reflns_all                     ? 
_refine.pdbx_ls_sigma_I                          ? 
_refine.pdbx_ls_sigma_F                          1.0 
_refine.pdbx_data_cutoff_high_absF               10000000.00 
_refine.pdbx_data_cutoff_low_absF                .00 
_refine.ls_d_res_low                             10.00 
_refine.ls_d_res_high                            2.25 
_refine.ls_percent_reflns_obs                    92.3 
_refine.ls_R_factor_obs                          0.21 
_refine.ls_R_factor_all                          0.21 
_refine.ls_R_factor_R_work                       0.21 
_refine.ls_R_factor_R_free                       0.257 
_refine.ls_R_factor_R_free_error                 .012 
_refine.ls_R_factor_R_free_error_details         ? 
_refine.ls_percent_reflns_R_free                 10.6 
_refine.ls_number_reflns_R_free                  557 
_refine.ls_number_parameters                     ? 
_refine.ls_number_restraints                     ? 
_refine.occupancy_min                            ? 
_refine.occupancy_max                            ? 
_refine.B_iso_mean                               13.9 
_refine.aniso_B[1][1]                            .00 
_refine.aniso_B[2][2]                            .00 
_refine.aniso_B[3][3]                            .00 
_refine.aniso_B[1][2]                            .00 
_refine.aniso_B[1][3]                            .00 
_refine.aniso_B[2][3]                            .00 
_refine.solvent_model_details                    ? 
_refine.solvent_model_param_ksol                 ? 
_refine.solvent_model_param_bsol                 ? 
_refine.pdbx_ls_cross_valid_method               THROUGHOUT 
_refine.details                                  NA 
_refine.pdbx_starting_model                      ? 
_refine.pdbx_method_to_determine_struct          ? 
_refine.pdbx_isotropic_thermal_model             RESTRAINED 
_refine.pdbx_stereochemistry_target_values       NA 
_refine.pdbx_stereochem_target_val_spec_case     ? 
_refine.pdbx_R_Free_selection_details            RANDOM 
_refine.pdbx_overall_ESU_R_Free                  ? 
_refine.overall_SU_B                             ? 
_refine.ls_redundancy_reflns_obs                 ? 
_refine.overall_SU_ML                            ? 
_refine.pdbx_overall_ESU_R                       ? 
_refine.pdbx_data_cutoff_high_rms_absF           ? 
_refine.B_iso_min                                ? 
_refine.B_iso_max                                ? 
_refine.correlation_coeff_Fo_to_Fc               ? 
_refine.correlation_coeff_Fo_to_Fc_free          ? 
_refine.pdbx_solvent_vdw_probe_radii             ? 
_refine.pdbx_solvent_ion_probe_radii             ? 
_refine.pdbx_solvent_shrinkage_radii             ? 
_refine.overall_SU_R_Cruickshank_DPI             ? 
_refine.overall_SU_R_free                        ? 
_refine.ls_wR_factor_R_free                      ? 
_refine.ls_wR_factor_R_work                      ? 
_refine.overall_FOM_free_R_set                   ? 
_refine.overall_FOM_work_R_set                   ? 
_refine.pdbx_overall_phase_error                 ? 
_refine.pdbx_refine_id                           'X-RAY DIFFRACTION' 
_refine.pdbx_diffrn_id                           1 
_refine.pdbx_TLS_residual_ADP_flag               ? 
_refine.pdbx_overall_SU_R_free_Cruickshank_DPI   ? 
_refine.pdbx_overall_SU_R_Blow_DPI               ? 
_refine.pdbx_overall_SU_R_free_Blow_DPI          ? 
# 
_refine_analyze.entry_id                        1D5H 
_refine_analyze.Luzzati_coordinate_error_obs    .30 
_refine_analyze.Luzzati_sigma_a_obs             .28 
_refine_analyze.Luzzati_d_res_low_obs           3.80 
_refine_analyze.Luzzati_coordinate_error_free   .34 
_refine_analyze.Luzzati_sigma_a_free            .35 
_refine_analyze.Luzzati_d_res_low_free          ? 
_refine_analyze.number_disordered_residues      ? 
_refine_analyze.occupancy_sum_hydrogen          ? 
_refine_analyze.occupancy_sum_non_hydrogen      ? 
_refine_analyze.pdbx_Luzzati_d_res_high_obs     ? 
_refine_analyze.pdbx_refine_id                  'X-RAY DIFFRACTION' 
# 
_refine_hist.pdbx_refine_id                   'X-RAY DIFFRACTION' 
_refine_hist.cycle_id                         LAST 
_refine_hist.pdbx_number_atoms_protein        899 
_refine_hist.pdbx_number_atoms_nucleic_acid   0 
_refine_hist.pdbx_number_atoms_ligand         5 
_refine_hist.number_atoms_solvent             35 
_refine_hist.number_atoms_total               939 
_refine_hist.d_res_high                       2.25 
_refine_hist.d_res_low                        10.00 
# 
loop_
_refine_ls_restr.type 
_refine_ls_restr.dev_ideal 
_refine_ls_restr.dev_ideal_target 
_refine_ls_restr.weight 
_refine_ls_restr.number 
_refine_ls_restr.pdbx_refine_id 
_refine_ls_restr.pdbx_restraint_function 
x_bond_d           .028 ?    ? ? 'X-RAY DIFFRACTION' ? 
x_angle_deg        2.8  ?    ? ? 'X-RAY DIFFRACTION' ? 
x_dihedral_angle_d 25.2 ?    ? ? 'X-RAY DIFFRACTION' ? 
x_improper_angle_d 6.50 ?    ? ? 'X-RAY DIFFRACTION' ? 
x_mcbond_it        1.82 1.50 ? ? 'X-RAY DIFFRACTION' ? 
x_mcangle_it       2.87 2.00 ? ? 'X-RAY DIFFRACTION' ? 
x_scbond_it        5.62 2.00 ? ? 'X-RAY DIFFRACTION' ? 
x_scangle_it       9.64 2.50 ? ? 'X-RAY DIFFRACTION' ? 
# 
_refine_ls_shell.pdbx_total_number_of_bins_used   7 
_refine_ls_shell.d_res_high                       2.25 
_refine_ls_shell.d_res_low                        2.37 
_refine_ls_shell.number_reflns_R_work             504 
_refine_ls_shell.R_factor_R_work                  0.305 
_refine_ls_shell.percent_reflns_obs               69.8 
_refine_ls_shell.R_factor_R_free                  0.385 
_refine_ls_shell.R_factor_R_free_error            .049 
_refine_ls_shell.percent_reflns_R_free            11.0 
_refine_ls_shell.number_reflns_R_free             62 
_refine_ls_shell.redundancy_reflns_obs            ? 
_refine_ls_shell.number_reflns_all                ? 
_refine_ls_shell.number_reflns_obs                ? 
_refine_ls_shell.R_factor_all                     ? 
_refine_ls_shell.pdbx_refine_id                   'X-RAY DIFFRACTION' 
# 
loop_
_pdbx_xplor_file.serial_no 
_pdbx_xplor_file.param_file 
_pdbx_xplor_file.topol_file 
_pdbx_xplor_file.pdbx_refine_id 
1 PARHCSDX_RV.PRO TOPHCSDX.PRO    'X-RAY DIFFRACTION' 
2 PARAM19.SOL     TOPH.SO4        'X-RAY DIFFRACTION' 
3 ?               TOPH19X_WAT.PRO 'X-RAY DIFFRACTION' 
# 
_struct.entry_id                  1D5H 
_struct.title                     'Rnase s(f8a). mutant ribonucleasE S.' 
_struct.pdbx_model_details        ? 
_struct.pdbx_CASP_flag            ? 
_struct.pdbx_model_type_details   ? 
# 
_struct_keywords.entry_id        1D5H 
_struct_keywords.pdbx_keywords   HYDROLASE 
_struct_keywords.text            'RNASE S MUTANT F8A CAVITY S PROTEIN S PEPTIDE, HYDROLASE' 
# 
loop_
_struct_asym.id 
_struct_asym.pdbx_blank_PDB_chainid_flag 
_struct_asym.pdbx_modified 
_struct_asym.entity_id 
_struct_asym.details 
A N N 1 ? 
B N N 2 ? 
C N N 3 ? 
D N N 4 ? 
E N N 4 ? 
# 
loop_
_struct_ref.id 
_struct_ref.db_name 
_struct_ref.db_code 
_struct_ref.entity_id 
_struct_ref.pdbx_db_accession 
_struct_ref.pdbx_align_begin 
_struct_ref.pdbx_seq_one_letter_code 
_struct_ref.pdbx_db_isoform 
1 UNP RNAS1_BOVIN 1 P61823 ? ? ? 
2 UNP RNP_BOVIN   2 P00656 ? ? ? 
# 
loop_
_struct_ref_seq.align_id 
_struct_ref_seq.ref_id 
_struct_ref_seq.pdbx_PDB_id_code 
_struct_ref_seq.pdbx_strand_id 
_struct_ref_seq.seq_align_beg 
_struct_ref_seq.pdbx_seq_align_beg_ins_code 
_struct_ref_seq.seq_align_end 
_struct_ref_seq.pdbx_seq_align_end_ins_code 
_struct_ref_seq.pdbx_db_accession 
_struct_ref_seq.db_align_beg 
_struct_ref_seq.pdbx_db_align_beg_ins_code 
_struct_ref_seq.db_align_end 
_struct_ref_seq.pdbx_db_align_end_ins_code 
_struct_ref_seq.pdbx_auth_seq_align_beg 
_struct_ref_seq.pdbx_auth_seq_align_end 
1 1 1D5H A 1 ? 15  ? P61823 1  ? 15  ? 1  15  
2 2 1D5H B 1 ? 101 ? P00656 50 ? 150 ? 24 124 
# 
_struct_ref_seq_dif.align_id                     1 
_struct_ref_seq_dif.pdbx_pdb_id_code             1D5H 
_struct_ref_seq_dif.mon_id                       ALA 
_struct_ref_seq_dif.pdbx_pdb_strand_id           A 
_struct_ref_seq_dif.seq_num                      8 
_struct_ref_seq_dif.pdbx_pdb_ins_code            ? 
_struct_ref_seq_dif.pdbx_seq_db_name             UNP 
_struct_ref_seq_dif.pdbx_seq_db_accession_code   P61823 
_struct_ref_seq_dif.db_mon_id                    PHE 
_struct_ref_seq_dif.pdbx_seq_db_seq_num          8 
_struct_ref_seq_dif.details                      'engineered mutation' 
_struct_ref_seq_dif.pdbx_auth_seq_num            8 
_struct_ref_seq_dif.pdbx_ordinal                 1 
# 
_pdbx_struct_assembly.id                   1 
_pdbx_struct_assembly.details              author_and_software_defined_assembly 
_pdbx_struct_assembly.method_details       PISA 
_pdbx_struct_assembly.oligomeric_details   dimeric 
_pdbx_struct_assembly.oligomeric_count     2 
# 
loop_
_pdbx_struct_assembly_prop.biol_id 
_pdbx_struct_assembly_prop.type 
_pdbx_struct_assembly_prop.value 
_pdbx_struct_assembly_prop.details 
1 'ABSA (A^2)' 1730 ? 
1 MORE         -22  ? 
1 'SSA (A^2)'  6460 ? 
# 
_pdbx_struct_assembly_gen.assembly_id       1 
_pdbx_struct_assembly_gen.oper_expression   1 
_pdbx_struct_assembly_gen.asym_id_list      A,B,C,D,E 
# 
_pdbx_struct_oper_list.id                   1 
_pdbx_struct_oper_list.type                 'identity operation' 
_pdbx_struct_oper_list.name                 1_555 
_pdbx_struct_oper_list.symmetry_operation   x,y,z 
_pdbx_struct_oper_list.matrix[1][1]         1.0000000000 
_pdbx_struct_oper_list.matrix[1][2]         0.0000000000 
_pdbx_struct_oper_list.matrix[1][3]         0.0000000000 
_pdbx_struct_oper_list.vector[1]            0.0000000000 
_pdbx_struct_oper_list.matrix[2][1]         0.0000000000 
_pdbx_struct_oper_list.matrix[2][2]         1.0000000000 
_pdbx_struct_oper_list.matrix[2][3]         0.0000000000 
_pdbx_struct_oper_list.vector[2]            0.0000000000 
_pdbx_struct_oper_list.matrix[3][1]         0.0000000000 
_pdbx_struct_oper_list.matrix[3][2]         0.0000000000 
_pdbx_struct_oper_list.matrix[3][3]         1.0000000000 
_pdbx_struct_oper_list.vector[3]            0.0000000000 
# 
_struct_biol.id        1 
_struct_biol.details   
;Monomer. Two fragments S peptide and S protein held together by non-covalent 
interactions
;
# 
loop_
_struct_conf.conf_type_id 
_struct_conf.id 
_struct_conf.pdbx_PDB_helix_id 
_struct_conf.beg_label_comp_id 
_struct_conf.beg_label_asym_id 
_struct_conf.beg_label_seq_id 
_struct_conf.pdbx_beg_PDB_ins_code 
_struct_conf.end_label_comp_id 
_struct_conf.end_label_asym_id 
_struct_conf.end_label_seq_id 
_struct_conf.pdbx_end_PDB_ins_code 
_struct_conf.beg_auth_comp_id 
_struct_conf.beg_auth_asym_id 
_struct_conf.beg_auth_seq_id 
_struct_conf.end_auth_comp_id 
_struct_conf.end_auth_asym_id 
_struct_conf.end_auth_seq_id 
_struct_conf.pdbx_PDB_helix_class 
_struct_conf.details 
_struct_conf.pdbx_PDB_helix_length 
HELX_P HELX_P1 1 THR A 3  ? MET A 13 ? THR A 3  MET A 13 1 ? 11 
HELX_P HELX_P2 2 ASN B 1  ? ARG B 10 ? ASN B 24 ARG B 33 1 ? 10 
HELX_P HELX_P3 3 SER B 27 ? ALA B 33 ? SER B 50 ALA B 56 1 ? 7  
HELX_P HELX_P4 4 VAL B 34 ? GLN B 37 ? VAL B 57 GLN B 60 5 ? 4  
# 
_struct_conf_type.id          HELX_P 
_struct_conf_type.criteria    ? 
_struct_conf_type.reference   ? 
# 
loop_
_struct_conn.id 
_struct_conn.conn_type_id 
_struct_conn.pdbx_leaving_atom_flag 
_struct_conn.pdbx_PDB_id 
_struct_conn.ptnr1_label_asym_id 
_struct_conn.ptnr1_label_comp_id 
_struct_conn.ptnr1_label_seq_id 
_struct_conn.ptnr1_label_atom_id 
_struct_conn.pdbx_ptnr1_label_alt_id 
_struct_conn.pdbx_ptnr1_PDB_ins_code 
_struct_conn.pdbx_ptnr1_standard_comp_id 
_struct_conn.ptnr1_symmetry 
_struct_conn.ptnr2_label_asym_id 
_struct_conn.ptnr2_label_comp_id 
_struct_conn.ptnr2_label_seq_id 
_struct_conn.ptnr2_label_atom_id 
_struct_conn.pdbx_ptnr2_label_alt_id 
_struct_conn.pdbx_ptnr2_PDB_ins_code 
_struct_conn.ptnr1_auth_asym_id 
_struct_conn.ptnr1_auth_comp_id 
_struct_conn.ptnr1_auth_seq_id 
_struct_conn.ptnr2_auth_asym_id 
_struct_conn.ptnr2_auth_comp_id 
_struct_conn.ptnr2_auth_seq_id 
_struct_conn.ptnr2_symmetry 
_struct_conn.pdbx_ptnr3_label_atom_id 
_struct_conn.pdbx_ptnr3_label_seq_id 
_struct_conn.pdbx_ptnr3_label_comp_id 
_struct_conn.pdbx_ptnr3_label_asym_id 
_struct_conn.pdbx_ptnr3_label_alt_id 
_struct_conn.pdbx_ptnr3_PDB_ins_code 
_struct_conn.details 
_struct_conn.pdbx_dist_value 
_struct_conn.pdbx_value_order 
_struct_conn.pdbx_role 
disulf1 disulf ?    ? B CYS 3  SG ? ? ? 1_555 B CYS 61 SG ? ? B CYS 26 B CYS 84  1_555 ? ? ? ? ? ? ? 2.032 ? ? 
disulf2 disulf ?    ? B CYS 17 SG ? ? ? 1_555 B CYS 72 SG ? ? B CYS 40 B CYS 95  1_555 ? ? ? ? ? ? ? 2.008 ? ? 
disulf3 disulf ?    ? B CYS 35 SG ? ? ? 1_555 B CYS 87 SG ? ? B CYS 58 B CYS 110 1_555 ? ? ? ? ? ? ? 1.788 ? ? 
disulf4 disulf ?    ? B CYS 42 SG ? ? ? 1_555 B CYS 49 SG ? ? B CYS 65 B CYS 72  1_555 ? ? ? ? ? ? ? 1.994 ? ? 
covale1 covale both ? A ASP 14 C  ? ? ? 1_555 A SET 15 N  ? ? A ASP 14 A SET 15  1_555 ? ? ? ? ? ? ? 1.324 ? ? 
# 
loop_
_struct_conn_type.id 
_struct_conn_type.criteria 
_struct_conn_type.reference 
disulf ? ? 
covale ? ? 
# 
_struct_mon_prot_cis.pdbx_id                1 
_struct_mon_prot_cis.label_comp_id          ASN 
_struct_mon_prot_cis.label_seq_id           90 
_struct_mon_prot_cis.label_asym_id          B 
_struct_mon_prot_cis.label_alt_id           . 
_struct_mon_prot_cis.pdbx_PDB_ins_code      ? 
_struct_mon_prot_cis.auth_comp_id           ASN 
_struct_mon_prot_cis.auth_seq_id            113 
_struct_mon_prot_cis.auth_asym_id           B 
_struct_mon_prot_cis.pdbx_label_comp_id_2   PRO 
_struct_mon_prot_cis.pdbx_label_seq_id_2    91 
_struct_mon_prot_cis.pdbx_label_asym_id_2   B 
_struct_mon_prot_cis.pdbx_PDB_ins_code_2    ? 
_struct_mon_prot_cis.pdbx_auth_comp_id_2    PRO 
_struct_mon_prot_cis.pdbx_auth_seq_id_2     114 
_struct_mon_prot_cis.pdbx_auth_asym_id_2    B 
_struct_mon_prot_cis.pdbx_PDB_model_num     1 
_struct_mon_prot_cis.pdbx_omega_angle       -0.15 
# 
loop_
_struct_sheet.id 
_struct_sheet.type 
_struct_sheet.number_strands 
_struct_sheet.details 
A ? 3 ? 
B ? 4 ? 
# 
loop_
_struct_sheet_order.sheet_id 
_struct_sheet_order.range_id_1 
_struct_sheet_order.range_id_2 
_struct_sheet_order.offset 
_struct_sheet_order.sense 
A 1 2 ? anti-parallel 
A 2 3 ? anti-parallel 
B 1 2 ? anti-parallel 
B 2 3 ? anti-parallel 
B 3 4 ? anti-parallel 
# 
loop_
_struct_sheet_range.sheet_id 
_struct_sheet_range.id 
_struct_sheet_range.beg_label_comp_id 
_struct_sheet_range.beg_label_asym_id 
_struct_sheet_range.beg_label_seq_id 
_struct_sheet_range.pdbx_beg_PDB_ins_code 
_struct_sheet_range.end_label_comp_id 
_struct_sheet_range.end_label_asym_id 
_struct_sheet_range.end_label_seq_id 
_struct_sheet_range.pdbx_end_PDB_ins_code 
_struct_sheet_range.beg_auth_comp_id 
_struct_sheet_range.beg_auth_asym_id 
_struct_sheet_range.beg_auth_seq_id 
_struct_sheet_range.end_auth_comp_id 
_struct_sheet_range.end_auth_asym_id 
_struct_sheet_range.end_auth_seq_id 
A 1 VAL B 20 ? VAL B 24  ? VAL B 43  VAL B 47  
A 2 MET B 56 ? GLU B 63  ? MET B 79  GLU B 86  
A 3 TYR B 74 ? LYS B 81  ? TYR B 97  LYS B 104 
B 1 LYS B 38 ? VAL B 40  ? LYS B 61  VAL B 63  
B 2 CYS B 49 ? GLN B 51  ? CYS B 72  GLN B 74  
B 3 ILE B 83 ? GLU B 88  ? ILE B 106 GLU B 111 
B 4 VAL B 93 ? SER B 100 ? VAL B 116 SER B 123 
# 
loop_
_pdbx_struct_sheet_hbond.sheet_id 
_pdbx_struct_sheet_hbond.range_id_1 
_pdbx_struct_sheet_hbond.range_id_2 
_pdbx_struct_sheet_hbond.range_1_label_atom_id 
_pdbx_struct_sheet_hbond.range_1_label_comp_id 
_pdbx_struct_sheet_hbond.range_1_label_asym_id 
_pdbx_struct_sheet_hbond.range_1_label_seq_id 
_pdbx_struct_sheet_hbond.range_1_PDB_ins_code 
_pdbx_struct_sheet_hbond.range_1_auth_atom_id 
_pdbx_struct_sheet_hbond.range_1_auth_comp_id 
_pdbx_struct_sheet_hbond.range_1_auth_asym_id 
_pdbx_struct_sheet_hbond.range_1_auth_seq_id 
_pdbx_struct_sheet_hbond.range_2_label_atom_id 
_pdbx_struct_sheet_hbond.range_2_label_comp_id 
_pdbx_struct_sheet_hbond.range_2_label_asym_id 
_pdbx_struct_sheet_hbond.range_2_label_seq_id 
_pdbx_struct_sheet_hbond.range_2_PDB_ins_code 
_pdbx_struct_sheet_hbond.range_2_auth_atom_id 
_pdbx_struct_sheet_hbond.range_2_auth_comp_id 
_pdbx_struct_sheet_hbond.range_2_auth_asym_id 
_pdbx_struct_sheet_hbond.range_2_auth_seq_id 
A 1 2 N PHE B 23 ? N PHE B 46  O THR B 59 ? O THR B 82  
A 2 3 O ARG B 62 ? O ARG B 85  N LYS B 75 ? N LYS B 98  
B 1 2 N VAL B 40 ? N VAL B 63  O CYS B 49 ? O CYS B 72  
B 2 3 N TYR B 50 ? N TYR B 73  O VAL B 85 ? O VAL B 108 
B 3 4 N GLU B 88 ? N GLU B 111 O VAL B 93 ? O VAL B 116 
# 
_struct_site.id                   AC1 
_struct_site.pdbx_evidence_code   Software 
_struct_site.pdbx_auth_asym_id    B 
_struct_site.pdbx_auth_comp_id    SO4 
_struct_site.pdbx_auth_seq_id     125 
_struct_site.pdbx_auth_ins_code   ? 
_struct_site.pdbx_num_residues    4 
_struct_site.details              'BINDING SITE FOR RESIDUE SO4 B 125' 
# 
loop_
_struct_site_gen.id 
_struct_site_gen.site_id 
_struct_site_gen.pdbx_num_res 
_struct_site_gen.label_comp_id 
_struct_site_gen.label_asym_id 
_struct_site_gen.label_seq_id 
_struct_site_gen.pdbx_auth_ins_code 
_struct_site_gen.auth_comp_id 
_struct_site_gen.auth_asym_id 
_struct_site_gen.auth_seq_id 
_struct_site_gen.label_atom_id 
_struct_site_gen.label_alt_id 
_struct_site_gen.symmetry 
_struct_site_gen.details 
1 AC1 4 HIS A 12 ? HIS A 12  . ? 1_555 ? 
2 AC1 4 HIS B 96 ? HIS B 119 . ? 1_555 ? 
3 AC1 4 PHE B 97 ? PHE B 120 . ? 1_555 ? 
4 AC1 4 HOH E .  ? HOH B 215 . ? 1_555 ? 
# 
_pdbx_entry_details.entry_id                   1D5H 
_pdbx_entry_details.compound_details           ? 
_pdbx_entry_details.source_details             ? 
_pdbx_entry_details.nonpolymer_details         ? 
_pdbx_entry_details.sequence_details           ? 
_pdbx_entry_details.has_ligand_of_interest     ? 
_pdbx_entry_details.has_protein_modification   Y 
# 
_pdbx_validate_close_contact.id               1 
_pdbx_validate_close_contact.PDB_model_num    1 
_pdbx_validate_close_contact.auth_atom_id_1   HE22 
_pdbx_validate_close_contact.auth_asym_id_1   B 
_pdbx_validate_close_contact.auth_comp_id_1   GLN 
_pdbx_validate_close_contact.auth_seq_id_1    60 
_pdbx_validate_close_contact.PDB_ins_code_1   ? 
_pdbx_validate_close_contact.label_alt_id_1   ? 
_pdbx_validate_close_contact.auth_atom_id_2   H1 
_pdbx_validate_close_contact.auth_asym_id_2   B 
_pdbx_validate_close_contact.auth_comp_id_2   HOH 
_pdbx_validate_close_contact.auth_seq_id_2    216 
_pdbx_validate_close_contact.PDB_ins_code_2   ? 
_pdbx_validate_close_contact.label_alt_id_2   ? 
_pdbx_validate_close_contact.dist             1.30 
# 
loop_
_pdbx_validate_symm_contact.id 
_pdbx_validate_symm_contact.PDB_model_num 
_pdbx_validate_symm_contact.auth_atom_id_1 
_pdbx_validate_symm_contact.auth_asym_id_1 
_pdbx_validate_symm_contact.auth_comp_id_1 
_pdbx_validate_symm_contact.auth_seq_id_1 
_pdbx_validate_symm_contact.PDB_ins_code_1 
_pdbx_validate_symm_contact.label_alt_id_1 
_pdbx_validate_symm_contact.site_symmetry_1 
_pdbx_validate_symm_contact.auth_atom_id_2 
_pdbx_validate_symm_contact.auth_asym_id_2 
_pdbx_validate_symm_contact.auth_comp_id_2 
_pdbx_validate_symm_contact.auth_seq_id_2 
_pdbx_validate_symm_contact.PDB_ins_code_2 
_pdbx_validate_symm_contact.label_alt_id_2 
_pdbx_validate_symm_contact.site_symmetry_2 
_pdbx_validate_symm_contact.dist 
1  1 O   B HOH 252 ? ? 1_555 O  B HOH 255 ? ? 3_554 0.40 
2  1 H2  B HOH 252 ? ? 1_555 O  B HOH 255 ? ? 3_554 0.59 
3  1 O   B HOH 252 ? ? 1_555 H2 B HOH 255 ? ? 3_554 0.69 
4  1 H1  B HOH 252 ? ? 1_555 H1 B HOH 255 ? ? 3_554 0.89 
5  1 HZ1 A LYS 1   ? ? 1_555 H1 B HOH 214 ? ? 6_455 0.90 
6  1 HZ1 A LYS 1   ? ? 1_555 O  B HOH 214 ? ? 6_455 0.96 
7  1 H1  B HOH 252 ? ? 1_555 H2 B HOH 255 ? ? 3_554 0.96 
8  1 H1  B HOH 252 ? ? 1_555 O  B HOH 255 ? ? 3_554 1.02 
9  1 O   B HOH 252 ? ? 1_555 H1 B HOH 255 ? ? 3_554 1.03 
10 1 H2  B HOH 252 ? ? 1_555 H1 B HOH 255 ? ? 3_554 1.19 
11 1 NZ  A LYS 1   ? ? 1_555 O  B HOH 214 ? ? 6_455 1.40 
12 1 HZ2 A LYS 1   ? ? 1_555 O  B HOH 214 ? ? 6_455 1.50 
# 
_pdbx_validate_rmsd_bond.id                        1 
_pdbx_validate_rmsd_bond.PDB_model_num             1 
_pdbx_validate_rmsd_bond.auth_atom_id_1            CG 
_pdbx_validate_rmsd_bond.auth_asym_id_1            B 
_pdbx_validate_rmsd_bond.auth_comp_id_1            TYR 
_pdbx_validate_rmsd_bond.auth_seq_id_1             92 
_pdbx_validate_rmsd_bond.PDB_ins_code_1            ? 
_pdbx_validate_rmsd_bond.label_alt_id_1            ? 
_pdbx_validate_rmsd_bond.auth_atom_id_2            CD1 
_pdbx_validate_rmsd_bond.auth_asym_id_2            B 
_pdbx_validate_rmsd_bond.auth_comp_id_2            TYR 
_pdbx_validate_rmsd_bond.auth_seq_id_2             92 
_pdbx_validate_rmsd_bond.PDB_ins_code_2            ? 
_pdbx_validate_rmsd_bond.label_alt_id_2            ? 
_pdbx_validate_rmsd_bond.bond_value                1.470 
_pdbx_validate_rmsd_bond.bond_target_value         1.387 
_pdbx_validate_rmsd_bond.bond_deviation            0.083 
_pdbx_validate_rmsd_bond.bond_standard_deviation   0.013 
_pdbx_validate_rmsd_bond.linker_flag               N 
# 
loop_
_pdbx_validate_rmsd_angle.id 
_pdbx_validate_rmsd_angle.PDB_model_num 
_pdbx_validate_rmsd_angle.auth_atom_id_1 
_pdbx_validate_rmsd_angle.auth_asym_id_1 
_pdbx_validate_rmsd_angle.auth_comp_id_1 
_pdbx_validate_rmsd_angle.auth_seq_id_1 
_pdbx_validate_rmsd_angle.PDB_ins_code_1 
_pdbx_validate_rmsd_angle.label_alt_id_1 
_pdbx_validate_rmsd_angle.auth_atom_id_2 
_pdbx_validate_rmsd_angle.auth_asym_id_2 
_pdbx_validate_rmsd_angle.auth_comp_id_2 
_pdbx_validate_rmsd_angle.auth_seq_id_2 
_pdbx_validate_rmsd_angle.PDB_ins_code_2 
_pdbx_validate_rmsd_angle.label_alt_id_2 
_pdbx_validate_rmsd_angle.auth_atom_id_3 
_pdbx_validate_rmsd_angle.auth_asym_id_3 
_pdbx_validate_rmsd_angle.auth_comp_id_3 
_pdbx_validate_rmsd_angle.auth_seq_id_3 
_pdbx_validate_rmsd_angle.PDB_ins_code_3 
_pdbx_validate_rmsd_angle.label_alt_id_3 
_pdbx_validate_rmsd_angle.angle_value 
_pdbx_validate_rmsd_angle.angle_target_value 
_pdbx_validate_rmsd_angle.angle_deviation 
_pdbx_validate_rmsd_angle.angle_standard_deviation 
_pdbx_validate_rmsd_angle.linker_flag 
1 1 CD B ARG 85 ? ? NE B ARG 85 ? ? CZ  B ARG 85 ? ? 133.42 123.60 9.82   1.40 N 
2 1 NE B ARG 85 ? ? CZ B ARG 85 ? ? NH1 B ARG 85 ? ? 130.01 120.30 9.71   0.50 N 
3 1 NE B ARG 85 ? ? CZ B ARG 85 ? ? NH2 B ARG 85 ? ? 114.92 120.30 -5.38  0.50 N 
4 1 CB B TYR 92 ? ? CA B TYR 92 ? ? C   B TYR 92 ? ? 127.05 110.40 16.65  2.00 N 
5 1 CB B TYR 92 ? ? CG B TYR 92 ? ? CD2 B TYR 92 ? ? 115.95 121.00 -5.05  0.60 N 
6 1 CB B TYR 92 ? ? CG B TYR 92 ? ? CD1 B TYR 92 ? ? 125.44 121.00 4.44   0.60 N 
7 1 C  B TYR 92 ? ? N  B PRO 93 ? ? CA  B PRO 93 ? ? 133.26 119.30 13.96  1.50 Y 
8 1 C  B TYR 92 ? ? N  B PRO 93 ? ? CD  B PRO 93 ? ? 112.30 128.40 -16.10 2.10 Y 
9 1 N  B PRO 93 ? ? CA B PRO 93 ? ? CB  B PRO 93 ? ? 114.03 103.30 10.73  1.20 N 
# 
loop_
_pdbx_validate_torsion.id 
_pdbx_validate_torsion.PDB_model_num 
_pdbx_validate_torsion.auth_comp_id 
_pdbx_validate_torsion.auth_asym_id 
_pdbx_validate_torsion.auth_seq_id 
_pdbx_validate_torsion.PDB_ins_code 
_pdbx_validate_torsion.label_alt_id 
_pdbx_validate_torsion.phi 
_pdbx_validate_torsion.psi 
1 1 ARG B 39  ? ? 170.77  165.19  
2 1 HIS B 48  ? ? -92.67  50.12   
3 1 CYS B 58  ? ? -64.27  3.20    
4 1 GLN B 60  ? ? -100.20 -131.42 
5 1 ASN B 67  ? ? -65.72  2.21    
6 1 TYR B 92  ? ? -27.95  170.11  
7 1 PRO B 93  ? ? -8.70   -43.30  
8 1 ALA B 122 ? ? 177.50  -173.34 
9 1 SER B 123 ? ? -165.49 110.64  
# 
_pdbx_validate_peptide_omega.id               1 
_pdbx_validate_peptide_omega.PDB_model_num    1 
_pdbx_validate_peptide_omega.auth_comp_id_1   TYR 
_pdbx_validate_peptide_omega.auth_asym_id_1   B 
_pdbx_validate_peptide_omega.auth_seq_id_1    92 
_pdbx_validate_peptide_omega.PDB_ins_code_1   ? 
_pdbx_validate_peptide_omega.label_alt_id_1   ? 
_pdbx_validate_peptide_omega.auth_comp_id_2   PRO 
_pdbx_validate_peptide_omega.auth_asym_id_2   B 
_pdbx_validate_peptide_omega.auth_seq_id_2    93 
_pdbx_validate_peptide_omega.PDB_ins_code_2   ? 
_pdbx_validate_peptide_omega.label_alt_id_2   ? 
_pdbx_validate_peptide_omega.omega            -95.37 
# 
_pdbx_validate_main_chain_plane.id                       1 
_pdbx_validate_main_chain_plane.PDB_model_num            1 
_pdbx_validate_main_chain_plane.auth_comp_id             TYR 
_pdbx_validate_main_chain_plane.auth_asym_id             B 
_pdbx_validate_main_chain_plane.auth_seq_id              92 
_pdbx_validate_main_chain_plane.PDB_ins_code             ? 
_pdbx_validate_main_chain_plane.label_alt_id             ? 
_pdbx_validate_main_chain_plane.improper_torsion_angle   -16.74 
# 
_pdbx_struct_mod_residue.id               1 
_pdbx_struct_mod_residue.label_asym_id    A 
_pdbx_struct_mod_residue.label_comp_id    SET 
_pdbx_struct_mod_residue.label_seq_id     15 
_pdbx_struct_mod_residue.auth_asym_id     A 
_pdbx_struct_mod_residue.auth_comp_id     SET 
_pdbx_struct_mod_residue.auth_seq_id      15 
_pdbx_struct_mod_residue.PDB_ins_code     ? 
_pdbx_struct_mod_residue.parent_comp_id   SER 
_pdbx_struct_mod_residue.details          AMINOSERINE 
# 
loop_
_chem_comp_atom.comp_id 
_chem_comp_atom.atom_id 
_chem_comp_atom.type_symbol 
_chem_comp_atom.pdbx_aromatic_flag 
_chem_comp_atom.pdbx_stereo_config 
_chem_comp_atom.pdbx_ordinal 
ALA N    N N N 1   
ALA CA   C N S 2   
ALA C    C N N 3   
ALA O    O N N 4   
ALA CB   C N N 5   
ALA OXT  O N N 6   
ALA H    H N N 7   
ALA H2   H N N 8   
ALA HA   H N N 9   
ALA HB1  H N N 10  
ALA HB2  H N N 11  
ALA HB3  H N N 12  
ALA HXT  H N N 13  
ARG N    N N N 14  
ARG CA   C N S 15  
ARG C    C N N 16  
ARG O    O N N 17  
ARG CB   C N N 18  
ARG CG   C N N 19  
ARG CD   C N N 20  
ARG NE   N N N 21  
ARG CZ   C N N 22  
ARG NH1  N N N 23  
ARG NH2  N N N 24  
ARG OXT  O N N 25  
ARG H    H N N 26  
ARG H2   H N N 27  
ARG HA   H N N 28  
ARG HB2  H N N 29  
ARG HB3  H N N 30  
ARG HG2  H N N 31  
ARG HG3  H N N 32  
ARG HD2  H N N 33  
ARG HD3  H N N 34  
ARG HE   H N N 35  
ARG HH11 H N N 36  
ARG HH12 H N N 37  
ARG HH21 H N N 38  
ARG HH22 H N N 39  
ARG HXT  H N N 40  
ASN N    N N N 41  
ASN CA   C N S 42  
ASN C    C N N 43  
ASN O    O N N 44  
ASN CB   C N N 45  
ASN CG   C N N 46  
ASN OD1  O N N 47  
ASN ND2  N N N 48  
ASN OXT  O N N 49  
ASN H    H N N 50  
ASN H2   H N N 51  
ASN HA   H N N 52  
ASN HB2  H N N 53  
ASN HB3  H N N 54  
ASN HD21 H N N 55  
ASN HD22 H N N 56  
ASN HXT  H N N 57  
ASP N    N N N 58  
ASP CA   C N S 59  
ASP C    C N N 60  
ASP O    O N N 61  
ASP CB   C N N 62  
ASP CG   C N N 63  
ASP OD1  O N N 64  
ASP OD2  O N N 65  
ASP OXT  O N N 66  
ASP H    H N N 67  
ASP H2   H N N 68  
ASP HA   H N N 69  
ASP HB2  H N N 70  
ASP HB3  H N N 71  
ASP HD2  H N N 72  
ASP HXT  H N N 73  
CYS N    N N N 74  
CYS CA   C N R 75  
CYS C    C N N 76  
CYS O    O N N 77  
CYS CB   C N N 78  
CYS SG   S N N 79  
CYS OXT  O N N 80  
CYS H    H N N 81  
CYS H2   H N N 82  
CYS HA   H N N 83  
CYS HB2  H N N 84  
CYS HB3  H N N 85  
CYS HG   H N N 86  
CYS HXT  H N N 87  
GLN N    N N N 88  
GLN CA   C N S 89  
GLN C    C N N 90  
GLN O    O N N 91  
GLN CB   C N N 92  
GLN CG   C N N 93  
GLN CD   C N N 94  
GLN OE1  O N N 95  
GLN NE2  N N N 96  
GLN OXT  O N N 97  
GLN H    H N N 98  
GLN H2   H N N 99  
GLN HA   H N N 100 
GLN HB2  H N N 101 
GLN HB3  H N N 102 
GLN HG2  H N N 103 
GLN HG3  H N N 104 
GLN HE21 H N N 105 
GLN HE22 H N N 106 
GLN HXT  H N N 107 
GLU N    N N N 108 
GLU CA   C N S 109 
GLU C    C N N 110 
GLU O    O N N 111 
GLU CB   C N N 112 
GLU CG   C N N 113 
GLU CD   C N N 114 
GLU OE1  O N N 115 
GLU OE2  O N N 116 
GLU OXT  O N N 117 
GLU H    H N N 118 
GLU H2   H N N 119 
GLU HA   H N N 120 
GLU HB2  H N N 121 
GLU HB3  H N N 122 
GLU HG2  H N N 123 
GLU HG3  H N N 124 
GLU HE2  H N N 125 
GLU HXT  H N N 126 
GLY N    N N N 127 
GLY CA   C N N 128 
GLY C    C N N 129 
GLY O    O N N 130 
GLY OXT  O N N 131 
GLY H    H N N 132 
GLY H2   H N N 133 
GLY HA2  H N N 134 
GLY HA3  H N N 135 
GLY HXT  H N N 136 
HIS N    N N N 137 
HIS CA   C N S 138 
HIS C    C N N 139 
HIS O    O N N 140 
HIS CB   C N N 141 
HIS CG   C Y N 142 
HIS ND1  N Y N 143 
HIS CD2  C Y N 144 
HIS CE1  C Y N 145 
HIS NE2  N Y N 146 
HIS OXT  O N N 147 
HIS H    H N N 148 
HIS H2   H N N 149 
HIS HA   H N N 150 
HIS HB2  H N N 151 
HIS HB3  H N N 152 
HIS HD1  H N N 153 
HIS HD2  H N N 154 
HIS HE1  H N N 155 
HIS HE2  H N N 156 
HIS HXT  H N N 157 
HOH O    O N N 158 
HOH H1   H N N 159 
HOH H2   H N N 160 
ILE N    N N N 161 
ILE CA   C N S 162 
ILE C    C N N 163 
ILE O    O N N 164 
ILE CB   C N S 165 
ILE CG1  C N N 166 
ILE CG2  C N N 167 
ILE CD1  C N N 168 
ILE OXT  O N N 169 
ILE H    H N N 170 
ILE H2   H N N 171 
ILE HA   H N N 172 
ILE HB   H N N 173 
ILE HG12 H N N 174 
ILE HG13 H N N 175 
ILE HG21 H N N 176 
ILE HG22 H N N 177 
ILE HG23 H N N 178 
ILE HD11 H N N 179 
ILE HD12 H N N 180 
ILE HD13 H N N 181 
ILE HXT  H N N 182 
LEU N    N N N 183 
LEU CA   C N S 184 
LEU C    C N N 185 
LEU O    O N N 186 
LEU CB   C N N 187 
LEU CG   C N N 188 
LEU CD1  C N N 189 
LEU CD2  C N N 190 
LEU OXT  O N N 191 
LEU H    H N N 192 
LEU H2   H N N 193 
LEU HA   H N N 194 
LEU HB2  H N N 195 
LEU HB3  H N N 196 
LEU HG   H N N 197 
LEU HD11 H N N 198 
LEU HD12 H N N 199 
LEU HD13 H N N 200 
LEU HD21 H N N 201 
LEU HD22 H N N 202 
LEU HD23 H N N 203 
LEU HXT  H N N 204 
LYS N    N N N 205 
LYS CA   C N S 206 
LYS C    C N N 207 
LYS O    O N N 208 
LYS CB   C N N 209 
LYS CG   C N N 210 
LYS CD   C N N 211 
LYS CE   C N N 212 
LYS NZ   N N N 213 
LYS OXT  O N N 214 
LYS H    H N N 215 
LYS H2   H N N 216 
LYS HA   H N N 217 
LYS HB2  H N N 218 
LYS HB3  H N N 219 
LYS HG2  H N N 220 
LYS HG3  H N N 221 
LYS HD2  H N N 222 
LYS HD3  H N N 223 
LYS HE2  H N N 224 
LYS HE3  H N N 225 
LYS HZ1  H N N 226 
LYS HZ2  H N N 227 
LYS HZ3  H N N 228 
LYS HXT  H N N 229 
MET N    N N N 230 
MET CA   C N S 231 
MET C    C N N 232 
MET O    O N N 233 
MET CB   C N N 234 
MET CG   C N N 235 
MET SD   S N N 236 
MET CE   C N N 237 
MET OXT  O N N 238 
MET H    H N N 239 
MET H2   H N N 240 
MET HA   H N N 241 
MET HB2  H N N 242 
MET HB3  H N N 243 
MET HG2  H N N 244 
MET HG3  H N N 245 
MET HE1  H N N 246 
MET HE2  H N N 247 
MET HE3  H N N 248 
MET HXT  H N N 249 
PHE N    N N N 250 
PHE CA   C N S 251 
PHE C    C N N 252 
PHE O    O N N 253 
PHE CB   C N N 254 
PHE CG   C Y N 255 
PHE CD1  C Y N 256 
PHE CD2  C Y N 257 
PHE CE1  C Y N 258 
PHE CE2  C Y N 259 
PHE CZ   C Y N 260 
PHE OXT  O N N 261 
PHE H    H N N 262 
PHE H2   H N N 263 
PHE HA   H N N 264 
PHE HB2  H N N 265 
PHE HB3  H N N 266 
PHE HD1  H N N 267 
PHE HD2  H N N 268 
PHE HE1  H N N 269 
PHE HE2  H N N 270 
PHE HZ   H N N 271 
PHE HXT  H N N 272 
PRO N    N N N 273 
PRO CA   C N S 274 
PRO C    C N N 275 
PRO O    O N N 276 
PRO CB   C N N 277 
PRO CG   C N N 278 
PRO CD   C N N 279 
PRO OXT  O N N 280 
PRO H    H N N 281 
PRO HA   H N N 282 
PRO HB2  H N N 283 
PRO HB3  H N N 284 
PRO HG2  H N N 285 
PRO HG3  H N N 286 
PRO HD2  H N N 287 
PRO HD3  H N N 288 
PRO HXT  H N N 289 
SER N    N N N 290 
SER CA   C N S 291 
SER C    C N N 292 
SER O    O N N 293 
SER CB   C N N 294 
SER OG   O N N 295 
SER OXT  O N N 296 
SER H    H N N 297 
SER H2   H N N 298 
SER HA   H N N 299 
SER HB2  H N N 300 
SER HB3  H N N 301 
SER HG   H N N 302 
SER HXT  H N N 303 
SET N    N N N 304 
SET CA   C N S 305 
SET CB   C N N 306 
SET OG   O N N 307 
SET NT   N N N 308 
SET C    C N N 309 
SET O    O N N 310 
SET H    H N N 311 
SET H2   H N N 312 
SET HA   H N N 313 
SET HB2  H N N 314 
SET HB3  H N N 315 
SET HG   H N N 316 
SET HNT1 H N N 317 
SET HNT2 H N N 318 
SO4 S    S N N 319 
SO4 O1   O N N 320 
SO4 O2   O N N 321 
SO4 O3   O N N 322 
SO4 O4   O N N 323 
THR N    N N N 324 
THR CA   C N S 325 
THR C    C N N 326 
THR O    O N N 327 
THR CB   C N R 328 
THR OG1  O N N 329 
THR CG2  C N N 330 
THR OXT  O N N 331 
THR H    H N N 332 
THR H2   H N N 333 
THR HA   H N N 334 
THR HB   H N N 335 
THR HG1  H N N 336 
THR HG21 H N N 337 
THR HG22 H N N 338 
THR HG23 H N N 339 
THR HXT  H N N 340 
TYR N    N N N 341 
TYR CA   C N S 342 
TYR C    C N N 343 
TYR O    O N N 344 
TYR CB   C N N 345 
TYR CG   C Y N 346 
TYR CD1  C Y N 347 
TYR CD2  C Y N 348 
TYR CE1  C Y N 349 
TYR CE2  C Y N 350 
TYR CZ   C Y N 351 
TYR OH   O N N 352 
TYR OXT  O N N 353 
TYR H    H N N 354 
TYR H2   H N N 355 
TYR HA   H N N 356 
TYR HB2  H N N 357 
TYR HB3  H N N 358 
TYR HD1  H N N 359 
TYR HD2  H N N 360 
TYR HE1  H N N 361 
TYR HE2  H N N 362 
TYR HH   H N N 363 
TYR HXT  H N N 364 
VAL N    N N N 365 
VAL CA   C N S 366 
VAL C    C N N 367 
VAL O    O N N 368 
VAL CB   C N N 369 
VAL CG1  C N N 370 
VAL CG2  C N N 371 
VAL OXT  O N N 372 
VAL H    H N N 373 
VAL H2   H N N 374 
VAL HA   H N N 375 
VAL HB   H N N 376 
VAL HG11 H N N 377 
VAL HG12 H N N 378 
VAL HG13 H N N 379 
VAL HG21 H N N 380 
VAL HG22 H N N 381 
VAL HG23 H N N 382 
VAL HXT  H N N 383 
# 
loop_
_chem_comp_bond.comp_id 
_chem_comp_bond.atom_id_1 
_chem_comp_bond.atom_id_2 
_chem_comp_bond.value_order 
_chem_comp_bond.pdbx_aromatic_flag 
_chem_comp_bond.pdbx_stereo_config 
_chem_comp_bond.pdbx_ordinal 
ALA N   CA   sing N N 1   
ALA N   H    sing N N 2   
ALA N   H2   sing N N 3   
ALA CA  C    sing N N 4   
ALA CA  CB   sing N N 5   
ALA CA  HA   sing N N 6   
ALA C   O    doub N N 7   
ALA C   OXT  sing N N 8   
ALA CB  HB1  sing N N 9   
ALA CB  HB2  sing N N 10  
ALA CB  HB3  sing N N 11  
ALA OXT HXT  sing N N 12  
ARG N   CA   sing N N 13  
ARG N   H    sing N N 14  
ARG N   H2   sing N N 15  
ARG CA  C    sing N N 16  
ARG CA  CB   sing N N 17  
ARG CA  HA   sing N N 18  
ARG C   O    doub N N 19  
ARG C   OXT  sing N N 20  
ARG CB  CG   sing N N 21  
ARG CB  HB2  sing N N 22  
ARG CB  HB3  sing N N 23  
ARG CG  CD   sing N N 24  
ARG CG  HG2  sing N N 25  
ARG CG  HG3  sing N N 26  
ARG CD  NE   sing N N 27  
ARG CD  HD2  sing N N 28  
ARG CD  HD3  sing N N 29  
ARG NE  CZ   sing N N 30  
ARG NE  HE   sing N N 31  
ARG CZ  NH1  sing N N 32  
ARG CZ  NH2  doub N N 33  
ARG NH1 HH11 sing N N 34  
ARG NH1 HH12 sing N N 35  
ARG NH2 HH21 sing N N 36  
ARG NH2 HH22 sing N N 37  
ARG OXT HXT  sing N N 38  
ASN N   CA   sing N N 39  
ASN N   H    sing N N 40  
ASN N   H2   sing N N 41  
ASN CA  C    sing N N 42  
ASN CA  CB   sing N N 43  
ASN CA  HA   sing N N 44  
ASN C   O    doub N N 45  
ASN C   OXT  sing N N 46  
ASN CB  CG   sing N N 47  
ASN CB  HB2  sing N N 48  
ASN CB  HB3  sing N N 49  
ASN CG  OD1  doub N N 50  
ASN CG  ND2  sing N N 51  
ASN ND2 HD21 sing N N 52  
ASN ND2 HD22 sing N N 53  
ASN OXT HXT  sing N N 54  
ASP N   CA   sing N N 55  
ASP N   H    sing N N 56  
ASP N   H2   sing N N 57  
ASP CA  C    sing N N 58  
ASP CA  CB   sing N N 59  
ASP CA  HA   sing N N 60  
ASP C   O    doub N N 61  
ASP C   OXT  sing N N 62  
ASP CB  CG   sing N N 63  
ASP CB  HB2  sing N N 64  
ASP CB  HB3  sing N N 65  
ASP CG  OD1  doub N N 66  
ASP CG  OD2  sing N N 67  
ASP OD2 HD2  sing N N 68  
ASP OXT HXT  sing N N 69  
CYS N   CA   sing N N 70  
CYS N   H    sing N N 71  
CYS N   H2   sing N N 72  
CYS CA  C    sing N N 73  
CYS CA  CB   sing N N 74  
CYS CA  HA   sing N N 75  
CYS C   O    doub N N 76  
CYS C   OXT  sing N N 77  
CYS CB  SG   sing N N 78  
CYS CB  HB2  sing N N 79  
CYS CB  HB3  sing N N 80  
CYS SG  HG   sing N N 81  
CYS OXT HXT  sing N N 82  
GLN N   CA   sing N N 83  
GLN N   H    sing N N 84  
GLN N   H2   sing N N 85  
GLN CA  C    sing N N 86  
GLN CA  CB   sing N N 87  
GLN CA  HA   sing N N 88  
GLN C   O    doub N N 89  
GLN C   OXT  sing N N 90  
GLN CB  CG   sing N N 91  
GLN CB  HB2  sing N N 92  
GLN CB  HB3  sing N N 93  
GLN CG  CD   sing N N 94  
GLN CG  HG2  sing N N 95  
GLN CG  HG3  sing N N 96  
GLN CD  OE1  doub N N 97  
GLN CD  NE2  sing N N 98  
GLN NE2 HE21 sing N N 99  
GLN NE2 HE22 sing N N 100 
GLN OXT HXT  sing N N 101 
GLU N   CA   sing N N 102 
GLU N   H    sing N N 103 
GLU N   H2   sing N N 104 
GLU CA  C    sing N N 105 
GLU CA  CB   sing N N 106 
GLU CA  HA   sing N N 107 
GLU C   O    doub N N 108 
GLU C   OXT  sing N N 109 
GLU CB  CG   sing N N 110 
GLU CB  HB2  sing N N 111 
GLU CB  HB3  sing N N 112 
GLU CG  CD   sing N N 113 
GLU CG  HG2  sing N N 114 
GLU CG  HG3  sing N N 115 
GLU CD  OE1  doub N N 116 
GLU CD  OE2  sing N N 117 
GLU OE2 HE2  sing N N 118 
GLU OXT HXT  sing N N 119 
GLY N   CA   sing N N 120 
GLY N   H    sing N N 121 
GLY N   H2   sing N N 122 
GLY CA  C    sing N N 123 
GLY CA  HA2  sing N N 124 
GLY CA  HA3  sing N N 125 
GLY C   O    doub N N 126 
GLY C   OXT  sing N N 127 
GLY OXT HXT  sing N N 128 
HIS N   CA   sing N N 129 
HIS N   H    sing N N 130 
HIS N   H2   sing N N 131 
HIS CA  C    sing N N 132 
HIS CA  CB   sing N N 133 
HIS CA  HA   sing N N 134 
HIS C   O    doub N N 135 
HIS C   OXT  sing N N 136 
HIS CB  CG   sing N N 137 
HIS CB  HB2  sing N N 138 
HIS CB  HB3  sing N N 139 
HIS CG  ND1  sing Y N 140 
HIS CG  CD2  doub Y N 141 
HIS ND1 CE1  doub Y N 142 
HIS ND1 HD1  sing N N 143 
HIS CD2 NE2  sing Y N 144 
HIS CD2 HD2  sing N N 145 
HIS CE1 NE2  sing Y N 146 
HIS CE1 HE1  sing N N 147 
HIS NE2 HE2  sing N N 148 
HIS OXT HXT  sing N N 149 
HOH O   H1   sing N N 150 
HOH O   H2   sing N N 151 
ILE N   CA   sing N N 152 
ILE N   H    sing N N 153 
ILE N   H2   sing N N 154 
ILE CA  C    sing N N 155 
ILE CA  CB   sing N N 156 
ILE CA  HA   sing N N 157 
ILE C   O    doub N N 158 
ILE C   OXT  sing N N 159 
ILE CB  CG1  sing N N 160 
ILE CB  CG2  sing N N 161 
ILE CB  HB   sing N N 162 
ILE CG1 CD1  sing N N 163 
ILE CG1 HG12 sing N N 164 
ILE CG1 HG13 sing N N 165 
ILE CG2 HG21 sing N N 166 
ILE CG2 HG22 sing N N 167 
ILE CG2 HG23 sing N N 168 
ILE CD1 HD11 sing N N 169 
ILE CD1 HD12 sing N N 170 
ILE CD1 HD13 sing N N 171 
ILE OXT HXT  sing N N 172 
LEU N   CA   sing N N 173 
LEU N   H    sing N N 174 
LEU N   H2   sing N N 175 
LEU CA  C    sing N N 176 
LEU CA  CB   sing N N 177 
LEU CA  HA   sing N N 178 
LEU C   O    doub N N 179 
LEU C   OXT  sing N N 180 
LEU CB  CG   sing N N 181 
LEU CB  HB2  sing N N 182 
LEU CB  HB3  sing N N 183 
LEU CG  CD1  sing N N 184 
LEU CG  CD2  sing N N 185 
LEU CG  HG   sing N N 186 
LEU CD1 HD11 sing N N 187 
LEU CD1 HD12 sing N N 188 
LEU CD1 HD13 sing N N 189 
LEU CD2 HD21 sing N N 190 
LEU CD2 HD22 sing N N 191 
LEU CD2 HD23 sing N N 192 
LEU OXT HXT  sing N N 193 
LYS N   CA   sing N N 194 
LYS N   H    sing N N 195 
LYS N   H2   sing N N 196 
LYS CA  C    sing N N 197 
LYS CA  CB   sing N N 198 
LYS CA  HA   sing N N 199 
LYS C   O    doub N N 200 
LYS C   OXT  sing N N 201 
LYS CB  CG   sing N N 202 
LYS CB  HB2  sing N N 203 
LYS CB  HB3  sing N N 204 
LYS CG  CD   sing N N 205 
LYS CG  HG2  sing N N 206 
LYS CG  HG3  sing N N 207 
LYS CD  CE   sing N N 208 
LYS CD  HD2  sing N N 209 
LYS CD  HD3  sing N N 210 
LYS CE  NZ   sing N N 211 
LYS CE  HE2  sing N N 212 
LYS CE  HE3  sing N N 213 
LYS NZ  HZ1  sing N N 214 
LYS NZ  HZ2  sing N N 215 
LYS NZ  HZ3  sing N N 216 
LYS OXT HXT  sing N N 217 
MET N   CA   sing N N 218 
MET N   H    sing N N 219 
MET N   H2   sing N N 220 
MET CA  C    sing N N 221 
MET CA  CB   sing N N 222 
MET CA  HA   sing N N 223 
MET C   O    doub N N 224 
MET C   OXT  sing N N 225 
MET CB  CG   sing N N 226 
MET CB  HB2  sing N N 227 
MET CB  HB3  sing N N 228 
MET CG  SD   sing N N 229 
MET CG  HG2  sing N N 230 
MET CG  HG3  sing N N 231 
MET SD  CE   sing N N 232 
MET CE  HE1  sing N N 233 
MET CE  HE2  sing N N 234 
MET CE  HE3  sing N N 235 
MET OXT HXT  sing N N 236 
PHE N   CA   sing N N 237 
PHE N   H    sing N N 238 
PHE N   H2   sing N N 239 
PHE CA  C    sing N N 240 
PHE CA  CB   sing N N 241 
PHE CA  HA   sing N N 242 
PHE C   O    doub N N 243 
PHE C   OXT  sing N N 244 
PHE CB  CG   sing N N 245 
PHE CB  HB2  sing N N 246 
PHE CB  HB3  sing N N 247 
PHE CG  CD1  doub Y N 248 
PHE CG  CD2  sing Y N 249 
PHE CD1 CE1  sing Y N 250 
PHE CD1 HD1  sing N N 251 
PHE CD2 CE2  doub Y N 252 
PHE CD2 HD2  sing N N 253 
PHE CE1 CZ   doub Y N 254 
PHE CE1 HE1  sing N N 255 
PHE CE2 CZ   sing Y N 256 
PHE CE2 HE2  sing N N 257 
PHE CZ  HZ   sing N N 258 
PHE OXT HXT  sing N N 259 
PRO N   CA   sing N N 260 
PRO N   CD   sing N N 261 
PRO N   H    sing N N 262 
PRO CA  C    sing N N 263 
PRO CA  CB   sing N N 264 
PRO CA  HA   sing N N 265 
PRO C   O    doub N N 266 
PRO C   OXT  sing N N 267 
PRO CB  CG   sing N N 268 
PRO CB  HB2  sing N N 269 
PRO CB  HB3  sing N N 270 
PRO CG  CD   sing N N 271 
PRO CG  HG2  sing N N 272 
PRO CG  HG3  sing N N 273 
PRO CD  HD2  sing N N 274 
PRO CD  HD3  sing N N 275 
PRO OXT HXT  sing N N 276 
SER N   CA   sing N N 277 
SER N   H    sing N N 278 
SER N   H2   sing N N 279 
SER CA  C    sing N N 280 
SER CA  CB   sing N N 281 
SER CA  HA   sing N N 282 
SER C   O    doub N N 283 
SER C   OXT  sing N N 284 
SER CB  OG   sing N N 285 
SER CB  HB2  sing N N 286 
SER CB  HB3  sing N N 287 
SER OG  HG   sing N N 288 
SER OXT HXT  sing N N 289 
SET N   CA   sing N N 290 
SET N   H    sing N N 291 
SET N   H2   sing N N 292 
SET CA  CB   sing N N 293 
SET CA  C    sing N N 294 
SET CA  HA   sing N N 295 
SET CB  OG   sing N N 296 
SET CB  HB2  sing N N 297 
SET CB  HB3  sing N N 298 
SET OG  HG   sing N N 299 
SET NT  C    sing N N 300 
SET NT  HNT1 sing N N 301 
SET NT  HNT2 sing N N 302 
SET C   O    doub N N 303 
SO4 S   O1   doub N N 304 
SO4 S   O2   doub N N 305 
SO4 S   O3   sing N N 306 
SO4 S   O4   sing N N 307 
THR N   CA   sing N N 308 
THR N   H    sing N N 309 
THR N   H2   sing N N 310 
THR CA  C    sing N N 311 
THR CA  CB   sing N N 312 
THR CA  HA   sing N N 313 
THR C   O    doub N N 314 
THR C   OXT  sing N N 315 
THR CB  OG1  sing N N 316 
THR CB  CG2  sing N N 317 
THR CB  HB   sing N N 318 
THR OG1 HG1  sing N N 319 
THR CG2 HG21 sing N N 320 
THR CG2 HG22 sing N N 321 
THR CG2 HG23 sing N N 322 
THR OXT HXT  sing N N 323 
TYR N   CA   sing N N 324 
TYR N   H    sing N N 325 
TYR N   H2   sing N N 326 
TYR CA  C    sing N N 327 
TYR CA  CB   sing N N 328 
TYR CA  HA   sing N N 329 
TYR C   O    doub N N 330 
TYR C   OXT  sing N N 331 
TYR CB  CG   sing N N 332 
TYR CB  HB2  sing N N 333 
TYR CB  HB3  sing N N 334 
TYR CG  CD1  doub Y N 335 
TYR CG  CD2  sing Y N 336 
TYR CD1 CE1  sing Y N 337 
TYR CD1 HD1  sing N N 338 
TYR CD2 CE2  doub Y N 339 
TYR CD2 HD2  sing N N 340 
TYR CE1 CZ   doub Y N 341 
TYR CE1 HE1  sing N N 342 
TYR CE2 CZ   sing Y N 343 
TYR CE2 HE2  sing N N 344 
TYR CZ  OH   sing N N 345 
TYR OH  HH   sing N N 346 
TYR OXT HXT  sing N N 347 
VAL N   CA   sing N N 348 
VAL N   H    sing N N 349 
VAL N   H2   sing N N 350 
VAL CA  C    sing N N 351 
VAL CA  CB   sing N N 352 
VAL CA  HA   sing N N 353 
VAL C   O    doub N N 354 
VAL C   OXT  sing N N 355 
VAL CB  CG1  sing N N 356 
VAL CB  CG2  sing N N 357 
VAL CB  HB   sing N N 358 
VAL CG1 HG11 sing N N 359 
VAL CG1 HG12 sing N N 360 
VAL CG1 HG13 sing N N 361 
VAL CG2 HG21 sing N N 362 
VAL CG2 HG22 sing N N 363 
VAL CG2 HG23 sing N N 364 
VAL OXT HXT  sing N N 365 
# 
_atom_sites.entry_id                    1D5H 
_atom_sites.fract_transf_matrix[1][1]   0.00609863 
_atom_sites.fract_transf_matrix[1][2]   -0.01967388 
_atom_sites.fract_transf_matrix[1][3]   0.01557975 
_atom_sites.fract_transf_matrix[2][1]   -0.01839963 
_atom_sites.fract_transf_matrix[2][2]   -0.01168397 
_atom_sites.fract_transf_matrix[2][3]   0.01385354 
_atom_sites.fract_transf_matrix[3][1]   -0.00160690 
_atom_sites.fract_transf_matrix[3][2]   -0.00658865 
_atom_sites.fract_transf_matrix[3][3]   -0.00769104 
_atom_sites.fract_transf_vector[1]      -0.411927 
_atom_sites.fract_transf_vector[2]      -0.220680 
_atom_sites.fract_transf_vector[3]      0.079447 
# 
loop_
_atom_type.symbol 
C 
H 
N 
O 
S 
# 
loop_
_atom_site.group_PDB 
_atom_site.id 
_atom_site.type_symbol 
_atom_site.label_atom_id 
_atom_site.label_alt_id 
_atom_site.label_comp_id 
_atom_site.label_asym_id 
_atom_site.label_entity_id 
_atom_site.label_seq_id 
_atom_site.pdbx_PDB_ins_code 
_atom_site.Cartn_x 
_atom_site.Cartn_y 
_atom_site.Cartn_z 
_atom_site.occupancy 
_atom_site.B_iso_or_equiv 
_atom_site.pdbx_formal_charge 
_atom_site.auth_seq_id 
_atom_site.auth_comp_id 
_atom_site.auth_asym_id 
_atom_site.auth_atom_id 
_atom_site.pdbx_PDB_model_num 
ATOM   1    N N    . LYS A 1 1   ? -14.706 -15.361 -1.202  1.00 43.98 ? 1   LYS A N    1 
ATOM   2    C CA   . LYS A 1 1   ? -14.288 -14.201 -0.375  1.00 40.41 ? 1   LYS A CA   1 
ATOM   3    C C    . LYS A 1 1   ? -12.931 -13.703 -0.865  1.00 35.75 ? 1   LYS A C    1 
ATOM   4    O O    . LYS A 1 1   ? -12.228 -14.381 -1.612  1.00 35.30 ? 1   LYS A O    1 
ATOM   5    C CB   . LYS A 1 1   ? -14.215 -14.592 1.111   1.00 43.90 ? 1   LYS A CB   1 
ATOM   6    C CG   . LYS A 1 1   ? -14.065 -13.395 2.078   1.00 49.36 ? 1   LYS A CG   1 
ATOM   7    C CD   . LYS A 1 1   ? -15.239 -12.402 1.992   1.00 50.31 ? 1   LYS A CD   1 
ATOM   8    C CE   . LYS A 1 1   ? -14.768 -10.994 1.670   1.00 48.95 ? 1   LYS A CE   1 
ATOM   9    N NZ   . LYS A 1 1   ? -15.404 -10.568 0.498   1.00 48.69 ? 1   LYS A NZ   1 
ATOM   10   H H1   . LYS A 1 1   ? -13.929 -16.049 -1.151  1.00 0.00  ? 1   LYS A H1   1 
ATOM   11   H H2   . LYS A 1 1   ? -14.750 -15.030 -2.191  1.00 0.00  ? 1   LYS A H2   1 
ATOM   12   H H3   . LYS A 1 1   ? -15.618 -15.764 -0.905  1.00 0.00  ? 1   LYS A H3   1 
ATOM   13   H HZ1  . LYS A 1 1   ? -15.032 -9.519  0.276   1.00 0.00  ? 1   LYS A HZ1  1 
ATOM   14   H HZ2  . LYS A 1 1   ? -16.472 -10.441 0.556   1.00 0.00  ? 1   LYS A HZ2  1 
ATOM   15   H HZ3  . LYS A 1 1   ? -15.203 -11.086 -0.387  1.00 0.00  ? 1   LYS A HZ3  1 
ATOM   16   N N    . GLU A 1 2   ? -12.578 -12.510 -0.419  1.00 30.57 ? 2   GLU A N    1 
ATOM   17   C CA   . GLU A 1 2   ? -11.361 -11.813 -0.800  1.00 25.74 ? 2   GLU A CA   1 
ATOM   18   C C    . GLU A 1 2   ? -9.991  -12.439 -0.547  1.00 23.09 ? 2   GLU A C    1 
ATOM   19   O O    . GLU A 1 2   ? -9.618  -12.714 0.594   1.00 25.16 ? 2   GLU A O    1 
ATOM   20   C CB   . GLU A 1 2   ? -11.398 -10.439 -0.151  1.04 22.97 ? 2   GLU A CB   1 
ATOM   21   C CG   . GLU A 1 2   ? -10.486 -9.442  -0.753  1.00 24.55 ? 2   GLU A CG   1 
ATOM   22   C CD   . GLU A 1 2   ? -10.559 -8.113  -0.051  1.00 24.27 ? 2   GLU A CD   1 
ATOM   23   O OE1  . GLU A 1 2   ? -10.383 -8.066  1.192   1.00 23.29 ? 2   GLU A OE1  1 
ATOM   24   O OE2  . GLU A 1 2   ? -10.807 -7.107  -0.748  1.00 23.50 ? 2   GLU A OE2  1 
ATOM   25   H H    . GLU A 1 2   ? -13.134 -12.032 0.222   1.00 0.00  ? 2   GLU A H    1 
ATOM   26   N N    . THR A 1 3   ? -9.233  -12.624 -1.621  1.00 18.63 ? 3   THR A N    1 
ATOM   27   C CA   . THR A 1 3   ? -7.883  -13.175 -1.539  1.00 16.86 ? 3   THR A CA   1 
ATOM   28   C C    . THR A 1 3   ? -6.928  -12.084 -1.025  1.00 16.12 ? 3   THR A C    1 
ATOM   29   O O    . THR A 1 3   ? -7.330  -10.936 -0.844  1.00 14.55 ? 3   THR A O    1 
ATOM   30   C CB   . THR A 1 3   ? -7.380  -13.649 -2.927  0.76 17.31 ? 3   THR A CB   1 
ATOM   31   O OG1  . THR A 1 3   ? -7.257  -12.519 -3.792  1.00 17.11 ? 3   THR A OG1  1 
ATOM   32   C CG2  . THR A 1 3   ? -8.343  -14.625 -3.552  1.00 13.43 ? 3   THR A CG2  1 
ATOM   33   H H    . THR A 1 3   ? -9.593  -12.399 -2.505  1.00 0.00  ? 3   THR A H    1 
ATOM   34   H HG1  . THR A 1 3   ? -7.306  -12.821 -4.716  1.00 0.00  ? 3   THR A HG1  1 
ATOM   35   N N    . ALA A 1 4   ? -5.677  -12.461 -0.769  1.00 15.63 ? 4   ALA A N    1 
ATOM   36   C CA   . ALA A 1 4   ? -4.654  -11.537 -0.278  1.00 12.22 ? 4   ALA A CA   1 
ATOM   37   C C    . ALA A 1 4   ? -4.208  -10.582 -1.360  1.00 10.98 ? 4   ALA A C    1 
ATOM   38   O O    . ALA A 1 4   ? -3.857  -9.437  -1.076  1.00 12.93 ? 4   ALA A O    1 
ATOM   39   C CB   . ALA A 1 4   ? -3.440  -12.306 0.224   0.79 11.98 ? 4   ALA A CB   1 
ATOM   40   H H    . ALA A 1 4   ? -5.417  -13.389 -0.930  1.00 0.00  ? 4   ALA A H    1 
ATOM   41   N N    . ALA A 1 5   ? -4.194  -11.064 -2.593  1.00 12.06 ? 5   ALA A N    1 
ATOM   42   C CA   . ALA A 1 5   ? -3.790  -10.228 -3.701  1.00 9.52  ? 5   ALA A CA   1 
ATOM   43   C C    . ALA A 1 5   ? -4.877  -9.224  -4.039  1.00 7.54  ? 5   ALA A C    1 
ATOM   44   O O    . ALA A 1 5   ? -4.557  -8.088  -4.358  1.00 11.03 ? 5   ALA A O    1 
ATOM   45   C CB   . ALA A 1 5   ? -3.457  -11.077 -4.925  1.02 9.01  ? 5   ALA A CB   1 
ATOM   46   H H    . ALA A 1 5   ? -4.436  -12.004 -2.719  1.00 0.00  ? 5   ALA A H    1 
ATOM   47   N N    . ALA A 1 6   ? -6.150  -9.628  -3.977  1.00 9.30  ? 6   ALA A N    1 
ATOM   48   C CA   . ALA A 1 6   ? -7.256  -8.719  -4.255  1.00 8.38  ? 6   ALA A CA   1 
ATOM   49   C C    . ALA A 1 6   ? -7.364  -7.688  -3.137  1.00 9.15  ? 6   ALA A C    1 
ATOM   50   O O    . ALA A 1 6   ? -7.708  -6.530  -3.381  1.00 8.21  ? 6   ALA A O    1 
ATOM   51   C CB   . ALA A 1 6   ? -8.558  -9.503  -4.348  1.00 7.44  ? 6   ALA A CB   1 
ATOM   52   H H    . ALA A 1 6   ? -6.357  -10.560 -3.737  1.00 0.00  ? 6   ALA A H    1 
ATOM   53   N N    . LYS A 1 7   ? -7.105  -8.124  -1.911  1.00 10.16 ? 7   LYS A N    1 
ATOM   54   C CA   . LYS A 1 7   ? -7.155  -7.225  -0.777  1.00 11.00 ? 7   LYS A CA   1 
ATOM   55   C C    . LYS A 1 7   ? -6.065  -6.155  -0.914  1.00 12.36 ? 7   LYS A C    1 
ATOM   56   O O    . LYS A 1 7   ? -6.319  -4.966  -0.678  1.00 10.93 ? 7   LYS A O    1 
ATOM   57   C CB   . LYS A 1 7   ? -6.989  -8.013  0.527   1.00 10.13 ? 7   LYS A CB   1 
ATOM   58   C CG   . LYS A 1 7   ? -7.101  -7.143  1.771   1.00 13.76 ? 7   LYS A CG   1 
ATOM   59   C CD   . LYS A 1 7   ? -6.556  -7.871  2.976   1.00 13.12 ? 7   LYS A CD   1 
ATOM   60   C CE   . LYS A 1 7   ? -6.544  -7.008  4.221   1.00 18.95 ? 7   LYS A CE   1 
ATOM   61   N NZ   . LYS A 1 7   ? -5.780  -7.668  5.339   1.00 24.92 ? 7   LYS A NZ   1 
ATOM   62   H H    . LYS A 1 7   ? -6.889  -9.066  -1.758  1.00 0.00  ? 7   LYS A H    1 
ATOM   63   H HZ1  . LYS A 1 7   ? -6.235  -8.575  5.567   1.00 0.00  ? 7   LYS A HZ1  1 
ATOM   64   H HZ2  . LYS A 1 7   ? -5.781  -7.058  6.179   1.00 0.00  ? 7   LYS A HZ2  1 
ATOM   65   H HZ3  . LYS A 1 7   ? -4.801  -7.843  5.032   1.00 0.00  ? 7   LYS A HZ3  1 
ATOM   66   N N    . ALA A 1 8   ? -4.854  -6.578  -1.277  1.00 12.95 ? 8   ALA A N    1 
ATOM   67   C CA   . ALA A 1 8   ? -3.724  -5.663  -1.465  1.00 11.35 ? 8   ALA A CA   1 
ATOM   68   C C    . ALA A 1 8   ? -4.038  -4.595  -2.516  1.00 11.32 ? 8   ALA A C    1 
ATOM   69   O O    . ALA A 1 8   ? -3.714  -3.424  -2.328  1.00 10.63 ? 8   ALA A O    1 
ATOM   70   C CB   . ALA A 1 8   ? -2.472  -6.457  -1.882  1.00 9.14  ? 8   ALA A CB   1 
ATOM   71   H H    . ALA A 1 8   ? -4.693  -7.532  -1.439  1.00 0.00  ? 8   ALA A H    1 
ATOM   72   N N    . GLU A 1 9   ? -4.629  -5.007  -3.635  1.00 12.62 ? 9   GLU A N    1 
ATOM   73   C CA   . GLU A 1 9   ? -5.009  -4.074  -4.694  1.00 10.57 ? 9   GLU A CA   1 
ATOM   74   C C    . GLU A 1 9   ? -6.069  -3.098  -4.223  1.00 9.26  ? 9   GLU A C    1 
ATOM   75   O O    . GLU A 1 9   ? -6.040  -1.925  -4.580  1.00 11.99 ? 9   GLU A O    1 
ATOM   76   C CB   . GLU A 1 9   ? -5.543  -4.840  -5.920  1.00 12.51 ? 9   GLU A CB   1 
ATOM   77   C CG   . GLU A 1 9   ? -4.523  -5.788  -6.541  1.00 17.23 ? 9   GLU A CG   1 
ATOM   78   C CD   . GLU A 1 9   ? -5.114  -6.701  -7.608  1.00 15.98 ? 9   GLU A CD   1 
ATOM   79   O OE1  . GLU A 1 9   ? -6.308  -7.053  -7.507  1.00 18.67 ? 9   GLU A OE1  1 
ATOM   80   O OE2  . GLU A 1 9   ? -4.384  -7.059  -8.553  1.00 21.18 ? 9   GLU A OE2  1 
ATOM   81   H H    . GLU A 1 9   ? -4.802  -5.974  -3.743  1.00 0.00  ? 9   GLU A H    1 
ATOM   82   N N    . ARG A 1 10  ? -7.022  -3.582  -3.442  1.00 7.85  ? 10  ARG A N    1 
ATOM   83   C CA   . ARG A 1 10  ? -8.083  -2.709  -2.958  1.00 6.75  ? 10  ARG A CA   1 
ATOM   84   C C    . ARG A 1 10  ? -7.542  -1.701  -1.933  1.00 6.00  ? 10  ARG A C    1 
ATOM   85   O O    . ARG A 1 10  ? -7.942  -0.535  -1.923  1.00 4.23  ? 10  ARG A O    1 
ATOM   86   C CB   . ARG A 1 10  ? -9.209  -3.545  -2.329  1.00 5.30  ? 10  ARG A CB   1 
ATOM   87   C CG   . ARG A 1 10  ? -10.254 -2.705  -1.619  1.00 2.08  ? 10  ARG A CG   1 
ATOM   88   C CD   . ARG A 1 10  ? -11.344 -3.544  -1.000  1.00 2.00  ? 10  ARG A CD   1 
ATOM   89   N NE   . ARG A 1 10  ? -10.800 -4.523  -0.076  1.00 7.96  ? 10  ARG A NE   1 
ATOM   90   C CZ   . ARG A 1 10  ? -10.690 -4.343  1.233   1.00 11.80 ? 10  ARG A CZ   1 
ATOM   91   N NH1  . ARG A 1 10  ? -10.197 -5.310  1.993   1.00 10.56 ? 10  ARG A NH1  1 
ATOM   92   N NH2  . ARG A 1 10  ? -10.953 -3.159  1.774   1.00 14.62 ? 10  ARG A NH2  1 
ATOM   93   H H    . ARG A 1 10  ? -7.014  -4.537  -3.180  1.00 0.00  ? 10  ARG A H    1 
ATOM   94   H HE   . ARG A 1 10  ? -10.455 -5.338  -0.457  1.00 0.00  ? 10  ARG A HE   1 
ATOM   95   H HH11 . ARG A 1 10  ? -10.133 -5.188  2.984   1.00 0.00  ? 10  ARG A HH11 1 
ATOM   96   H HH12 . ARG A 1 10  ? -9.954  -6.184  1.583   1.00 0.00  ? 10  ARG A HH12 1 
ATOM   97   H HH21 . ARG A 1 10  ? -10.846 -3.039  2.767   1.00 0.00  ? 10  ARG A HH21 1 
ATOM   98   H HH22 . ARG A 1 10  ? -11.223 -2.380  1.224   1.00 0.00  ? 10  ARG A HH22 1 
ATOM   99   N N    . GLN A 1 11  ? -6.625  -2.131  -1.083  1.00 6.00  ? 11  GLN A N    1 
ATOM   100  C CA   . GLN A 1 11  ? -6.114  -1.221  -0.079  1.00 9.84  ? 11  GLN A CA   1 
ATOM   101  C C    . GLN A 1 11  ? -4.992  -0.332  -0.544  1.00 7.86  ? 11  GLN A C    1 
ATOM   102  O O    . GLN A 1 11  ? -4.768  0.711   0.060   1.00 8.80  ? 11  GLN A O    1 
ATOM   103  C CB   . GLN A 1 11  ? -5.615  -1.989  1.148   1.00 10.84 ? 11  GLN A CB   1 
ATOM   104  C CG   . GLN A 1 11  ? -6.684  -2.636  2.018   1.00 19.16 ? 11  GLN A CG   1 
ATOM   105  C CD   . GLN A 1 11  ? -6.088  -3.286  3.264   1.00 23.46 ? 11  GLN A CD   1 
ATOM   106  O OE1  . GLN A 1 11  ? -6.605  -3.119  4.374   1.00 24.79 ? 11  GLN A OE1  1 
ATOM   107  N NE2  . GLN A 1 11  ? -4.986  -4.021  3.086   1.00 24.22 ? 11  GLN A NE2  1 
ATOM   108  H H    . GLN A 1 11  ? -6.299  -3.053  -1.154  1.00 0.00  ? 11  GLN A H    1 
ATOM   109  H HE21 . GLN A 1 11  ? -4.599  -4.216  2.213   1.00 0.00  ? 11  GLN A HE21 1 
ATOM   110  H HE22 . GLN A 1 11  ? -4.575  -4.398  3.890   1.00 0.00  ? 11  GLN A HE22 1 
ATOM   111  N N    . HIS A 1 12  ? -4.299  -0.697  -1.619  1.00 9.05  ? 12  HIS A N    1 
ATOM   112  C CA   . HIS A 1 12  ? -3.165  0.124   -2.043  1.00 7.79  ? 12  HIS A CA   1 
ATOM   113  C C    . HIS A 1 12  ? -3.080  0.652   -3.457  1.00 10.47 ? 12  HIS A C    1 
ATOM   114  O O    . HIS A 1 12  ? -2.326  1.592   -3.697  1.00 15.45 ? 12  HIS A O    1 
ATOM   115  C CB   . HIS A 1 12  ? -1.860  -0.613  -1.783  1.00 4.35  ? 12  HIS A CB   1 
ATOM   116  C CG   . HIS A 1 12  ? -1.729  -1.115  -0.381  1.00 6.31  ? 12  HIS A CG   1 
ATOM   117  N ND1  . HIS A 1 12  ? -1.514  -0.278  0.690   1.00 6.78  ? 12  HIS A ND1  1 
ATOM   118  C CD2  . HIS A 1 12  ? -1.725  -2.377  0.127   1.00 3.78  ? 12  HIS A CD2  1 
ATOM   119  C CE1  . HIS A 1 12  ? -1.398  -0.991  1.801   1.00 7.34  ? 12  HIS A CE1  1 
ATOM   120  N NE2  . HIS A 1 12  ? -1.519  -2.274  1.476   1.00 6.60  ? 12  HIS A NE2  1 
ATOM   121  H H    . HIS A 1 12  ? -4.547  -1.504  -2.114  1.00 0.00  ? 12  HIS A H    1 
ATOM   122  H HD1  . HIS A 1 12  ? -1.504  0.703   0.635   1.00 0.00  ? 12  HIS A HD1  1 
ATOM   123  H HE2  . HIS A 1 12  ? -1.480  -3.010  2.128   1.00 0.00  ? 12  HIS A HE2  1 
ATOM   124  N N    . MET A 1 13  ? -3.910  0.120   -4.508  1.00 15.30 ? 13  MET A N    1 
ATOM   125  C CA   . MET A 1 13  ? -3.869  0.573   -5.893  1.00 14.64 ? 13  MET A CA   1 
ATOM   126  C C    . MET A 1 13  ? -4.814  1.714   -6.263  1.00 17.37 ? 13  MET A C    1 
ATOM   127  O O    . MET A 1 13  ? -5.997  1.700   -5.926  1.00 17.53 ? 13  MET A O    1 
ATOM   128  C CB   . MET A 1 13  ? -4.122  -0.608  -6.833  1.00 12.54 ? 13  MET A CB   1 
ATOM   129  C CG   . MET A 1 13  ? -3.003  -1.639  -6.857  1.00 15.51 ? 13  MET A CG   1 
ATOM   130  S SD   . MET A 1 13  ? -1.388  -0.930  -7.238  1.00 22.24 ? 13  MET A SD   1 
ATOM   131  C CE   . MET A 1 13  ? -1.718  -0.125  -8.801  1.00 18.69 ? 13  MET A CE   1 
ATOM   132  H H    . MET A 1 13  ? -4.533  -0.592  -4.252  1.00 0.00  ? 13  MET A H    1 
ATOM   133  N N    . ASP A 1 14  ? -4.137  2.740   -6.732  1.00 10.91 ? 14  ASP A N    1 
ATOM   134  C CA   . ASP A 1 14  ? -4.981  3.807   -7.227  1.00 14.34 ? 14  ASP A CA   1 
ATOM   135  C C    . ASP A 1 14  ? -4.320  4.212   -8.519  1.00 18.92 ? 14  ASP A C    1 
ATOM   136  O O    . ASP A 1 14  ? -3.797  5.318   -8.664  1.00 18.64 ? 14  ASP A O    1 
ATOM   137  C CB   . ASP A 1 14  ? -5.069  4.997   -6.282  1.00 11.44 ? 14  ASP A CB   1 
ATOM   138  C CG   . ASP A 1 14  ? -5.999  6.065   -6.805  1.00 11.21 ? 14  ASP A CG   1 
ATOM   139  O OD1  . ASP A 1 14  ? -6.765  5.770   -7.748  1.00 13.39 ? 14  ASP A OD1  1 
ATOM   140  O OD2  . ASP A 1 14  ? -5.981  7.200   -6.292  1.00 10.62 ? 14  ASP A OD2  1 
ATOM   141  H H    . ASP A 1 14  ? -3.170  2.787   -6.813  1.00 0.00  ? 14  ASP A H    1 
HETATM 142  N N    . SET A 1 15  ? -4.367  3.281   -9.459  1.00 23.10 ? 15  SET A N    1 
HETATM 143  C CA   . SET A 1 15  ? -3.772  3.431   -10.781 1.00 27.94 ? 15  SET A CA   1 
HETATM 144  C CB   . SET A 1 15  ? -4.247  2.286   -11.680 1.00 28.24 ? 15  SET A CB   1 
HETATM 145  O OG   . SET A 1 15  ? -5.655  2.091   -11.555 1.00 31.69 ? 15  SET A OG   1 
HETATM 146  N NT   . SET A 1 15  ? -3.166  5.459   -11.960 1.00 35.76 ? 15  SET A NT   1 
HETATM 147  C C    . SET A 1 15  ? -4.154  4.772   -11.395 1.00 31.65 ? 15  SET A C    1 
HETATM 148  O O    . SET A 1 15  ? -5.319  5.176   -11.358 1.00 31.43 ? 15  SET A O    1 
HETATM 149  H HG   . SET A 1 15  ? -6.077  2.954   -11.564 1.00 0.00  ? 15  SET A HG   1 
HETATM 150  H HNT1 . SET A 1 15  ? -3.394  6.289   -12.422 1.00 0.00  ? 15  SET A HNT1 1 
HETATM 151  H HNT2 . SET A 1 15  ? -2.255  5.103   -11.905 1.00 0.00  ? 15  SET A HNT2 1 
ATOM   152  N N    . ASN B 2 1   ? -10.353 16.123  1.405   1.00 20.91 ? 24  ASN B N    1 
ATOM   153  C CA   . ASN B 2 1   ? -9.101  15.393  1.737   1.00 20.25 ? 24  ASN B CA   1 
ATOM   154  C C    . ASN B 2 1   ? -9.085  14.066  0.972   1.00 17.01 ? 24  ASN B C    1 
ATOM   155  O O    . ASN B 2 1   ? -9.916  13.193  1.212   1.00 16.44 ? 24  ASN B O    1 
ATOM   156  C CB   . ASN B 2 1   ? -9.052  15.137  3.256   1.00 22.91 ? 24  ASN B CB   1 
ATOM   157  C CG   . ASN B 2 1   ? -7.692  14.639  3.753   1.00 19.88 ? 24  ASN B CG   1 
ATOM   158  O OD1  . ASN B 2 1   ? -7.117  13.713  3.203   1.00 18.33 ? 24  ASN B OD1  1 
ATOM   159  N ND2  . ASN B 2 1   ? -7.194  15.253  4.820   1.00 21.23 ? 24  ASN B ND2  1 
ATOM   160  H H1   . ASN B 2 1   ? -10.419 17.025  1.917   1.00 0.00  ? 24  ASN B H1   1 
ATOM   161  H H2   . ASN B 2 1   ? -11.129 15.479  1.657   1.00 0.00  ? 24  ASN B H2   1 
ATOM   162  H H3   . ASN B 2 1   ? -10.384 16.286  0.380   1.00 0.00  ? 24  ASN B H3   1 
ATOM   163  H HD21 . ASN B 2 1   ? -7.694  15.981  5.245   1.00 0.00  ? 24  ASN B HD21 1 
ATOM   164  H HD22 . ASN B 2 1   ? -6.324  14.950  5.152   1.00 0.00  ? 24  ASN B HD22 1 
ATOM   165  N N    . TYR B 2 2   ? -8.139  13.916  0.053   1.00 13.92 ? 25  TYR B N    1 
ATOM   166  C CA   . TYR B 2 2   ? -8.000  12.687  -0.732  1.00 12.11 ? 25  TYR B CA   1 
ATOM   167  C C    . TYR B 2 2   ? -7.931  11.426  0.132   1.00 11.76 ? 25  TYR B C    1 
ATOM   168  O O    . TYR B 2 2   ? -8.609  10.436  -0.143  1.00 14.49 ? 25  TYR B O    1 
ATOM   169  C CB   . TYR B 2 2   ? -6.745  12.785  -1.627  1.00 13.08 ? 25  TYR B CB   1 
ATOM   170  C CG   . TYR B 2 2   ? -6.316  11.467  -2.269  1.00 9.78  ? 25  TYR B CG   1 
ATOM   171  C CD1  . TYR B 2 2   ? -6.840  11.047  -3.504  1.00 8.72  ? 25  TYR B CD1  1 
ATOM   172  C CD2  . TYR B 2 2   ? -5.415  10.629  -1.615  1.00 12.12 ? 25  TYR B CD2  1 
ATOM   173  C CE1  . TYR B 2 2   ? -6.465  9.805   -4.060  1.00 9.95  ? 25  TYR B CE1  1 
ATOM   174  C CE2  . TYR B 2 2   ? -5.041  9.396   -2.151  1.00 9.89  ? 25  TYR B CE2  1 
ATOM   175  C CZ   . TYR B 2 2   ? -5.569  8.990   -3.365  1.00 11.56 ? 25  TYR B CZ   1 
ATOM   176  O OH   . TYR B 2 2   ? -5.207  7.756   -3.843  1.00 11.24 ? 25  TYR B OH   1 
ATOM   177  H H    . TYR B 2 2   ? -7.454  14.600  -0.085  1.00 0.00  ? 25  TYR B H    1 
ATOM   178  H HH   . TYR B 2 2   ? -5.987  7.381   -4.279  1.00 0.00  ? 25  TYR B HH   1 
ATOM   179  N N    . CYS B 2 3   ? -7.150  11.485  1.197   1.00 8.83  ? 26  CYS B N    1 
ATOM   180  C CA   . CYS B 2 3   ? -6.973  10.359  2.081   1.00 8.83  ? 26  CYS B CA   1 
ATOM   181  C C    . CYS B 2 3   ? -8.237  9.958   2.819   1.00 8.59  ? 26  CYS B C    1 
ATOM   182  O O    . CYS B 2 3   ? -8.500  8.779   3.015   1.00 10.25 ? 26  CYS B O    1 
ATOM   183  C CB   . CYS B 2 3   ? -5.880  10.645  3.101   1.00 7.21  ? 26  CYS B CB   1 
ATOM   184  S SG   . CYS B 2 3   ? -4.200  10.413  2.503   1.00 7.17  ? 26  CYS B SG   1 
ATOM   185  H H    . CYS B 2 3   ? -6.682  12.310  1.451   1.00 0.00  ? 26  CYS B H    1 
ATOM   186  N N    . ASN B 2 4   ? -8.968  10.944  3.310   1.00 9.03  ? 27  ASN B N    1 
ATOM   187  C CA   . ASN B 2 4   ? -10.202 10.696  4.032   1.00 11.09 ? 27  ASN B CA   1 
ATOM   188  C C    . ASN B 2 4   ? -11.232 10.089  3.113   1.00 13.66 ? 27  ASN B C    1 
ATOM   189  O O    . ASN B 2 4   ? -11.974 9.192   3.521   1.00 15.01 ? 27  ASN B O    1 
ATOM   190  C CB   . ASN B 2 4   ? -10.736 11.996  4.651   1.00 12.36 ? 27  ASN B CB   1 
ATOM   191  C CG   . ASN B 2 4   ? -9.952  12.436  5.904   1.00 14.93 ? 27  ASN B CG   1 
ATOM   192  O OD1  . ASN B 2 4   ? -8.758  12.207  6.015   1.00 18.54 ? 27  ASN B OD1  1 
ATOM   193  N ND2  . ASN B 2 4   ? -10.640 13.055  6.844   1.00 18.46 ? 27  ASN B ND2  1 
ATOM   194  H H    . ASN B 2 4   ? -8.665  11.855  3.127   1.00 0.00  ? 27  ASN B H    1 
ATOM   195  H HD21 . ASN B 2 4   ? -11.600 13.213  6.725   1.00 0.00  ? 27  ASN B HD21 1 
ATOM   196  H HD22 . ASN B 2 4   ? -10.156 13.340  7.645   1.00 0.00  ? 27  ASN B HD22 1 
ATOM   197  N N    . GLN B 2 5   ? -11.258 10.554  1.858   1.00 15.03 ? 28  GLN B N    1 
ATOM   198  C CA   . GLN B 2 5   ? -12.205 10.050  0.852   1.00 14.45 ? 28  GLN B CA   1 
ATOM   199  C C    . GLN B 2 5   ? -11.853 8.636   0.356   1.00 14.14 ? 28  GLN B C    1 
ATOM   200  O O    . GLN B 2 5   ? -12.724 7.766   0.265   1.00 13.91 ? 28  GLN B O    1 
ATOM   201  C CB   . GLN B 2 5   ? -12.280 11.019  -0.329  0.38 15.94 ? 28  GLN B CB   1 
ATOM   202  C CG   . GLN B 2 5   ? -13.687 11.535  -0.648  0.38 19.22 ? 28  GLN B CG   1 
ATOM   203  C CD   . GLN B 2 5   ? -14.402 10.713  -1.718  0.38 21.75 ? 28  GLN B CD   1 
ATOM   204  O OE1  . GLN B 2 5   ? -14.880 11.257  -2.714  0.38 22.29 ? 28  GLN B OE1  1 
ATOM   205  N NE2  . GLN B 2 5   ? -14.487 9.405   -1.512  0.38 24.26 ? 28  GLN B NE2  1 
ATOM   206  H H    . GLN B 2 5   ? -10.618 11.239  1.594   1.00 0.00  ? 28  GLN B H    1 
ATOM   207  H HE21 . GLN B 2 5   ? -14.101 9.011   -0.703  1.00 0.00  ? 28  GLN B HE21 1 
ATOM   208  H HE22 . GLN B 2 5   ? -14.944 8.869   -2.192  1.00 0.00  ? 28  GLN B HE22 1 
ATOM   209  N N    . MET B 2 6   ? -10.571 8.408   0.068   1.00 12.84 ? 29  MET B N    1 
ATOM   210  C CA   . MET B 2 6   ? -10.122 7.119   -0.434  1.00 12.02 ? 29  MET B CA   1 
ATOM   211  C C    . MET B 2 6   ? -10.100 6.004   0.623   1.00 12.57 ? 29  MET B C    1 
ATOM   212  O O    . MET B 2 6   ? -10.449 4.848   0.330   1.00 10.46 ? 29  MET B O    1 
ATOM   213  C CB   . MET B 2 6   ? -8.778  7.265   -1.124  0.52 8.34  ? 29  MET B CB   1 
ATOM   214  C CG   . MET B 2 6   ? -8.602  6.294   -2.258  0.52 5.96  ? 29  MET B CG   1 
ATOM   215  S SD   . MET B 2 6   ? -9.686  6.573   -3.670  0.52 5.54  ? 29  MET B SD   1 
ATOM   216  C CE   . MET B 2 6   ? -9.101  5.293   -4.659  0.52 4.87  ? 29  MET B CE   1 
ATOM   217  H H    . MET B 2 6   ? -9.922  9.120   0.196   1.00 0.00  ? 29  MET B H    1 
ATOM   218  N N    . MET B 2 7   ? -9.741  6.337   1.862   1.00 12.39 ? 30  MET B N    1 
ATOM   219  C CA   . MET B 2 7   ? -9.728  5.327   2.920   1.00 13.87 ? 30  MET B CA   1 
ATOM   220  C C    . MET B 2 7   ? -11.153 4.795   3.123   1.00 14.74 ? 30  MET B C    1 
ATOM   221  O O    . MET B 2 7   ? -11.365 3.611   3.381   1.00 15.84 ? 30  MET B O    1 
ATOM   222  C CB   . MET B 2 7   ? -9.229  5.931   4.225   1.00 12.01 ? 30  MET B CB   1 
ATOM   223  C CG   . MET B 2 7   ? -7.800  6.394   4.205   1.00 13.30 ? 30  MET B CG   1 
ATOM   224  S SD   . MET B 2 7   ? -6.618  5.075   4.279   1.00 15.23 ? 30  MET B SD   1 
ATOM   225  C CE   . MET B 2 7   ? -6.503  4.764   6.121   1.00 13.42 ? 30  MET B CE   1 
ATOM   226  H H    . MET B 2 7   ? -9.455  7.253   2.083   1.00 0.00  ? 30  MET B H    1 
ATOM   227  N N    . LYS B 2 8   ? -12.123 5.698   3.023   1.00 15.31 ? 31  LYS B N    1 
ATOM   228  C CA   . LYS B 2 8   ? -13.546 5.393   3.182   1.00 16.60 ? 31  LYS B CA   1 
ATOM   229  C C    . LYS B 2 8   ? -14.039 4.557   2.010   1.00 14.06 ? 31  LYS B C    1 
ATOM   230  O O    . LYS B 2 8   ? -14.491 3.423   2.195   1.00 12.57 ? 31  LYS B O    1 
ATOM   231  C CB   . LYS B 2 8   ? -14.347 6.697   3.214   1.00 19.07 ? 31  LYS B CB   1 
ATOM   232  C CG   . LYS B 2 8   ? -15.030 7.007   4.513   1.00 24.73 ? 31  LYS B CG   1 
ATOM   233  C CD   . LYS B 2 8   ? -16.237 6.131   4.710   1.00 28.64 ? 31  LYS B CD   1 
ATOM   234  C CE   . LYS B 2 8   ? -16.995 6.564   5.966   1.00 33.34 ? 31  LYS B CE   1 
ATOM   235  N NZ   . LYS B 2 8   ? -18.239 5.745   6.239   1.00 36.71 ? 31  LYS B NZ   1 
ATOM   236  H H    . LYS B 2 8   ? -11.879 6.629   2.858   1.00 0.00  ? 31  LYS B H    1 
ATOM   237  H HZ1  . LYS B 2 8   ? -17.979 4.745   6.346   1.00 0.00  ? 31  LYS B HZ1  1 
ATOM   238  H HZ2  . LYS B 2 8   ? -18.903 5.845   5.447   1.00 0.00  ? 31  LYS B HZ2  1 
ATOM   239  H HZ3  . LYS B 2 8   ? -18.697 6.074   7.111   1.00 0.00  ? 31  LYS B HZ3  1 
ATOM   240  N N    . SER B 2 9   ? -13.914 5.127   0.813   1.00 12.30 ? 32  SER B N    1 
ATOM   241  C CA   . SER B 2 9   ? -14.353 4.474   -0.422  1.00 15.49 ? 32  SER B CA   1 
ATOM   242  C C    . SER B 2 9   ? -13.819 3.062   -0.555  1.00 13.20 ? 32  SER B C    1 
ATOM   243  O O    . SER B 2 9   ? -14.538 2.159   -0.973  1.00 12.11 ? 32  SER B O    1 
ATOM   244  C CB   . SER B 2 9   ? -13.933 5.278   -1.665  1.00 18.68 ? 32  SER B CB   1 
ATOM   245  O OG   . SER B 2 9   ? -14.607 6.537   -1.745  1.00 29.43 ? 32  SER B OG   1 
ATOM   246  H H    . SER B 2 9   ? -13.532 6.028   0.732   1.00 0.00  ? 32  SER B H    1 
ATOM   247  H HG   . SER B 2 9   ? -15.510 6.293   -1.995  1.00 0.00  ? 32  SER B HG   1 
ATOM   248  N N    . ARG B 2 10  ? -12.559 2.874   -0.187  1.00 9.69  ? 33  ARG B N    1 
ATOM   249  C CA   . ARG B 2 10  ? -11.971 1.568   -0.284  1.00 8.91  ? 33  ARG B CA   1 
ATOM   250  C C    . ARG B 2 10  ? -12.287 0.662   0.904   1.00 10.59 ? 33  ARG B C    1 
ATOM   251  O O    . ARG B 2 10  ? -11.693 -0.386  1.039   1.00 11.70 ? 33  ARG B O    1 
ATOM   252  C CB   . ARG B 2 10  ? -10.469 1.677   -0.552  1.00 10.06 ? 33  ARG B CB   1 
ATOM   253  C CG   . ARG B 2 10  ? -10.138 2.280   -1.910  1.00 6.72  ? 33  ARG B CG   1 
ATOM   254  C CD   . ARG B 2 10  ? -10.603 1.387   -3.090  1.00 6.69  ? 33  ARG B CD   1 
ATOM   255  N NE   . ARG B 2 10  ? -10.206 1.962   -4.371  1.00 5.85  ? 33  ARG B NE   1 
ATOM   256  C CZ   . ARG B 2 10  ? -9.009  1.789   -4.930  1.00 4.18  ? 33  ARG B CZ   1 
ATOM   257  N NH1  . ARG B 2 10  ? -8.717  2.368   -6.073  1.00 4.09  ? 33  ARG B NH1  1 
ATOM   258  N NH2  . ARG B 2 10  ? -8.121  0.986   -4.367  1.00 9.65  ? 33  ARG B NH2  1 
ATOM   259  H H    . ARG B 2 10  ? -12.012 3.604   0.165   1.00 0.00  ? 33  ARG B H    1 
ATOM   260  H HE   . ARG B 2 10  ? -10.860 2.515   -4.848  1.00 0.00  ? 33  ARG B HE   1 
ATOM   261  H HH11 . ARG B 2 10  ? -9.396  2.945   -6.529  1.00 0.00  ? 33  ARG B HH11 1 
ATOM   262  H HH12 . ARG B 2 10  ? -7.818  2.233   -6.486  1.00 0.00  ? 33  ARG B HH12 1 
ATOM   263  H HH21 . ARG B 2 10  ? -8.347  0.506   -3.520  1.00 0.00  ? 33  ARG B HH21 1 
ATOM   264  H HH22 . ARG B 2 10  ? -7.224  0.858   -4.790  1.00 0.00  ? 33  ARG B HH22 1 
ATOM   265  N N    . ASN B 2 11  ? -13.224 1.047   1.766   1.00 11.70 ? 34  ASN B N    1 
ATOM   266  C CA   . ASN B 2 11  ? -13.587 0.196   2.902   1.00 12.11 ? 34  ASN B CA   1 
ATOM   267  C C    . ASN B 2 11  ? -12.478 0.006   3.947   1.00 14.01 ? 34  ASN B C    1 
ATOM   268  O O    . ASN B 2 11  ? -12.321 -1.083  4.543   1.00 12.88 ? 34  ASN B O    1 
ATOM   269  C CB   . ASN B 2 11  ? -14.070 -1.185  2.407   1.00 15.95 ? 34  ASN B CB   1 
ATOM   270  C CG   . ASN B 2 11  ? -14.625 -2.074  3.548   1.00 18.60 ? 34  ASN B CG   1 
ATOM   271  O OD1  . ASN B 2 11  ? -14.999 -1.575  4.619   1.00 18.29 ? 34  ASN B OD1  1 
ATOM   272  N ND2  . ASN B 2 11  ? -14.701 -3.393  3.301   1.00 20.36 ? 34  ASN B ND2  1 
ATOM   273  H H    . ASN B 2 11  ? -13.676 1.895   1.635   1.00 0.00  ? 34  ASN B H    1 
ATOM   274  H HD21 . ASN B 2 11  ? -14.414 -3.747  2.434   1.00 0.00  ? 34  ASN B HD21 1 
ATOM   275  H HD22 . ASN B 2 11  ? -15.050 -3.967  4.014   1.00 0.00  ? 34  ASN B HD22 1 
ATOM   276  N N    . LEU B 2 12  ? -11.673 1.040   4.165   1.00 12.68 ? 35  LEU B N    1 
ATOM   277  C CA   . LEU B 2 12  ? -10.630 0.902   5.164   1.00 9.75  ? 35  LEU B CA   1 
ATOM   278  C C    . LEU B 2 12  ? -11.085 1.532   6.469   1.00 10.58 ? 35  LEU B C    1 
ATOM   279  O O    . LEU B 2 12  ? -10.760 1.042   7.546   1.00 10.65 ? 35  LEU B O    1 
ATOM   280  C CB   . LEU B 2 12  ? -9.295  1.502   4.699   0.34 6.69  ? 35  LEU B CB   1 
ATOM   281  C CG   . LEU B 2 12  ? -8.502  0.772   3.608   0.34 5.53  ? 35  LEU B CG   1 
ATOM   282  C CD1  . LEU B 2 12  ? -8.840  1.312   2.256   0.34 3.71  ? 35  LEU B CD1  1 
ATOM   283  C CD2  . LEU B 2 12  ? -7.041  0.960   3.843   0.34 5.29  ? 35  LEU B CD2  1 
ATOM   284  H H    . LEU B 2 12  ? -11.773 1.842   3.629   1.00 0.00  ? 35  LEU B H    1 
ATOM   285  N N    . THR B 2 13  ? -11.857 2.604   6.381   1.00 8.95  ? 36  THR B N    1 
ATOM   286  C CA   . THR B 2 13  ? -12.300 3.261   7.593   1.00 10.03 ? 36  THR B CA   1 
ATOM   287  C C    . THR B 2 13  ? -13.798 3.355   7.723   1.00 13.50 ? 36  THR B C    1 
ATOM   288  O O    . THR B 2 13  ? -14.321 4.342   8.258   1.00 14.58 ? 36  THR B O    1 
ATOM   289  C CB   . THR B 2 13  ? -11.701 4.664   7.730   1.00 11.15 ? 36  THR B CB   1 
ATOM   290  O OG1  . THR B 2 13  ? -12.174 5.491   6.653   1.00 12.35 ? 36  THR B OG1  1 
ATOM   291  C CG2  . THR B 2 13  ? -10.177 4.597   7.701   1.00 9.82  ? 36  THR B CG2  1 
ATOM   292  H H    . THR B 2 13  ? -12.082 2.996   5.513   1.00 0.00  ? 36  THR B H    1 
ATOM   293  H HG1  . THR B 2 13  ? -13.024 5.802   6.971   1.00 0.00  ? 36  THR B HG1  1 
ATOM   294  N N    . LYS B 2 14  ? -14.497 2.354   7.197   1.00 13.85 ? 37  LYS B N    1 
ATOM   295  C CA   . LYS B 2 14  ? -15.941 2.310   7.302   1.00 16.14 ? 37  LYS B CA   1 
ATOM   296  C C    . LYS B 2 14  ? -16.345 1.775   8.671   1.00 15.52 ? 37  LYS B C    1 
ATOM   297  O O    . LYS B 2 14  ? -17.371 2.175   9.226   1.00 17.68 ? 37  LYS B O    1 
ATOM   298  C CB   . LYS B 2 14  ? -16.537 1.471   6.176   1.00 20.41 ? 37  LYS B CB   1 
ATOM   299  C CG   . LYS B 2 14  ? -16.645 2.252   4.858   1.00 25.04 ? 37  LYS B CG   1 
ATOM   300  C CD   . LYS B 2 14  ? -17.259 1.396   3.740   1.00 25.27 ? 37  LYS B CD   1 
ATOM   301  C CE   . LYS B 2 14  ? -17.757 2.242   2.576   1.00 24.16 ? 37  LYS B CE   1 
ATOM   302  N NZ   . LYS B 2 14  ? -19.052 2.879   2.916   1.00 30.24 ? 37  LYS B NZ   1 
ATOM   303  H H    . LYS B 2 14  ? -14.050 1.613   6.736   1.00 0.00  ? 37  LYS B H    1 
ATOM   304  H HZ1  . LYS B 2 14  ? -19.382 3.419   2.094   1.00 0.00  ? 37  LYS B HZ1  1 
ATOM   305  H HZ2  . LYS B 2 14  ? -18.939 3.513   3.729   1.00 0.00  ? 37  LYS B HZ2  1 
ATOM   306  H HZ3  . LYS B 2 14  ? -19.752 2.144   3.140   1.00 0.00  ? 37  LYS B HZ3  1 
ATOM   307  N N    . ASP B 2 15  ? -15.535 0.870   9.218   1.00 15.64 ? 38  ASP B N    1 
ATOM   308  C CA   . ASP B 2 15  ? -15.807 0.300   10.537  1.00 15.69 ? 38  ASP B CA   1 
ATOM   309  C C    . ASP B 2 15  ? -14.664 0.456   11.542  1.00 14.09 ? 38  ASP B C    1 
ATOM   310  O O    . ASP B 2 15  ? -14.636 -0.247  12.557  1.00 10.43 ? 38  ASP B O    1 
ATOM   311  C CB   . ASP B 2 15  ? -16.238 -1.184  10.444  1.00 16.10 ? 38  ASP B CB   1 
ATOM   312  C CG   . ASP B 2 15  ? -15.246 -2.088  9.679   1.00 17.94 ? 38  ASP B CG   1 
ATOM   313  O OD1  . ASP B 2 15  ? -15.743 -3.115  9.158   1.00 21.95 ? 38  ASP B OD1  1 
ATOM   314  O OD2  . ASP B 2 15  ? -14.012 -1.833  9.607   1.00 19.19 ? 38  ASP B OD2  1 
ATOM   315  H H    . ASP B 2 15  ? -14.766 0.563   8.700   1.00 0.00  ? 38  ASP B H    1 
ATOM   316  N N    . ARG B 2 16  ? -13.774 1.421   11.296  1.00 14.08 ? 39  ARG B N    1 
ATOM   317  C CA   . ARG B 2 16  ? -12.632 1.639   12.173  1.00 16.07 ? 39  ARG B CA   1 
ATOM   318  C C    . ARG B 2 16  ? -11.677 2.643   11.521  1.00 15.53 ? 39  ARG B C    1 
ATOM   319  O O    . ARG B 2 16  ? -11.812 2.947   10.346  1.00 14.12 ? 39  ARG B O    1 
ATOM   320  C CB   . ARG B 2 16  ? -11.907 0.307   12.341  1.00 19.37 ? 39  ARG B CB   1 
ATOM   321  C CG   . ARG B 2 16  ? -10.453 0.404   12.704  1.00 30.68 ? 39  ARG B CG   1 
ATOM   322  C CD   . ARG B 2 16  ? -9.730  -0.873  12.359  1.00 34.79 ? 39  ARG B CD   1 
ATOM   323  N NE   . ARG B 2 16  ? -10.015 -1.332  11.000  1.00 41.40 ? 39  ARG B NE   1 
ATOM   324  C CZ   . ARG B 2 16  ? -9.869  -0.601  9.895   1.00 43.57 ? 39  ARG B CZ   1 
ATOM   325  N NH1  . ARG B 2 16  ? -10.138 -1.137  8.701   1.00 46.09 ? 39  ARG B NH1  1 
ATOM   326  N NH2  . ARG B 2 16  ? -9.500  0.676   9.968   1.00 46.73 ? 39  ARG B NH2  1 
ATOM   327  H H    . ARG B 2 16  ? -13.873 2.020   10.525  1.00 0.00  ? 39  ARG B H    1 
ATOM   328  H HE   . ARG B 2 16  ? -10.345 -2.249  10.893  1.00 0.00  ? 39  ARG B HE   1 
ATOM   329  H HH11 . ARG B 2 16  ? -10.448 -2.086  8.638   1.00 0.00  ? 39  ARG B HH11 1 
ATOM   330  H HH12 . ARG B 2 16  ? -10.029 -0.590  7.871   1.00 0.00  ? 39  ARG B HH12 1 
ATOM   331  H HH21 . ARG B 2 16  ? -9.330  1.096   10.859  1.00 0.00  ? 39  ARG B HH21 1 
ATOM   332  H HH22 . ARG B 2 16  ? -9.394  1.215   9.132   1.00 0.00  ? 39  ARG B HH22 1 
ATOM   333  N N    . CYS B 2 17  ? -10.746 3.187   12.298  1.00 14.67 ? 40  CYS B N    1 
ATOM   334  C CA   . CYS B 2 17  ? -9.753  4.086   11.745  1.00 16.96 ? 40  CYS B CA   1 
ATOM   335  C C    . CYS B 2 17  ? -8.436  3.318   11.707  1.00 16.08 ? 40  CYS B C    1 
ATOM   336  O O    . CYS B 2 17  ? -8.020  2.754   12.720  1.00 17.33 ? 40  CYS B O    1 
ATOM   337  C CB   . CYS B 2 17  ? -9.601  5.363   12.575  1.00 12.37 ? 40  CYS B CB   1 
ATOM   338  S SG   . CYS B 2 17  ? -11.111 6.320   12.878  1.00 15.14 ? 40  CYS B SG   1 
ATOM   339  H H    . CYS B 2 17  ? -10.697 2.979   13.254  1.00 0.00  ? 40  CYS B H    1 
ATOM   340  N N    . LYS B 2 18  ? -7.842  3.226   10.522  1.00 16.20 ? 41  LYS B N    1 
ATOM   341  C CA   . LYS B 2 18  ? -6.580  2.538   10.321  1.00 14.67 ? 41  LYS B CA   1 
ATOM   342  C C    . LYS B 2 18  ? -5.554  3.654   10.476  1.00 13.53 ? 41  LYS B C    1 
ATOM   343  O O    . LYS B 2 18  ? -5.735  4.707   9.894   1.00 14.80 ? 41  LYS B O    1 
ATOM   344  C CB   . LYS B 2 18  ? -6.552  2.015   8.884   1.00 18.21 ? 41  LYS B CB   1 
ATOM   345  C CG   . LYS B 2 18  ? -5.597  0.868   8.644   1.00 24.74 ? 41  LYS B CG   1 
ATOM   346  C CD   . LYS B 2 18  ? -5.485  0.520   7.151   1.00 28.39 ? 41  LYS B CD   1 
ATOM   347  C CE   . LYS B 2 18  ? -4.490  -0.624  6.927   1.00 30.68 ? 41  LYS B CE   1 
ATOM   348  N NZ   . LYS B 2 18  ? -4.285  -0.967  5.494   1.00 36.03 ? 41  LYS B NZ   1 
ATOM   349  H H    . LYS B 2 18  ? -8.261  3.676   9.758   1.00 0.00  ? 41  LYS B H    1 
ATOM   350  H HZ1  . LYS B 2 18  ? -3.584  -1.729  5.412   1.00 0.00  ? 41  LYS B HZ1  1 
ATOM   351  H HZ2  . LYS B 2 18  ? -3.952  -0.124  4.983   1.00 0.00  ? 41  LYS B HZ2  1 
ATOM   352  H HZ3  . LYS B 2 18  ? -5.191  -1.281  5.095   1.00 0.00  ? 41  LYS B HZ3  1 
ATOM   353  N N    . PRO B 2 19  ? -4.472  3.455   11.263  1.00 12.95 ? 42  PRO B N    1 
ATOM   354  C CA   . PRO B 2 19  ? -3.477  4.532   11.424  1.00 13.60 ? 42  PRO B CA   1 
ATOM   355  C C    . PRO B 2 19  ? -2.747  5.035   10.168  1.00 12.44 ? 42  PRO B C    1 
ATOM   356  O O    . PRO B 2 19  ? -2.630  6.238   9.954   1.00 13.48 ? 42  PRO B O    1 
ATOM   357  C CB   . PRO B 2 19  ? -2.483  3.937   12.436  1.00 11.89 ? 42  PRO B CB   1 
ATOM   358  C CG   . PRO B 2 19  ? -3.321  3.025   13.244  1.00 12.66 ? 42  PRO B CG   1 
ATOM   359  C CD   . PRO B 2 19  ? -4.158  2.341   12.171  1.00 13.44 ? 42  PRO B CD   1 
ATOM   360  N N    . VAL B 2 20  ? -2.249  4.117   9.350   1.00 11.04 ? 43  VAL B N    1 
ATOM   361  C CA   . VAL B 2 20  ? -1.503  4.498   8.156   1.00 11.14 ? 43  VAL B CA   1 
ATOM   362  C C    . VAL B 2 20  ? -1.749  3.572   6.962   1.00 10.53 ? 43  VAL B C    1 
ATOM   363  O O    . VAL B 2 20  ? -1.988  2.397   7.125   1.00 11.09 ? 43  VAL B O    1 
ATOM   364  C CB   . VAL B 2 20  ? 0.033   4.598   8.486   0.53 8.07  ? 43  VAL B CB   1 
ATOM   365  C CG1  . VAL B 2 20  ? 0.547   3.310   9.071   0.53 5.77  ? 43  VAL B CG1  1 
ATOM   366  C CG2  . VAL B 2 20  ? 0.831   4.994   7.265   0.53 7.05  ? 43  VAL B CG2  1 
ATOM   367  H H    . VAL B 2 20  ? -2.372  3.162   9.515   1.00 0.00  ? 43  VAL B H    1 
ATOM   368  N N    . ASN B 2 21  ? -1.774  4.126   5.762   1.00 10.15 ? 44  ASN B N    1 
ATOM   369  C CA   . ASN B 2 21  ? -1.973  3.316   4.566   1.00 11.47 ? 44  ASN B CA   1 
ATOM   370  C C    . ASN B 2 21  ? -1.359  4.121   3.432   1.00 9.14  ? 44  ASN B C    1 
ATOM   371  O O    . ASN B 2 21  ? -1.330  5.339   3.515   1.00 12.14 ? 44  ASN B O    1 
ATOM   372  C CB   . ASN B 2 21  ? -3.463  3.054   4.303   1.00 9.34  ? 44  ASN B CB   1 
ATOM   373  C CG   . ASN B 2 21  ? -3.701  2.114   3.114   1.00 10.95 ? 44  ASN B CG   1 
ATOM   374  O OD1  . ASN B 2 21  ? -3.348  0.928   3.143   1.00 12.01 ? 44  ASN B OD1  1 
ATOM   375  N ND2  . ASN B 2 21  ? -4.301  2.647   2.063   1.00 12.29 ? 44  ASN B ND2  1 
ATOM   376  H H    . ASN B 2 21  ? -1.639  5.105   5.691   1.00 0.00  ? 44  ASN B H    1 
ATOM   377  H HD21 . ASN B 2 21  ? -4.565  3.591   2.076   1.00 0.00  ? 44  ASN B HD21 1 
ATOM   378  H HD22 . ASN B 2 21  ? -4.463  2.066   1.292   1.00 0.00  ? 44  ASN B HD22 1 
ATOM   379  N N    . THR B 2 22  ? -0.808  3.429   2.438   1.00 7.39  ? 45  THR B N    1 
ATOM   380  C CA   . THR B 2 22  ? -0.174  4.025   1.270   1.00 6.13  ? 45  THR B CA   1 
ATOM   381  C C    . THR B 2 22  ? -0.930  3.630   0.001   1.00 7.04  ? 45  THR B C    1 
ATOM   382  O O    . THR B 2 22  ? -1.378  2.492   -0.153  1.00 8.15  ? 45  THR B O    1 
ATOM   383  C CB   . THR B 2 22  ? 1.293   3.550   1.152   1.00 5.32  ? 45  THR B CB   1 
ATOM   384  O OG1  . THR B 2 22  ? 2.071   4.118   2.214   1.00 7.67  ? 45  THR B OG1  1 
ATOM   385  C CG2  . THR B 2 22  ? 1.901   3.937   -0.184  1.00 8.08  ? 45  THR B CG2  1 
ATOM   386  H H    . THR B 2 22  ? -0.878  2.463   2.486   1.00 0.00  ? 45  THR B H    1 
ATOM   387  H HG1  . THR B 2 22  ? 2.081   5.078   2.179   1.00 0.00  ? 45  THR B HG1  1 
ATOM   388  N N    . PHE B 2 23  ? -1.119  4.590   -0.885  1.00 8.06  ? 46  PHE B N    1 
ATOM   389  C CA   . PHE B 2 23  ? -1.794  4.348   -2.138  1.00 7.99  ? 46  PHE B CA   1 
ATOM   390  C C    . PHE B 2 23  ? -0.762  4.538   -3.210  1.00 8.04  ? 46  PHE B C    1 
ATOM   391  O O    . PHE B 2 23  ? 0.031   5.483   -3.123  1.00 5.83  ? 46  PHE B O    1 
ATOM   392  C CB   . PHE B 2 23  ? -2.935  5.332   -2.315  1.00 8.11  ? 46  PHE B CB   1 
ATOM   393  C CG   . PHE B 2 23  ? -4.167  4.950   -1.537  1.00 9.47  ? 46  PHE B CG   1 
ATOM   394  C CD1  . PHE B 2 23  ? -4.902  3.835   -1.891  1.00 6.76  ? 46  PHE B CD1  1 
ATOM   395  C CD2  . PHE B 2 23  ? -4.579  5.695   -0.433  1.00 10.51 ? 46  PHE B CD2  1 
ATOM   396  C CE1  . PHE B 2 23  ? -6.000  3.480   -1.175  1.00 6.49  ? 46  PHE B CE1  1 
ATOM   397  C CE2  . PHE B 2 23  ? -5.684  5.326   0.278   1.00 6.02  ? 46  PHE B CE2  1 
ATOM   398  C CZ   . PHE B 2 23  ? -6.389  4.223   -0.092  1.00 4.97  ? 46  PHE B CZ   1 
ATOM   399  H H    . PHE B 2 23  ? -0.765  5.481   -0.698  1.00 0.00  ? 46  PHE B H    1 
ATOM   400  N N    . VAL B 2 24  ? -0.745  3.627   -4.190  1.00 9.83  ? 47  VAL B N    1 
ATOM   401  C CA   . VAL B 2 24  ? 0.220   3.674   -5.306  1.00 9.62  ? 47  VAL B CA   1 
ATOM   402  C C    . VAL B 2 24  ? -0.454  4.079   -6.612  1.00 10.75 ? 47  VAL B C    1 
ATOM   403  O O    . VAL B 2 24  ? -1.406  3.430   -7.077  1.00 7.68  ? 47  VAL B O    1 
ATOM   404  C CB   . VAL B 2 24  ? 0.976   2.328   -5.500  1.00 10.13 ? 47  VAL B CB   1 
ATOM   405  C CG1  . VAL B 2 24  ? 2.077   2.491   -6.525  1.00 11.15 ? 47  VAL B CG1  1 
ATOM   406  C CG2  . VAL B 2 24  ? 1.568   1.848   -4.178  1.00 7.92  ? 47  VAL B CG2  1 
ATOM   407  H H    . VAL B 2 24  ? -1.414  2.952   -4.243  1.00 0.00  ? 47  VAL B H    1 
ATOM   408  N N    . HIS B 2 25  ? 0.070   5.168   -7.183  1.00 10.74 ? 48  HIS B N    1 
ATOM   409  C CA   . HIS B 2 25  ? -0.441  5.751   -8.412  1.00 12.57 ? 48  HIS B CA   1 
ATOM   410  C C    . HIS B 2 25  ? 0.232   5.261   -9.670  1.00 12.64 ? 48  HIS B C    1 
ATOM   411  O O    . HIS B 2 25  ? 0.647   6.065   -10.514 1.00 15.61 ? 48  HIS B O    1 
ATOM   412  C CB   . HIS B 2 25  ? -0.353  7.278   -8.344  1.00 9.61  ? 48  HIS B CB   1 
ATOM   413  C CG   . HIS B 2 25  ? -1.163  7.874   -7.241  1.00 11.82 ? 48  HIS B CG   1 
ATOM   414  N ND1  . HIS B 2 25  ? -2.531  7.993   -7.320  1.00 9.48  ? 48  HIS B ND1  1 
ATOM   415  C CD2  . HIS B 2 25  ? -0.820  8.284   -5.995  1.00 10.23 ? 48  HIS B CD2  1 
ATOM   416  C CE1  . HIS B 2 25  ? -3.002  8.433   -6.173  1.00 10.66 ? 48  HIS B CE1  1 
ATOM   417  N NE2  . HIS B 2 25  ? -1.989  8.616   -5.347  1.00 10.18 ? 48  HIS B NE2  1 
ATOM   418  H H    . HIS B 2 25  ? 0.867   5.552   -6.775  1.00 0.00  ? 48  HIS B H    1 
ATOM   419  H HD1  . HIS B 2 25  ? -3.088  7.740   -8.096  1.00 0.00  ? 48  HIS B HD1  1 
ATOM   420  H HE2  . HIS B 2 25  ? -2.186  8.689   -4.407  1.00 0.00  ? 48  HIS B HE2  1 
ATOM   421  N N    . GLU B 2 26  ? 0.334   3.949   -9.810  1.00 13.71 ? 49  GLU B N    1 
ATOM   422  C CA   . GLU B 2 26  ? 0.937   3.359   -10.998 1.00 13.48 ? 49  GLU B CA   1 
ATOM   423  C C    . GLU B 2 26  ? -0.044  2.296   -11.498 1.00 12.18 ? 49  GLU B C    1 
ATOM   424  O O    . GLU B 2 26  ? -1.006  1.948   -10.804 1.00 14.48 ? 49  GLU B O    1 
ATOM   425  C CB   . GLU B 2 26  ? 2.307   2.737   -10.684 1.00 12.23 ? 49  GLU B CB   1 
ATOM   426  C CG   . GLU B 2 26  ? 3.314   3.686   -10.050 1.00 18.47 ? 49  GLU B CG   1 
ATOM   427  C CD   . GLU B 2 26  ? 3.840   4.781   -10.990 1.00 19.65 ? 49  GLU B CD   1 
ATOM   428  O OE1  . GLU B 2 26  ? 4.343   5.807   -10.487 1.00 16.22 ? 49  GLU B OE1  1 
ATOM   429  O OE2  . GLU B 2 26  ? 3.783   4.616   -12.228 1.00 22.11 ? 49  GLU B OE2  1 
ATOM   430  H H    . GLU B 2 26  ? -0.030  3.346   -9.124  1.00 0.00  ? 49  GLU B H    1 
ATOM   431  N N    . SER B 2 27  ? 0.154   1.845   -12.733 1.00 12.88 ? 50  SER B N    1 
ATOM   432  C CA   . SER B 2 27  ? -0.702  0.830   -13.327 1.00 11.60 ? 50  SER B CA   1 
ATOM   433  C C    . SER B 2 27  ? -0.528  -0.436  -12.493 1.00 10.25 ? 50  SER B C    1 
ATOM   434  O O    . SER B 2 27  ? 0.532   -0.647  -11.910 1.00 11.40 ? 50  SER B O    1 
ATOM   435  C CB   . SER B 2 27  ? -0.278  0.565   -14.775 1.00 11.13 ? 50  SER B CB   1 
ATOM   436  O OG   . SER B 2 27  ? 0.872   -0.256  -14.814 1.00 13.66 ? 50  SER B OG   1 
ATOM   437  H H    . SER B 2 27  ? 0.923   2.168   -13.251 1.00 0.00  ? 50  SER B H    1 
ATOM   438  H HG   . SER B 2 27  ? 1.210   -0.199  -15.717 1.00 0.00  ? 50  SER B HG   1 
ATOM   439  N N    . LEU B 2 28  ? -1.559  -1.275  -12.447 1.00 10.40 ? 51  LEU B N    1 
ATOM   440  C CA   . LEU B 2 28  ? -1.494  -2.510  -11.683 1.00 12.90 ? 51  LEU B CA   1 
ATOM   441  C C    . LEU B 2 28  ? -0.382  -3.399  -12.186 1.00 11.66 ? 51  LEU B C    1 
ATOM   442  O O    . LEU B 2 28  ? 0.363   -3.988  -11.396 1.00 13.76 ? 51  LEU B O    1 
ATOM   443  C CB   . LEU B 2 28  ? -2.838  -3.244  -11.725 1.00 16.68 ? 51  LEU B CB   1 
ATOM   444  C CG   . LEU B 2 28  ? -2.893  -4.647  -11.111 1.00 20.49 ? 51  LEU B CG   1 
ATOM   445  C CD1  . LEU B 2 28  ? -2.468  -4.635  -9.657  1.00 23.16 ? 51  LEU B CD1  1 
ATOM   446  C CD2  . LEU B 2 28  ? -4.302  -5.199  -11.243 1.00 25.32 ? 51  LEU B CD2  1 
ATOM   447  H H    . LEU B 2 28  ? -2.372  -1.043  -12.939 1.00 0.00  ? 51  LEU B H    1 
ATOM   448  N N    . ALA B 2 29  ? -0.292  -3.530  -13.507 1.00 8.95  ? 52  ALA B N    1 
ATOM   449  C CA   . ALA B 2 29  ? 0.749   -4.369  -14.099 1.00 8.08  ? 52  ALA B CA   1 
ATOM   450  C C    . ALA B 2 29  ? 2.160   -3.872  -13.733 1.00 8.23  ? 52  ALA B C    1 
ATOM   451  O O    . ALA B 2 29  ? 3.032   -4.664  -13.422 1.00 9.55  ? 52  ALA B O    1 
ATOM   452  C CB   . ALA B 2 29  ? 0.560   -4.451  -15.621 1.00 6.00  ? 52  ALA B CB   1 
ATOM   453  H H    . ALA B 2 29  ? -0.946  -3.071  -14.073 1.00 0.00  ? 52  ALA B H    1 
ATOM   454  N N    . ASP B 2 30  ? 2.403   -2.569  -13.746 1.00 8.34  ? 53  ASP B N    1 
ATOM   455  C CA   . ASP B 2 30  ? 3.732   -2.086  -13.374 1.00 8.48  ? 53  ASP B CA   1 
ATOM   456  C C    . ASP B 2 30  ? 4.106   -2.360  -11.918 1.00 8.46  ? 53  ASP B C    1 
ATOM   457  O O    . ASP B 2 30  ? 5.279   -2.462  -11.599 1.00 9.32  ? 53  ASP B O    1 
ATOM   458  C CB   . ASP B 2 30  ? 3.862   -0.588  -13.632 1.00 15.60 ? 53  ASP B CB   1 
ATOM   459  C CG   . ASP B 2 30  ? 3.957   -0.252  -15.101 1.00 19.19 ? 53  ASP B CG   1 
ATOM   460  O OD1  . ASP B 2 30  ? 3.928   -1.167  -15.951 1.00 18.91 ? 53  ASP B OD1  1 
ATOM   461  O OD2  . ASP B 2 30  ? 4.047   0.955   -15.398 1.00 20.47 ? 53  ASP B OD2  1 
ATOM   462  H H    . ASP B 2 30  ? 1.704   -1.915  -13.970 1.00 0.00  ? 53  ASP B H    1 
ATOM   463  N N    . VAL B 2 31  ? 3.136   -2.361  -11.009 1.00 8.01  ? 54  VAL B N    1 
ATOM   464  C CA   . VAL B 2 31  ? 3.430   -2.673  -9.605  1.00 6.81  ? 54  VAL B CA   1 
ATOM   465  C C    . VAL B 2 31  ? 3.640   -4.164  -9.419  1.00 6.32  ? 54  VAL B C    1 
ATOM   466  O O    . VAL B 2 31  ? 4.472   -4.561  -8.625  1.00 9.24  ? 54  VAL B O    1 
ATOM   467  C CB   . VAL B 2 31  ? 2.328   -2.183  -8.641  1.00 5.93  ? 54  VAL B CB   1 
ATOM   468  C CG1  . VAL B 2 31  ? 2.580   -2.712  -7.234  1.00 6.95  ? 54  VAL B CG1  1 
ATOM   469  C CG2  . VAL B 2 31  ? 2.309   -0.659  -8.611  1.00 7.22  ? 54  VAL B CG2  1 
ATOM   470  H H    . VAL B 2 31  ? 2.219   -2.129  -11.281 1.00 0.00  ? 54  VAL B H    1 
ATOM   471  N N    . GLN B 2 32  ? 2.897   -4.995  -10.150 1.00 6.10  ? 55  GLN B N    1 
ATOM   472  C CA   . GLN B 2 32  ? 3.039   -6.467  -10.060 1.00 7.89  ? 55  GLN B CA   1 
ATOM   473  C C    . GLN B 2 32  ? 4.406   -6.930  -10.603 1.00 8.73  ? 55  GLN B C    1 
ATOM   474  O O    . GLN B 2 32  ? 4.929   -7.974  -10.199 1.00 9.97  ? 55  GLN B O    1 
ATOM   475  C CB   . GLN B 2 32  ? 1.883   -7.156  -10.818 1.00 11.51 ? 55  GLN B CB   1 
ATOM   476  C CG   . GLN B 2 32  ? 0.509   -6.974  -10.148 1.00 13.26 ? 55  GLN B CG   1 
ATOM   477  C CD   . GLN B 2 32  ? -0.653  -7.446  -10.991 1.00 15.31 ? 55  GLN B CD   1 
ATOM   478  O OE1  . GLN B 2 32  ? -0.599  -7.404  -12.211 1.00 15.64 ? 55  GLN B OE1  1 
ATOM   479  N NE2  . GLN B 2 32  ? -1.745  -7.830  -10.338 1.00 17.60 ? 55  GLN B NE2  1 
ATOM   480  H H    . GLN B 2 32  ? 2.246   -4.622  -10.788 1.00 0.00  ? 55  GLN B H    1 
ATOM   481  H HE21 . GLN B 2 32  ? -1.767  -7.798  -9.358  1.00 0.00  ? 55  GLN B HE21 1 
ATOM   482  H HE22 . GLN B 2 32  ? -2.505  -8.137  -10.871 1.00 0.00  ? 55  GLN B HE22 1 
ATOM   483  N N    . ALA B 2 33  ? 4.982   -6.133  -11.511 1.00 9.98  ? 56  ALA B N    1 
ATOM   484  C CA   . ALA B 2 33  ? 6.303   -6.403  -12.096 1.00 9.58  ? 56  ALA B CA   1 
ATOM   485  C C    . ALA B 2 33  ? 7.432   -6.332  -11.041 1.00 9.91  ? 56  ALA B C    1 
ATOM   486  O O    . ALA B 2 33  ? 8.484   -6.969  -11.183 1.00 12.00 ? 56  ALA B O    1 
ATOM   487  C CB   . ALA B 2 33  ? 6.579   -5.415  -13.219 1.00 6.27  ? 56  ALA B CB   1 
ATOM   488  H H    . ALA B 2 33  ? 4.479   -5.360  -11.836 1.00 0.00  ? 56  ALA B H    1 
ATOM   489  N N    . VAL B 2 34  ? 7.208   -5.553  -9.985  1.00 10.81 ? 57  VAL B N    1 
ATOM   490  C CA   . VAL B 2 34  ? 8.189   -5.363  -8.906  1.00 8.30  ? 57  VAL B CA   1 
ATOM   491  C C    . VAL B 2 34  ? 8.603   -6.700  -8.285  1.00 9.39  ? 57  VAL B C    1 
ATOM   492  O O    . VAL B 2 34  ? 9.765   -6.897  -7.892  1.00 8.32  ? 57  VAL B O    1 
ATOM   493  C CB   . VAL B 2 34  ? 7.598   -4.411  -7.812  1.00 8.59  ? 57  VAL B CB   1 
ATOM   494  C CG1  . VAL B 2 34  ? 8.576   -4.187  -6.653  1.00 2.00  ? 57  VAL B CG1  1 
ATOM   495  C CG2  . VAL B 2 34  ? 7.220   -3.087  -8.443  1.00 7.98  ? 57  VAL B CG2  1 
ATOM   496  H H    . VAL B 2 34  ? 6.332   -5.104  -9.924  1.00 0.00  ? 57  VAL B H    1 
ATOM   497  N N    . CYS B 2 35  ? 7.670   -7.626  -8.273  1.00 9.34  ? 58  CYS B N    1 
ATOM   498  C CA   . CYS B 2 35  ? 7.892   -8.959  -7.708  1.00 10.29 ? 58  CYS B CA   1 
ATOM   499  C C    . CYS B 2 35  ? 8.947   -9.719  -8.485  1.00 11.39 ? 58  CYS B C    1 
ATOM   500  O O    . CYS B 2 35  ? 9.231   -10.884 -8.205  1.00 11.53 ? 58  CYS B O    1 
ATOM   501  C CB   . CYS B 2 35  ? 6.628   -9.796  -7.778  1.00 14.04 ? 58  CYS B CB   1 
ATOM   502  S SG   . CYS B 2 35  ? 5.455   -9.481  -6.414  1.00 19.40 ? 58  CYS B SG   1 
ATOM   503  H H    . CYS B 2 35  ? 6.756   -7.451  -8.628  1.00 0.00  ? 58  CYS B H    1 
ATOM   504  N N    . SER B 2 36  ? 9.513   -9.063  -9.455  1.00 9.77  ? 59  SER B N    1 
ATOM   505  C CA   . SER B 2 36  ? 10.527  -9.686  -10.276 1.00 10.46 ? 59  SER B CA   1 
ATOM   506  C C    . SER B 2 36  ? 11.767  -8.840  -10.328 1.00 10.31 ? 59  SER B C    1 
ATOM   507  O O    . SER B 2 36  ? 12.686  -9.100  -11.104 1.00 8.72  ? 59  SER B O    1 
ATOM   508  C CB   . SER B 2 36  ? 10.009  -9.858  -11.697 1.00 11.61 ? 59  SER B CB   1 
ATOM   509  O OG   . SER B 2 36  ? 10.330  -11.153 -12.156 1.00 14.92 ? 59  SER B OG   1 
ATOM   510  H H    . SER B 2 36  ? 9.326   -8.138  -9.755  1.00 0.00  ? 59  SER B H    1 
ATOM   511  H HG   . SER B 2 36  ? 10.059  -11.212 -13.043 1.00 0.00  ? 59  SER B HG   1 
ATOM   512  N N    . GLN B 2 37  ? 11.813  -7.829  -9.498  1.00 10.60 ? 60  GLN B N    1 
ATOM   513  C CA   . GLN B 2 37  ? 12.957  -6.927  -9.532  1.00 10.42 ? 60  GLN B CA   1 
ATOM   514  C C    . GLN B 2 37  ? 13.957  -7.267  -8.395  1.00 10.50 ? 60  GLN B C    1 
ATOM   515  O O    . GLN B 2 37  ? 14.329  -8.429  -8.211  1.00 11.73 ? 60  GLN B O    1 
ATOM   516  C CB   . GLN B 2 37  ? 12.409  -5.495  -9.523  1.00 8.24  ? 60  GLN B CB   1 
ATOM   517  C CG   . GLN B 2 37  ? 11.436  -5.347  -10.723 1.00 7.17  ? 60  GLN B CG   1 
ATOM   518  C CD   . GLN B 2 37  ? 10.914  -3.946  -11.019 1.00 9.07  ? 60  GLN B CD   1 
ATOM   519  O OE1  . GLN B 2 37  ? 11.231  -2.994  -10.312 1.00 10.58 ? 60  GLN B OE1  1 
ATOM   520  N NE2  . GLN B 2 37  ? 10.112  -3.775  -12.052 1.00 7.95  ? 60  GLN B NE2  1 
ATOM   521  H H    . GLN B 2 37  ? 11.125  -7.760  -8.771  1.00 0.00  ? 60  GLN B H    1 
ATOM   522  H HE21 . GLN B 2 37  ? 9.863   -4.541  -12.611 1.00 0.00  ? 60  GLN B HE21 1 
ATOM   523  H HE22 . GLN B 2 37  ? 9.786   -2.869  -12.228 1.00 0.00  ? 60  GLN B HE22 1 
ATOM   524  N N    . LYS B 2 38  ? 14.387  -6.274  -7.653  1.00 11.87 ? 61  LYS B N    1 
ATOM   525  C CA   . LYS B 2 38  ? 15.433  -6.463  -6.607  1.00 9.40  ? 61  LYS B CA   1 
ATOM   526  C C    . LYS B 2 38  ? 14.915  -7.179  -5.328  1.00 9.85  ? 61  LYS B C    1 
ATOM   527  O O    . LYS B 2 38  ? 14.157  -6.633  -4.526  1.00 9.89  ? 61  LYS B O    1 
ATOM   528  C CB   . LYS B 2 38  ? 15.983  -5.083  -6.243  1.00 11.84 ? 61  LYS B CB   1 
ATOM   529  C CG   . LYS B 2 38  ? 17.143  -5.114  -5.264  1.00 17.02 ? 61  LYS B CG   1 
ATOM   530  C CD   . LYS B 2 38  ? 18.272  -6.053  -5.670  1.00 23.02 ? 61  LYS B CD   1 
ATOM   531  C CE   . LYS B 2 38  ? 19.450  -5.964  -4.694  1.00 29.22 ? 61  LYS B CE   1 
ATOM   532  N NZ   . LYS B 2 38  ? 20.524  -6.931  -4.965  1.00 31.97 ? 61  LYS B NZ   1 
ATOM   533  H H    . LYS B 2 38  ? 13.992  -5.374  -7.693  1.00 0.00  ? 61  LYS B H    1 
ATOM   534  H HZ1  . LYS B 2 38  ? 20.971  -6.776  -5.882  1.00 0.00  ? 61  LYS B HZ1  1 
ATOM   535  H HZ2  . LYS B 2 38  ? 20.174  -7.894  -4.891  1.00 0.00  ? 61  LYS B HZ2  1 
ATOM   536  H HZ3  . LYS B 2 38  ? 21.280  -6.809  -4.220  1.00 0.00  ? 61  LYS B HZ3  1 
ATOM   537  N N    . ASN B 2 39  ? 15.355  -8.420  -5.158  1.00 11.04 ? 62  ASN B N    1 
ATOM   538  C CA   . ASN B 2 39  ? 14.976  -9.221  -3.986  1.00 14.77 ? 62  ASN B CA   1 
ATOM   539  C C    . ASN B 2 39  ? 15.726  -8.718  -2.758  1.00 16.39 ? 62  ASN B C    1 
ATOM   540  O O    . ASN B 2 39  ? 16.949  -8.588  -2.753  1.00 17.93 ? 62  ASN B O    1 
ATOM   541  C CB   . ASN B 2 39  ? 15.330  -10.697 -4.187  1.00 16.90 ? 62  ASN B CB   1 
ATOM   542  C CG   . ASN B 2 39  ? 14.836  -11.582 -3.039  1.00 19.22 ? 62  ASN B CG   1 
ATOM   543  O OD1  . ASN B 2 39  ? 13.783  -11.303 -2.453  1.00 20.39 ? 62  ASN B OD1  1 
ATOM   544  N ND2  . ASN B 2 39  ? 15.538  -12.638 -2.680  1.00 19.06 ? 62  ASN B ND2  1 
ATOM   545  H H    . ASN B 2 39  ? 15.925  -8.833  -5.855  1.00 0.00  ? 62  ASN B H    1 
ATOM   546  H HD21 . ASN B 2 39  ? 16.372  -12.853 -3.146  1.00 0.00  ? 62  ASN B HD21 1 
ATOM   547  H HD22 . ASN B 2 39  ? 15.193  -13.181 -1.942  1.00 0.00  ? 62  ASN B HD22 1 
ATOM   548  N N    . VAL B 2 40  ? 14.988  -8.435  -1.729  1.00 16.62 ? 63  VAL B N    1 
ATOM   549  C CA   . VAL B 2 40  ? 15.574  -7.972  -0.474  1.00 17.70 ? 63  VAL B CA   1 
ATOM   550  C C    . VAL B 2 40  ? 14.803  -8.610  0.658   1.00 19.13 ? 63  VAL B C    1 
ATOM   551  O O    . VAL B 2 40  ? 13.756  -9.238  0.440   1.00 17.35 ? 63  VAL B O    1 
ATOM   552  C CB   . VAL B 2 40  ? 15.512  -6.432  -0.364  1.00 16.09 ? 63  VAL B CB   1 
ATOM   553  C CG1  . VAL B 2 40  ? 16.351  -5.724  -1.438  1.00 13.37 ? 63  VAL B CG1  1 
ATOM   554  C CG2  . VAL B 2 40  ? 14.096  -5.873  -0.498  1.00 16.13 ? 63  VAL B CG2  1 
ATOM   555  H H    . VAL B 2 40  ? 14.008  -8.669  -1.719  1.00 0.00  ? 63  VAL B H    1 
ATOM   556  N N    . ALA B 2 41  ? 15.330  -8.450  1.840   1.00 18.76 ? 64  ALA B N    1 
ATOM   557  C CA   . ALA B 2 41  ? 14.700  -8.996  3.031   1.00 19.16 ? 64  ALA B CA   1 
ATOM   558  C C    . ALA B 2 41  ? 13.520  -8.107  3.424   1.00 18.73 ? 64  ALA B C    1 
ATOM   559  O O    . ALA B 2 41  ? 13.512  -6.900  3.147   1.00 18.13 ? 64  ALA B O    1 
ATOM   560  C CB   . ALA B 2 41  ? 15.715  -9.039  4.190   1.00 16.95 ? 64  ALA B CB   1 
ATOM   561  H H    . ALA B 2 41  ? 16.158  -7.919  1.950   1.00 0.00  ? 64  ALA B H    1 
ATOM   562  N N    . CYS B 2 42  ? 12.540  -8.736  4.043   1.00 19.04 ? 65  CYS B N    1 
ATOM   563  C CA   . CYS B 2 42  ? 11.368  -8.035  4.567   1.00 19.39 ? 65  CYS B CA   1 
ATOM   564  C C    . CYS B 2 42  ? 11.732  -7.681  5.988   1.00 22.36 ? 65  CYS B C    1 
ATOM   565  O O    . CYS B 2 42  ? 12.688  -8.237  6.536   1.00 22.43 ? 65  CYS B O    1 
ATOM   566  C CB   . CYS B 2 42  ? 10.111  -8.932  4.587   1.00 16.21 ? 65  CYS B CB   1 
ATOM   567  S SG   . CYS B 2 42  ? 9.698   -9.768  2.982   1.00 16.81 ? 65  CYS B SG   1 
ATOM   568  H H    . CYS B 2 42  ? 12.708  -9.606  4.333   1.00 0.00  ? 65  CYS B H    1 
ATOM   569  N N    . LYS B 2 43  ? 10.986  -6.781  6.576   1.00 24.98 ? 66  LYS B N    1 
ATOM   570  C CA   . LYS B 2 43  ? 11.241  -6.367  7.958   1.00 26.59 ? 66  LYS B CA   1 
ATOM   571  C C    . LYS B 2 43  ? 11.344  -7.577  8.892   1.00 27.66 ? 66  LYS B C    1 
ATOM   572  O O    . LYS B 2 43  ? 12.299  -7.717  9.658   1.00 29.13 ? 66  LYS B O    1 
ATOM   573  C CB   . LYS B 2 43  ? 10.111  -5.508  8.492   1.00 26.53 ? 66  LYS B CB   1 
ATOM   574  C CG   . LYS B 2 43  ? 10.114  -4.091  7.972   1.00 32.92 ? 66  LYS B CG   1 
ATOM   575  C CD   . LYS B 2 43  ? 8.919   -3.310  8.495   1.00 38.38 ? 66  LYS B CD   1 
ATOM   576  C CE   . LYS B 2 43  ? 8.818   -1.906  7.925   1.00 41.96 ? 66  LYS B CE   1 
ATOM   577  N NZ   . LYS B 2 43  ? 7.509   -1.288  8.182   1.00 42.28 ? 66  LYS B NZ   1 
ATOM   578  H H    . LYS B 2 43  ? 10.298  -6.302  6.082   1.00 0.00  ? 66  LYS B H    1 
ATOM   579  H HZ1  . LYS B 2 43  ? 6.759   -1.875  7.743   1.00 0.00  ? 66  LYS B HZ1  1 
ATOM   580  H HZ2  . LYS B 2 43  ? 7.465   -0.339  7.791   1.00 0.00  ? 66  LYS B HZ2  1 
ATOM   581  H HZ3  . LYS B 2 43  ? 7.331   -1.246  9.211   1.00 0.00  ? 66  LYS B HZ3  1 
ATOM   582  N N    . ASN B 2 44  ? 10.347  -8.441  8.810   1.00 29.15 ? 67  ASN B N    1 
ATOM   583  C CA   . ASN B 2 44  ? 10.274  -9.622  9.688   1.00 30.30 ? 67  ASN B CA   1 
ATOM   584  C C    . ASN B 2 44  ? 11.403  -10.629 9.439   1.00 31.47 ? 67  ASN B C    1 
ATOM   585  O O    . ASN B 2 44  ? 11.453  -11.687 10.067  1.00 31.87 ? 67  ASN B O    1 
ATOM   586  C CB   . ASN B 2 44  ? 8.947   -10.361 9.528   1.00 33.00 ? 67  ASN B CB   1 
ATOM   587  C CG   . ASN B 2 44  ? 8.593   -10.681 8.092   1.00 34.55 ? 67  ASN B CG   1 
ATOM   588  O OD1  . ASN B 2 44  ? 8.664   -11.844 7.692   1.00 35.63 ? 67  ASN B OD1  1 
ATOM   589  N ND2  . ASN B 2 44  ? 8.207   -9.708  7.291   1.00 38.42 ? 67  ASN B ND2  1 
ATOM   590  H H    . ASN B 2 44  ? 9.646   -8.286  8.153   1.00 0.00  ? 67  ASN B H    1 
ATOM   591  H HD21 . ASN B 2 44  ? 8.152   -8.789  7.627   1.00 0.00  ? 67  ASN B HD21 1 
ATOM   592  H HD22 . ASN B 2 44  ? 7.984   -9.944  6.367   1.00 0.00  ? 67  ASN B HD22 1 
ATOM   593  N N    . GLY B 2 45  ? 12.298  -10.309 8.534   1.00 32.71 ? 68  GLY B N    1 
ATOM   594  C CA   . GLY B 2 45  ? 13.446  -11.189 8.267   1.00 33.87 ? 68  GLY B CA   1 
ATOM   595  C C    . GLY B 2 45  ? 13.241  -12.091 7.053   1.00 33.87 ? 68  GLY B C    1 
ATOM   596  O O    . GLY B 2 45  ? 14.209  -12.590 6.478   1.00 35.28 ? 68  GLY B O    1 
ATOM   597  H H    . GLY B 2 45  ? 12.306  -9.476  8.002   1.00 0.00  ? 68  GLY B H    1 
ATOM   598  N N    . GLN B 2 46  ? 11.989  -12.298 6.679   1.00 34.46 ? 69  GLN B N    1 
ATOM   599  C CA   . GLN B 2 46  ? 11.658  -13.146 5.506   1.00 34.72 ? 69  GLN B CA   1 
ATOM   600  C C    . GLN B 2 46  ? 12.222  -12.452 4.248   1.00 32.41 ? 69  GLN B C    1 
ATOM   601  O O    . GLN B 2 46  ? 12.334  -11.222 4.189   1.00 32.62 ? 69  GLN B O    1 
ATOM   602  C CB   . GLN B 2 46  ? 10.142  -13.318 5.410   1.00 37.91 ? 69  GLN B CB   1 
ATOM   603  C CG   . GLN B 2 46  ? 9.658   -14.642 6.013   1.00 42.10 ? 69  GLN B CG   1 
ATOM   604  C CD   . GLN B 2 46  ? 9.914   -15.833 5.091   1.00 45.09 ? 69  GLN B CD   1 
ATOM   605  O OE1  . GLN B 2 46  ? 10.725  -16.704 5.420   1.00 44.16 ? 69  GLN B OE1  1 
ATOM   606  N NE2  . GLN B 2 46  ? 9.263   -15.914 3.948   1.00 46.59 ? 69  GLN B NE2  1 
ATOM   607  H H    . GLN B 2 46  ? 11.244  -11.930 7.197   1.00 0.00  ? 69  GLN B H    1 
ATOM   608  H HE21 . GLN B 2 46  ? 8.623   -15.215 3.697   1.00 0.00  ? 69  GLN B HE21 1 
ATOM   609  H HE22 . GLN B 2 46  ? 9.447   -16.689 3.377   1.00 0.00  ? 69  GLN B HE22 1 
ATOM   610  N N    . THR B 2 47  ? 12.580  -13.232 3.225   1.00 29.65 ? 70  THR B N    1 
ATOM   611  C CA   . THR B 2 47  ? 13.176  -12.625 2.016   1.00 27.23 ? 70  THR B CA   1 
ATOM   612  C C    . THR B 2 47  ? 12.389  -12.844 0.719   1.00 24.28 ? 70  THR B C    1 
ATOM   613  O O    . THR B 2 47  ? 12.966  -13.091 -0.349  1.00 22.34 ? 70  THR B O    1 
ATOM   614  C CB   . THR B 2 47  ? 14.576  -13.164 1.783   1.00 29.63 ? 70  THR B CB   1 
ATOM   615  O OG1  . THR B 2 47  ? 14.572  -14.585 1.846   1.00 32.13 ? 70  THR B OG1  1 
ATOM   616  C CG2  . THR B 2 47  ? 15.559  -12.641 2.828   1.00 30.60 ? 70  THR B CG2  1 
ATOM   617  H H    . THR B 2 47  ? 12.539  -14.215 3.278   1.00 0.00  ? 70  THR B H    1 
ATOM   618  H HG1  . THR B 2 47  ? 15.469  -14.906 1.670   1.00 0.00  ? 70  THR B HG1  1 
ATOM   619  N N    . ASN B 2 48  ? 11.087  -12.748 0.806   1.00 21.66 ? 71  ASN B N    1 
ATOM   620  C CA   . ASN B 2 48  ? 10.249  -12.852 -0.381  1.00 19.24 ? 71  ASN B CA   1 
ATOM   621  C C    . ASN B 2 48  ? 9.760   -11.443 -0.693  1.00 15.54 ? 71  ASN B C    1 
ATOM   622  O O    . ASN B 2 48  ? 8.638   -11.235 -1.155  1.00 17.51 ? 71  ASN B O    1 
ATOM   623  C CB   . ASN B 2 48  ? 9.069   -13.801 -0.155  1.00 20.31 ? 71  ASN B CB   1 
ATOM   624  C CG   . ASN B 2 48  ? 8.113   -13.333 0.925   1.00 20.05 ? 71  ASN B CG   1 
ATOM   625  O OD1  . ASN B 2 48  ? 8.563   -12.881 1.983   1.00 22.14 ? 71  ASN B OD1  1 
ATOM   626  N ND2  . ASN B 2 48  ? 6.814   -13.421 0.717   1.00 17.35 ? 71  ASN B ND2  1 
ATOM   627  H H    . ASN B 2 48  ? 10.626  -12.567 1.653   1.00 0.00  ? 71  ASN B H    1 
ATOM   628  H HD21 . ASN B 2 48  ? 6.476   -13.785 -0.128  1.00 0.00  ? 71  ASN B HD21 1 
ATOM   629  H HD22 . ASN B 2 48  ? 6.220   -13.112 1.431   1.00 0.00  ? 71  ASN B HD22 1 
ATOM   630  N N    . CYS B 2 49  ? 10.642  -10.486 -0.418  1.00 13.43 ? 72  CYS B N    1 
ATOM   631  C CA   . CYS B 2 49  ? 10.351  -9.066  -0.656  1.00 11.15 ? 72  CYS B CA   1 
ATOM   632  C C    . CYS B 2 49  ? 11.185  -8.564  -1.837  1.00 9.33  ? 72  CYS B C    1 
ATOM   633  O O    . CYS B 2 49  ? 12.239  -9.128  -2.161  1.00 9.12  ? 72  CYS B O    1 
ATOM   634  C CB   . CYS B 2 49  ? 10.650  -8.259  0.597   1.00 10.49 ? 72  CYS B CB   1 
ATOM   635  S SG   . CYS B 2 49  ? 9.207   -8.267  1.765   1.00 15.10 ? 72  CYS B SG   1 
ATOM   636  H H    . CYS B 2 49  ? 11.548  -10.707 -0.053  1.00 0.00  ? 72  CYS B H    1 
ATOM   637  N N    . TYR B 2 50  ? 10.675  -7.504  -2.459  1.00 10.17 ? 73  TYR B N    1 
ATOM   638  C CA   . TYR B 2 50  ? 11.314  -6.896  -3.640  1.00 9.82  ? 73  TYR B CA   1 
ATOM   639  C C    . TYR B 2 50  ? 11.135  -5.387  -3.663  1.00 11.62 ? 73  TYR B C    1 
ATOM   640  O O    . TYR B 2 50  ? 10.065  -4.861  -3.347  1.00 11.41 ? 73  TYR B O    1 
ATOM   641  C CB   . TYR B 2 50  ? 10.689  -7.465  -4.908  1.00 10.50 ? 73  TYR B CB   1 
ATOM   642  C CG   . TYR B 2 50  ? 10.874  -8.960  -4.983  1.00 12.40 ? 73  TYR B CG   1 
ATOM   643  C CD1  . TYR B 2 50  ? 11.972  -9.483  -5.650  1.00 12.75 ? 73  TYR B CD1  1 
ATOM   644  C CD2  . TYR B 2 50  ? 9.946   -9.806  -4.376  1.00 10.53 ? 73  TYR B CD2  1 
ATOM   645  C CE1  . TYR B 2 50  ? 12.162  -10.861 -5.703  1.00 16.15 ? 73  TYR B CE1  1 
ATOM   646  C CE2  . TYR B 2 50  ? 10.135  -11.187 -4.423  1.00 15.26 ? 73  TYR B CE2  1 
ATOM   647  C CZ   . TYR B 2 50  ? 11.248  -11.716 -5.085  1.00 16.64 ? 73  TYR B CZ   1 
ATOM   648  O OH   . TYR B 2 50  ? 11.449  -13.058 -5.126  1.00 23.11 ? 73  TYR B OH   1 
ATOM   649  H H    . TYR B 2 50  ? 9.813   -7.130  -2.166  1.00 0.00  ? 73  TYR B H    1 
ATOM   650  H HH   . TYR B 2 50  ? 12.236  -13.210 -5.673  1.00 0.00  ? 73  TYR B HH   1 
ATOM   651  N N    . GLN B 2 51  ? 12.202  -4.731  -4.050  1.00 12.39 ? 74  GLN B N    1 
ATOM   652  C CA   . GLN B 2 51  ? 12.239  -3.272  -4.143  1.00 11.53 ? 74  GLN B CA   1 
ATOM   653  C C    . GLN B 2 51  ? 12.219  -2.857  -5.613  1.00 11.52 ? 74  GLN B C    1 
ATOM   654  O O    . GLN B 2 51  ? 12.877  -3.473  -6.466  1.00 10.69 ? 74  GLN B O    1 
ATOM   655  C CB   . GLN B 2 51  ? 13.506  -2.768  -3.477  1.00 11.80 ? 74  GLN B CB   1 
ATOM   656  C CG   . GLN B 2 51  ? 13.635  -1.255  -3.490  1.00 15.52 ? 74  GLN B CG   1 
ATOM   657  C CD   . GLN B 2 51  ? 14.802  -0.783  -2.641  1.00 18.35 ? 74  GLN B CD   1 
ATOM   658  O OE1  . GLN B 2 51  ? 15.401  0.251   -2.942  1.00 21.92 ? 74  GLN B OE1  1 
ATOM   659  N NE2  . GLN B 2 51  ? 15.160  -1.495  -1.588  1.00 22.43 ? 74  GLN B NE2  1 
ATOM   660  H H    . GLN B 2 51  ? 13.014  -5.225  -4.353  1.00 0.00  ? 74  GLN B H    1 
ATOM   661  H HE21 . GLN B 2 51  ? 14.674  -2.317  -1.364  1.00 0.00  ? 74  GLN B HE21 1 
ATOM   662  H HE22 . GLN B 2 51  ? 15.916  -1.170  -1.057  1.00 0.00  ? 74  GLN B HE22 1 
ATOM   663  N N    . SER B 2 52  ? 11.458  -1.814  -5.893  1.00 10.56 ? 75  SER B N    1 
ATOM   664  C CA   . SER B 2 52  ? 11.335  -1.314  -7.261  1.00 11.41 ? 75  SER B CA   1 
ATOM   665  C C    . SER B 2 52  ? 12.641  -0.660  -7.682  1.00 11.33 ? 75  SER B C    1 
ATOM   666  O O    . SER B 2 52  ? 13.308  0.023   -6.892  1.00 10.11 ? 75  SER B O    1 
ATOM   667  C CB   . SER B 2 52  ? 10.178  -0.291  -7.379  1.00 11.85 ? 75  SER B CB   1 
ATOM   668  O OG   . SER B 2 52  ? 10.350  0.801   -6.484  1.00 16.30 ? 75  SER B OG   1 
ATOM   669  H H    . SER B 2 52  ? 11.003  -1.307  -5.174  1.00 0.00  ? 75  SER B H    1 
ATOM   670  H HG   . SER B 2 52  ? 9.974   1.563   -7.035  1.00 0.00  ? 75  SER B HG   1 
ATOM   671  N N    . TYR B 2 53  ? 12.992  -0.890  -8.927  1.00 7.80  ? 76  TYR B N    1 
ATOM   672  C CA   . TYR B 2 53  ? 14.206  -0.317  -9.481  1.00 8.00  ? 76  TYR B CA   1 
ATOM   673  C C    . TYR B 2 53  ? 14.104  1.208   -9.457  1.00 8.59  ? 76  TYR B C    1 
ATOM   674  O O    . TYR B 2 53  ? 15.059  1.906   -9.116  1.00 9.21  ? 76  TYR B O    1 
ATOM   675  C CB   . TYR B 2 53  ? 14.416  -0.747  -10.924 1.00 6.36  ? 76  TYR B CB   1 
ATOM   676  C CG   . TYR B 2 53  ? 14.855  -2.194  -11.097 1.00 8.24  ? 76  TYR B CG   1 
ATOM   677  C CD1  . TYR B 2 53  ? 15.759  -2.785  -10.200 1.00 8.55  ? 76  TYR B CD1  1 
ATOM   678  C CD2  . TYR B 2 53  ? 14.344  -2.928  -12.164 1.00 5.66  ? 76  TYR B CD2  1 
ATOM   679  C CE1  . TYR B 2 53  ? 16.159  -4.116  -10.393 1.00 9.99  ? 76  TYR B CE1  1 
ATOM   680  C CE2  . TYR B 2 53  ? 14.744  -4.250  -12.359 1.00 5.92  ? 76  TYR B CE2  1 
ATOM   681  C CZ   . TYR B 2 53  ? 15.651  -4.844  -11.481 1.00 8.02  ? 76  TYR B CZ   1 
ATOM   682  O OH   . TYR B 2 53  ? 16.044  -6.130  -11.698 1.00 7.87  ? 76  TYR B OH   1 
ATOM   683  H H    . TYR B 2 53  ? 12.467  -1.535  -9.460  1.00 0.00  ? 76  TYR B H    1 
ATOM   684  H HH   . TYR B 2 53  ? 15.527  -6.462  -12.466 1.00 0.00  ? 76  TYR B HH   1 
ATOM   685  N N    . SER B 2 54  ? 12.929  1.706   -9.826  1.00 9.57  ? 77  SER B N    1 
ATOM   686  C CA   . SER B 2 54  ? 12.682  3.160   -9.866  1.00 8.18  ? 77  SER B CA   1 
ATOM   687  C C    . SER B 2 54  ? 11.648  3.561   -8.809  1.00 7.56  ? 77  SER B C    1 
ATOM   688  O O    . SER B 2 54  ? 10.965  2.713   -8.220  1.00 5.22  ? 77  SER B O    1 
ATOM   689  C CB   . SER B 2 54  ? 12.167  3.575   -11.255 0.69 9.50  ? 77  SER B CB   1 
ATOM   690  O OG   . SER B 2 54  ? 10.975  2.873   -11.581 0.69 13.30 ? 77  SER B OG   1 
ATOM   691  H H    . SER B 2 54  ? 12.157  1.139   -10.087 1.00 0.00  ? 77  SER B H    1 
ATOM   692  H HG   . SER B 2 54  ? 11.131  2.247   -12.326 1.00 0.00  ? 77  SER B HG   1 
ATOM   693  N N    . THR B 2 55  ? 11.563  4.861   -8.583  1.00 9.15  ? 78  THR B N    1 
ATOM   694  C CA   . THR B 2 55  ? 10.609  5.413   -7.621  1.00 9.17  ? 78  THR B CA   1 
ATOM   695  C C    . THR B 2 55  ? 9.242   5.432   -8.294  1.00 13.28 ? 78  THR B C    1 
ATOM   696  O O    . THR B 2 55  ? 9.137   5.439   -9.526  1.00 12.23 ? 78  THR B O    1 
ATOM   697  C CB   . THR B 2 55  ? 11.026  6.832   -7.203  1.00 9.39  ? 78  THR B CB   1 
ATOM   698  O OG1  . THR B 2 55  ? 11.047  7.696   -8.332  1.00 11.89 ? 78  THR B OG1  1 
ATOM   699  C CG2  . THR B 2 55  ? 12.416  6.872   -6.565  1.00 9.10  ? 78  THR B CG2  1 
ATOM   700  H H    . THR B 2 55  ? 12.058  5.520   -9.116  1.00 0.00  ? 78  THR B H    1 
ATOM   701  H HG1  . THR B 2 55  ? 11.387  8.595   -8.116  1.00 0.00  ? 78  THR B HG1  1 
ATOM   702  N N    . MET B 2 56  ? 8.217   5.430   -7.482  1.00 12.32 ? 79  MET B N    1 
ATOM   703  C CA   . MET B 2 56  ? 6.836   5.448   -7.978  1.00 10.77 ? 79  MET B CA   1 
ATOM   704  C C    . MET B 2 56  ? 6.073   6.550   -7.258  1.00 9.41  ? 79  MET B C    1 
ATOM   705  O O    . MET B 2 56  ? 6.468   6.993   -6.184  1.00 12.45 ? 79  MET B O    1 
ATOM   706  C CB   . MET B 2 56  ? 6.186   4.091   -7.717  1.00 14.56 ? 79  MET B CB   1 
ATOM   707  C CG   . MET B 2 56  ? 6.911   2.952   -8.422  1.00 11.38 ? 79  MET B CG   1 
ATOM   708  S SD   . MET B 2 56  ? 6.034   1.423   -8.352  1.00 13.31 ? 79  MET B SD   1 
ATOM   709  C CE   . MET B 2 56  ? 6.287   0.581   -9.880  1.00 13.06 ? 79  MET B CE   1 
ATOM   710  H H    . MET B 2 56  ? 8.323   5.448   -6.498  1.00 0.00  ? 79  MET B H    1 
ATOM   711  N N    . SER B 2 57  ? 4.990   6.981   -7.870  1.00 9.24  ? 80  SER B N    1 
ATOM   712  C CA   . SER B 2 57  ? 4.140   8.043   -7.300  1.00 11.41 ? 80  SER B CA   1 
ATOM   713  C C    . SER B 2 57  ? 3.226   7.434   -6.233  1.00 10.47 ? 80  SER B C    1 
ATOM   714  O O    . SER B 2 57  ? 2.424   6.548   -6.508  1.00 11.58 ? 80  SER B O    1 
ATOM   715  C CB   . SER B 2 57  ? 3.281   8.668   -8.420  1.00 8.81  ? 80  SER B CB   1 
ATOM   716  O OG   . SER B 2 57  ? 2.460   9.712   -7.907  1.00 11.68 ? 80  SER B OG   1 
ATOM   717  H H    . SER B 2 57  ? 4.688   6.562   -8.710  1.00 0.00  ? 80  SER B H    1 
ATOM   718  H HG   . SER B 2 57  ? 3.015   10.466  -7.666  1.00 0.00  ? 80  SER B HG   1 
ATOM   719  N N    . ILE B 2 58  ? 3.351   7.903   -5.011  1.00 8.57  ? 81  ILE B N    1 
ATOM   720  C CA   . ILE B 2 58  ? 2.508   7.396   -3.906  1.00 8.24  ? 81  ILE B CA   1 
ATOM   721  C C    . ILE B 2 58  ? 2.087   8.536   -2.986  1.00 8.79  ? 81  ILE B C    1 
ATOM   722  O O    . ILE B 2 58  ? 2.662   9.619   -3.003  1.00 6.98  ? 81  ILE B O    1 
ATOM   723  C CB   . ILE B 2 58  ? 3.287   6.386   -3.034  1.00 10.45 ? 81  ILE B CB   1 
ATOM   724  C CG1  . ILE B 2 58  ? 4.339   7.073   -2.157  1.00 11.98 ? 81  ILE B CG1  1 
ATOM   725  C CG2  . ILE B 2 58  ? 4.039   5.319   -3.844  1.00 12.87 ? 81  ILE B CG2  1 
ATOM   726  C CD1  . ILE B 2 58  ? 4.212   6.720   -0.677  1.00 13.53 ? 81  ILE B CD1  1 
ATOM   727  H H    . ILE B 2 58  ? 4.032   8.623   -4.788  1.00 0.00  ? 81  ILE B H    1 
ATOM   728  N N    . THR B 2 59  ? 1.065   8.295   -2.196  1.00 8.57  ? 82  THR B N    1 
ATOM   729  C CA   . THR B 2 59  ? 0.658   9.277   -1.177  1.00 10.16 ? 82  THR B CA   1 
ATOM   730  C C    . THR B 2 59  ? 0.419   8.461   0.089   1.00 11.18 ? 82  THR B C    1 
ATOM   731  O O    . THR B 2 59  ? -0.269  7.427   0.077   1.00 12.03 ? 82  THR B O    1 
ATOM   732  C CB   . THR B 2 59  ? -0.584  10.168  -1.590  1.00 12.39 ? 82  THR B CB   1 
ATOM   733  O OG1  . THR B 2 59  ? -1.597  10.169  -0.571  1.00 7.66  ? 82  THR B OG1  1 
ATOM   734  C CG2  . THR B 2 59  ? -1.258  9.748   -2.886  1.00 6.29  ? 82  THR B CG2  1 
ATOM   735  H H    . THR B 2 59  ? 0.576   7.416   -2.251  1.00 0.00  ? 82  THR B H    1 
ATOM   736  H HG1  . THR B 2 59  ? -2.027  9.387   -0.363  1.00 0.00  ? 82  THR B HG1  1 
ATOM   737  N N    . ASP B 2 60  ? 1.038   8.939   1.141   1.00 10.84 ? 83  ASP B N    1 
ATOM   738  C CA   . ASP B 2 60  ? 0.938   8.322   2.454   1.00 11.26 ? 83  ASP B CA   1 
ATOM   739  C C    . ASP B 2 60  ? -0.213  8.951   3.184   1.00 11.54 ? 83  ASP B C    1 
ATOM   740  O O    . ASP B 2 60  ? -0.343  10.174  3.209   1.00 14.03 ? 83  ASP B O    1 
ATOM   741  C CB   . ASP B 2 60  ? 2.213   8.564   3.274   0.45 11.32 ? 83  ASP B CB   1 
ATOM   742  C CG   . ASP B 2 60  ? 3.411   7.787   2.776   0.45 15.17 ? 83  ASP B CG   1 
ATOM   743  O OD1  . ASP B 2 60  ? 3.531   6.545   3.075   0.45 14.86 ? 83  ASP B OD1  1 
ATOM   744  O OD2  . ASP B 2 60  ? 4.294   8.380   2.060   0.45 17.45 ? 83  ASP B OD2  1 
ATOM   745  H H    . ASP B 2 60  ? 1.634   9.712   1.025   1.00 0.00  ? 83  ASP B H    1 
ATOM   746  N N    . CYS B 2 61  ? -1.036  8.114   3.753   1.00 9.80  ? 84  CYS B N    1 
ATOM   747  C CA   . CYS B 2 61  ? -2.180  8.574   4.548   1.00 11.32 ? 84  CYS B CA   1 
ATOM   748  C C    . CYS B 2 61  ? -1.837  8.242   5.994   1.00 9.51  ? 84  CYS B C    1 
ATOM   749  O O    . CYS B 2 61  ? -1.595  7.082   6.328   1.00 11.44 ? 84  CYS B O    1 
ATOM   750  C CB   . CYS B 2 61  ? -3.463  7.874   4.100   1.00 8.77  ? 84  CYS B CB   1 
ATOM   751  S SG   . CYS B 2 61  ? -4.017  8.392   2.404   1.00 9.40  ? 84  CYS B SG   1 
ATOM   752  H H    . CYS B 2 61  ? -0.911  7.134   3.622   1.00 0.00  ? 84  CYS B H    1 
ATOM   753  N N    . ARG B 2 62  ? -1.817  9.276   6.815   1.00 11.86 ? 85  ARG B N    1 
ATOM   754  C CA   . ARG B 2 62  ? -1.437  9.160   8.248   1.00 9.17  ? 85  ARG B CA   1 
ATOM   755  C C    . ARG B 2 62  ? -2.507  9.816   9.136   1.00 9.66  ? 85  ARG B C    1 
ATOM   756  O O    . ARG B 2 62  ? -2.859  10.985  8.961   1.00 8.51  ? 85  ARG B O    1 
ATOM   757  C CB   . ARG B 2 62  ? -0.066  9.885   8.389   0.44 7.28  ? 85  ARG B CB   1 
ATOM   758  C CG   . ARG B 2 62  ? 0.724   9.741   9.729   0.44 5.67  ? 85  ARG B CG   1 
ATOM   759  C CD   . ARG B 2 62  ? 1.022   8.336   10.209  0.44 7.84  ? 85  ARG B CD   1 
ATOM   760  N NE   . ARG B 2 62  ? 2.248   7.788   9.914   0.44 7.50  ? 85  ARG B NE   1 
ATOM   761  C CZ   . ARG B 2 62  ? 3.070   6.969   10.574  0.44 5.64  ? 85  ARG B CZ   1 
ATOM   762  N NH1  . ARG B 2 62  ? 3.005   6.503   11.876  0.44 3.93  ? 85  ARG B NH1  1 
ATOM   763  N NH2  . ARG B 2 62  ? 3.975   6.442   9.868   0.44 4.91  ? 85  ARG B NH2  1 
ATOM   764  H H    . ARG B 2 62  ? -2.099  10.164  6.443   1.00 0.00  ? 85  ARG B H    1 
ATOM   765  H HE   . ARG B 2 62  ? 1.738   8.239   11.516  1.00 0.00  ? 85  ARG B HE   1 
ATOM   766  H HH11 . ARG B 2 62  ? 2.251   6.783   12.471  1.00 0.00  ? 85  ARG B HH11 1 
ATOM   767  H HH12 . ARG B 2 62  ? 3.712   5.886   12.222  1.00 0.00  ? 85  ARG B HH12 1 
ATOM   768  H HH21 . ARG B 2 62  ? 4.035   6.650   8.892   1.00 0.00  ? 85  ARG B HH21 1 
ATOM   769  H HH22 . ARG B 2 62  ? 4.633   5.815   10.286  1.00 0.00  ? 85  ARG B HH22 1 
ATOM   770  N N    . GLU B 2 63  ? -3.007  9.038   10.082  1.00 10.13 ? 86  GLU B N    1 
ATOM   771  C CA   . GLU B 2 63  ? -4.028  9.511   11.035  1.00 11.26 ? 86  GLU B CA   1 
ATOM   772  C C    . GLU B 2 63  ? -3.440  10.606  11.907  1.00 12.94 ? 86  GLU B C    1 
ATOM   773  O O    . GLU B 2 63  ? -2.321  10.495  12.399  1.00 15.31 ? 86  GLU B O    1 
ATOM   774  C CB   . GLU B 2 63  ? -4.465  8.367   11.943  1.00 7.90  ? 86  GLU B CB   1 
ATOM   775  C CG   . GLU B 2 63  ? -5.960  8.333   12.157  1.00 11.21 ? 86  GLU B CG   1 
ATOM   776  C CD   . GLU B 2 63  ? -6.397  7.259   13.134  1.00 11.43 ? 86  GLU B CD   1 
ATOM   777  O OE1  . GLU B 2 63  ? -7.583  7.278   13.592  1.00 16.48 ? 86  GLU B OE1  1 
ATOM   778  O OE2  . GLU B 2 63  ? -5.575  6.338   13.495  1.00 13.50 ? 86  GLU B OE2  1 
ATOM   779  H H    . GLU B 2 63  ? -2.677  8.109   10.200  1.00 0.00  ? 86  GLU B H    1 
ATOM   780  N N    . THR B 2 64  ? -4.181  11.676  12.107  1.00 14.81 ? 87  THR B N    1 
ATOM   781  C CA   . THR B 2 64  ? -3.678  12.758  12.960  1.00 17.90 ? 87  THR B CA   1 
ATOM   782  C C    . THR B 2 64  ? -3.894  12.368  14.413  1.00 20.30 ? 87  THR B C    1 
ATOM   783  O O    . THR B 2 64  ? -4.454  11.306  14.707  1.00 21.19 ? 87  THR B O    1 
ATOM   784  C CB   . THR B 2 64  ? -4.384  14.075  12.671  1.00 17.87 ? 87  THR B CB   1 
ATOM   785  O OG1  . THR B 2 64  ? -5.792  13.899  12.700  1.00 17.71 ? 87  THR B OG1  1 
ATOM   786  C CG2  . THR B 2 64  ? -4.006  14.639  11.308  1.00 21.46 ? 87  THR B CG2  1 
ATOM   787  H H    . THR B 2 64  ? -5.081  11.758  11.674  1.00 0.00  ? 87  THR B H    1 
ATOM   788  H HG1  . THR B 2 64  ? -6.076  13.365  11.968  1.00 0.00  ? 87  THR B HG1  1 
ATOM   789  N N    . GLY B 2 65  ? -3.439  13.234  15.285  1.00 22.39 ? 88  GLY B N    1 
ATOM   790  C CA   . GLY B 2 65  ? -3.543  13.020  16.728  1.00 25.93 ? 88  GLY B CA   1 
ATOM   791  C C    . GLY B 2 65  ? -4.993  13.173  17.214  1.00 28.96 ? 88  GLY B C    1 
ATOM   792  O O    . GLY B 2 65  ? -5.394  12.566  18.214  1.00 30.85 ? 88  GLY B O    1 
ATOM   793  H H    . GLY B 2 65  ? -2.901  14.011  14.990  1.00 0.00  ? 88  GLY B H    1 
ATOM   794  N N    . SER B 2 66  ? -5.759  13.980  16.492  1.00 30.96 ? 89  SER B N    1 
ATOM   795  C CA   . SER B 2 66  ? -7.168  14.263  16.850  1.00 31.79 ? 89  SER B CA   1 
ATOM   796  C C    . SER B 2 66  ? -8.178  13.451  16.001  1.00 33.31 ? 89  SER B C    1 
ATOM   797  O O    . SER B 2 66  ? -9.258  13.938  15.648  1.00 37.68 ? 89  SER B O    1 
ATOM   798  C CB   . SER B 2 66  ? -7.469  15.758  16.649  1.00 33.90 ? 89  SER B CB   1 
ATOM   799  O OG   . SER B 2 66  ? -6.887  16.231  15.438  1.00 35.51 ? 89  SER B OG   1 
ATOM   800  H H    . SER B 2 66  ? -5.435  14.444  15.705  1.00 0.00  ? 89  SER B H    1 
ATOM   801  H HG   . SER B 2 66  ? -7.307  17.103  15.236  1.00 0.00  ? 89  SER B HG   1 
ATOM   802  N N    . SER B 2 67  ? -7.812  12.224  15.694  1.00 30.17 ? 90  SER B N    1 
ATOM   803  C CA   . SER B 2 67  ? -8.665  11.313  14.909  1.00 25.50 ? 90  SER B CA   1 
ATOM   804  C C    . SER B 2 67  ? -9.173  10.219  15.850  1.00 25.07 ? 90  SER B C    1 
ATOM   805  O O    . SER B 2 67  ? -8.408  9.676   16.648  1.00 22.36 ? 90  SER B O    1 
ATOM   806  C CB   . SER B 2 67  ? -7.835  10.700  13.768  1.00 22.13 ? 90  SER B CB   1 
ATOM   807  O OG   . SER B 2 67  ? -8.587  9.722   13.063  1.00 17.98 ? 90  SER B OG   1 
ATOM   808  H H    . SER B 2 67  ? -6.981  11.822  16.024  1.00 0.00  ? 90  SER B H    1 
ATOM   809  H HG   . SER B 2 67  ? -8.743  8.994   13.654  1.00 0.00  ? 90  SER B HG   1 
ATOM   810  N N    . LYS B 2 68  ? -10.462 9.920   15.742  1.00 24.88 ? 91  LYS B N    1 
ATOM   811  C CA   . LYS B 2 68  ? -11.115 8.880   16.587  1.00 24.99 ? 91  LYS B CA   1 
ATOM   812  C C    . LYS B 2 68  ? -12.465 8.473   15.968  1.00 22.23 ? 91  LYS B C    1 
ATOM   813  O O    . LYS B 2 68  ? -13.219 9.364   15.524  1.00 21.27 ? 91  LYS B O    1 
ATOM   814  C CB   . LYS B 2 68  ? -11.347 9.434   17.997  1.00 32.21 ? 91  LYS B CB   1 
ATOM   815  C CG   . LYS B 2 68  ? -11.846 8.376   18.988  1.00 40.41 ? 91  LYS B CG   1 
ATOM   816  C CD   . LYS B 2 68  ? -13.349 8.488   19.285  1.00 44.54 ? 91  LYS B CD   1 
ATOM   817  C CE   . LYS B 2 68  ? -13.947 7.205   19.897  1.00 44.47 ? 91  LYS B CE   1 
ATOM   818  N NZ   . LYS B 2 68  ? -14.214 6.139   18.904  1.00 40.48 ? 91  LYS B NZ   1 
ATOM   819  H H    . LYS B 2 68  ? -11.059 10.418  15.110  1.00 0.00  ? 91  LYS B H    1 
ATOM   820  H HZ1  . LYS B 2 68  ? -13.365 5.851   18.385  1.00 0.00  ? 91  LYS B HZ1  1 
ATOM   821  H HZ2  . LYS B 2 68  ? -14.987 6.358   18.249  1.00 0.00  ? 91  LYS B HZ2  1 
ATOM   822  H HZ3  . LYS B 2 68  ? -14.573 5.279   19.443  1.00 0.00  ? 91  LYS B HZ3  1 
ATOM   823  N N    . TYR B 2 69  ? -12.720 7.083   15.992  1.00 20.92 ? 92  TYR B N    1 
ATOM   824  C CA   . TYR B 2 69  ? -13.961 6.467   15.378  1.00 18.81 ? 92  TYR B CA   1 
ATOM   825  C C    . TYR B 2 69  ? -14.925 7.570   15.488  1.00 18.20 ? 92  TYR B C    1 
ATOM   826  O O    . TYR B 2 69  ? -14.760 8.238   16.623  1.00 18.47 ? 92  TYR B O    1 
ATOM   827  C CB   . TYR B 2 69  ? -14.189 5.106   15.673  1.00 19.03 ? 92  TYR B CB   1 
ATOM   828  C CG   . TYR B 2 69  ? -15.127 4.468   14.574  1.00 16.56 ? 92  TYR B CG   1 
ATOM   829  C CD1  . TYR B 2 69  ? -14.822 4.381   13.139  1.00 17.34 ? 92  TYR B CD1  1 
ATOM   830  C CD2  . TYR B 2 69  ? -16.315 3.973   15.020  1.00 19.41 ? 92  TYR B CD2  1 
ATOM   831  C CE1  . TYR B 2 69  ? -15.782 3.776   12.251  1.00 20.73 ? 92  TYR B CE1  1 
ATOM   832  C CE2  . TYR B 2 69  ? -17.247 3.384   14.144  1.00 18.08 ? 92  TYR B CE2  1 
ATOM   833  C CZ   . TYR B 2 69  ? -16.994 3.281   12.774  1.00 21.99 ? 92  TYR B CZ   1 
ATOM   834  O OH   . TYR B 2 69  ? -17.932 2.696   11.957  1.00 22.88 ? 92  TYR B OH   1 
ATOM   835  H H    . TYR B 2 69  ? -12.074 6.562   16.153  1.00 0.00  ? 92  TYR B H    1 
ATOM   836  H HH   . TYR B 2 69  ? -17.733 2.774   11.021  1.00 0.00  ? 92  TYR B HH   1 
ATOM   837  N N    . PRO B 2 70  ? -16.036 7.438   14.879  1.00 16.03 ? 93  PRO B N    1 
ATOM   838  C CA   . PRO B 2 70  ? -16.496 7.856   13.632  1.00 17.14 ? 93  PRO B CA   1 
ATOM   839  C C    . PRO B 2 70  ? -15.726 8.747   12.827  1.00 16.15 ? 93  PRO B C    1 
ATOM   840  O O    . PRO B 2 70  ? -15.619 8.447   11.582  1.00 16.89 ? 93  PRO B O    1 
ATOM   841  C CB   . PRO B 2 70  ? -17.848 8.263   13.625  1.00 15.86 ? 93  PRO B CB   1 
ATOM   842  C CG   . PRO B 2 70  ? -18.368 8.114   14.943  1.00 15.74 ? 93  PRO B CG   1 
ATOM   843  C CD   . PRO B 2 70  ? -17.250 7.531   15.841  1.00 14.95 ? 93  PRO B CD   1 
ATOM   844  N N    . ASN B 2 71  ? -15.175 9.731   13.366  1.00 16.66 ? 94  ASN B N    1 
ATOM   845  C CA   . ASN B 2 71  ? -14.529 10.736  12.516  1.00 17.26 ? 94  ASN B CA   1 
ATOM   846  C C    . ASN B 2 71  ? -13.017 10.621  12.327  1.00 15.26 ? 94  ASN B C    1 
ATOM   847  O O    . ASN B 2 71  ? -12.252 11.435  12.849  1.00 15.49 ? 94  ASN B O    1 
ATOM   848  C CB   . ASN B 2 71  ? -14.811 12.088  13.116  1.00 23.01 ? 94  ASN B CB   1 
ATOM   849  C CG   . ASN B 2 71  ? -16.268 12.213  13.541  1.00 28.87 ? 94  ASN B CG   1 
ATOM   850  O OD1  . ASN B 2 71  ? -17.148 12.334  12.679  1.00 31.16 ? 94  ASN B OD1  1 
ATOM   851  N ND2  . ASN B 2 71  ? -16.573 12.185  14.825  1.00 30.43 ? 94  ASN B ND2  1 
ATOM   852  H H    . ASN B 2 71  ? -15.091 9.747   14.321  1.00 0.00  ? 94  ASN B H    1 
ATOM   853  H HD21 . ASN B 2 71  ? -15.864 12.084  15.494  1.00 0.00  ? 94  ASN B HD21 1 
ATOM   854  H HD22 . ASN B 2 71  ? -17.518 12.268  15.068  1.00 0.00  ? 94  ASN B HD22 1 
ATOM   855  N N    . CYS B 2 72  ? -12.600 9.625   11.562  1.00 14.43 ? 95  CYS B N    1 
ATOM   856  C CA   . CYS B 2 72  ? -11.170 9.437   11.264  1.00 13.29 ? 95  CYS B CA   1 
ATOM   857  C C    . CYS B 2 72  ? -10.687 10.644  10.439  1.00 13.77 ? 95  CYS B C    1 
ATOM   858  O O    . CYS B 2 72  ? -11.421 11.201  9.611   1.00 16.68 ? 95  CYS B O    1 
ATOM   859  C CB   . CYS B 2 72  ? -10.950 8.151   10.465  1.00 12.38 ? 95  CYS B CB   1 
ATOM   860  S SG   . CYS B 2 72  ? -11.943 6.719   11.094  1.00 10.18 ? 95  CYS B SG   1 
ATOM   861  H H    . CYS B 2 72  ? -13.256 9.001   11.165  1.00 0.00  ? 95  CYS B H    1 
ATOM   862  N N    . ALA B 2 73  ? -9.461  11.038  10.675  1.00 12.40 ? 96  ALA B N    1 
ATOM   863  C CA   . ALA B 2 73  ? -8.866  12.182  9.973   1.00 10.83 ? 96  ALA B CA   1 
ATOM   864  C C    . ALA B 2 73  ? -7.425  11.859  9.625   1.00 9.93  ? 96  ALA B C    1 
ATOM   865  O O    . ALA B 2 73  ? -6.673  11.334  10.451  1.00 8.11  ? 96  ALA B O    1 
ATOM   866  C CB   . ALA B 2 73  ? -8.929  13.414  10.862  1.00 13.68 ? 96  ALA B CB   1 
ATOM   867  H H    . ALA B 2 73  ? -8.892  10.562  11.324  1.00 0.00  ? 96  ALA B H    1 
ATOM   868  N N    . TYR B 2 74  ? -7.070  12.188  8.404   1.00 11.96 ? 97  TYR B N    1 
ATOM   869  C CA   . TYR B 2 74  ? -5.736  11.899  7.887   1.00 10.54 ? 97  TYR B CA   1 
ATOM   870  C C    . TYR B 2 74  ? -5.024  13.123  7.348   1.00 12.92 ? 97  TYR B C    1 
ATOM   871  O O    . TYR B 2 74  ? -5.648  14.112  6.961   1.00 13.95 ? 97  TYR B O    1 
ATOM   872  C CB   . TYR B 2 74  ? -5.864  10.890  6.727   1.00 9.00  ? 97  TYR B CB   1 
ATOM   873  C CG   . TYR B 2 74  ? -6.392  9.560   7.228   1.00 8.80  ? 97  TYR B CG   1 
ATOM   874  C CD1  . TYR B 2 74  ? -5.496  8.565   7.606   1.00 8.28  ? 97  TYR B CD1  1 
ATOM   875  C CD2  . TYR B 2 74  ? -7.769  9.339   7.313   1.00 8.21  ? 97  TYR B CD2  1 
ATOM   876  C CE1  . TYR B 2 74  ? -5.972  7.359   8.127   1.00 10.23 ? 97  TYR B CE1  1 
ATOM   877  C CE2  . TYR B 2 74  ? -8.249  8.137   7.845   1.00 11.01 ? 97  TYR B CE2  1 
ATOM   878  C CZ   . TYR B 2 74  ? -7.348  7.151   8.266   1.00 9.12  ? 97  TYR B CZ   1 
ATOM   879  O OH   . TYR B 2 74  ? -7.808  6.005   8.844   1.00 10.42 ? 97  TYR B OH   1 
ATOM   880  H H    . TYR B 2 74  ? -7.687  12.641  7.781   1.00 0.00  ? 97  TYR B H    1 
ATOM   881  H HH   . TYR B 2 74  ? -7.037  5.496   9.066   1.00 0.00  ? 97  TYR B HH   1 
ATOM   882  N N    . LYS B 2 75  ? -3.721  12.999  7.358   1.00 11.99 ? 98  LYS B N    1 
ATOM   883  C CA   . LYS B 2 75  ? -2.825  13.991  6.793   1.00 13.73 ? 98  LYS B CA   1 
ATOM   884  C C    . LYS B 2 75  ? -2.306  13.326  5.519   1.00 11.95 ? 98  LYS B C    1 
ATOM   885  O O    . LYS B 2 75  ? -1.825  12.185  5.562   1.00 10.12 ? 98  LYS B O    1 
ATOM   886  C CB   . LYS B 2 75  ? -1.692  14.322  7.768   1.00 18.10 ? 98  LYS B CB   1 
ATOM   887  C CG   . LYS B 2 75  ? -0.384  14.640  7.056   1.00 21.58 ? 98  LYS B CG   1 
ATOM   888  C CD   . LYS B 2 75  ? 0.268   15.916  7.555   1.00 25.91 ? 98  LYS B CD   1 
ATOM   889  C CE   . LYS B 2 75  ? 0.566   16.900  6.425   1.00 30.60 ? 98  LYS B CE   1 
ATOM   890  N NZ   . LYS B 2 75  ? -0.652  17.467  5.809   1.00 31.69 ? 98  LYS B NZ   1 
ATOM   891  H H    . LYS B 2 75  ? -3.290  12.226  7.774   1.00 0.00  ? 98  LYS B H    1 
ATOM   892  H HZ1  . LYS B 2 75  ? -1.209  18.003  6.511   1.00 0.00  ? 98  LYS B HZ1  1 
ATOM   893  H HZ2  . LYS B 2 75  ? -1.259  16.734  5.381   1.00 0.00  ? 98  LYS B HZ2  1 
ATOM   894  H HZ3  . LYS B 2 75  ? -0.368  18.140  5.041   1.00 0.00  ? 98  LYS B HZ3  1 
ATOM   895  N N    . THR B 2 76  ? -2.427  14.033  4.408   1.00 12.68 ? 99  THR B N    1 
ATOM   896  C CA   . THR B 2 76  ? -2.002  13.504  3.089   1.00 13.16 ? 99  THR B CA   1 
ATOM   897  C C    . THR B 2 76  ? -0.603  14.022  2.694   1.00 14.24 ? 99  THR B C    1 
ATOM   898  O O    . THR B 2 76  ? -0.315  15.225  2.744   1.00 16.05 ? 99  THR B O    1 
ATOM   899  C CB   . THR B 2 76  ? -3.004  13.928  2.008   1.00 14.18 ? 99  THR B CB   1 
ATOM   900  O OG1  . THR B 2 76  ? -4.329  13.567  2.404   1.00 15.08 ? 99  THR B OG1  1 
ATOM   901  C CG2  . THR B 2 76  ? -2.722  13.268  0.655   1.00 12.78 ? 99  THR B CG2  1 
ATOM   902  H H    . THR B 2 76  ? -2.879  14.897  4.445   1.00 0.00  ? 99  THR B H    1 
ATOM   903  H HG1  . THR B 2 76  ? -4.318  12.610  2.508   1.00 0.00  ? 99  THR B HG1  1 
ATOM   904  N N    . THR B 2 77  ? 0.245   13.080  2.299   1.00 13.05 ? 100 THR B N    1 
ATOM   905  C CA   . THR B 2 77  ? 1.621   13.386  1.884   1.00 12.89 ? 100 THR B CA   1 
ATOM   906  C C    . THR B 2 77  ? 1.993   12.634  0.593   1.00 15.32 ? 100 THR B C    1 
ATOM   907  O O    . THR B 2 77  ? 2.166   11.410  0.586   1.00 16.34 ? 100 THR B O    1 
ATOM   908  C CB   . THR B 2 77  ? 2.608   12.970  2.975   1.00 12.00 ? 100 THR B CB   1 
ATOM   909  O OG1  . THR B 2 77  ? 2.237   13.553  4.221   1.00 12.30 ? 100 THR B OG1  1 
ATOM   910  C CG2  . THR B 2 77  ? 4.033   13.410  2.661   1.00 13.43 ? 100 THR B CG2  1 
ATOM   911  H H    . THR B 2 77  ? -0.021  12.138  2.299   1.00 0.00  ? 100 THR B H    1 
ATOM   912  H HG1  . THR B 2 77  ? 1.424   13.072  4.427   1.00 0.00  ? 100 THR B HG1  1 
ATOM   913  N N    . GLN B 2 78  ? 2.107   13.392  -0.491  1.00 16.94 ? 101 GLN B N    1 
ATOM   914  C CA   . GLN B 2 78  ? 2.493   12.833  -1.801  1.00 18.69 ? 101 GLN B CA   1 
ATOM   915  C C    . GLN B 2 78  ? 4.012   12.752  -1.849  1.00 18.24 ? 101 GLN B C    1 
ATOM   916  O O    . GLN B 2 78  ? 4.707   13.600  -1.287  1.00 21.65 ? 101 GLN B O    1 
ATOM   917  C CB   . GLN B 2 78  ? 2.005   13.730  -2.945  1.00 20.55 ? 101 GLN B CB   1 
ATOM   918  C CG   . GLN B 2 78  ? 1.090   13.005  -3.946  1.00 31.03 ? 101 GLN B CG   1 
ATOM   919  C CD   . GLN B 2 78  ? 1.831   12.095  -4.942  1.00 33.11 ? 101 GLN B CD   1 
ATOM   920  O OE1  . GLN B 2 78  ? 2.866   12.484  -5.500  1.00 36.46 ? 101 GLN B OE1  1 
ATOM   921  N NE2  . GLN B 2 78  ? 1.348   10.894  -5.200  1.00 36.85 ? 101 GLN B NE2  1 
ATOM   922  H H    . GLN B 2 78  ? 1.936   14.357  -0.430  1.00 0.00  ? 101 GLN B H    1 
ATOM   923  H HE21 . GLN B 2 78  ? 0.527   10.590  -4.759  1.00 0.00  ? 101 GLN B HE21 1 
ATOM   924  H HE22 . GLN B 2 78  ? 1.839   10.337  -5.837  1.00 0.00  ? 101 GLN B HE22 1 
ATOM   925  N N    . ALA B 2 79  ? 4.503   11.737  -2.516  1.00 17.92 ? 102 ALA B N    1 
ATOM   926  C CA   . ALA B 2 79  ? 5.948   11.524  -2.647  1.00 16.87 ? 102 ALA B CA   1 
ATOM   927  C C    . ALA B 2 79  ? 6.227   10.548  -3.789  1.00 16.99 ? 102 ALA B C    1 
ATOM   928  O O    . ALA B 2 79  ? 5.316   9.935   -4.346  1.00 15.04 ? 102 ALA B O    1 
ATOM   929  C CB   . ALA B 2 79  ? 6.503   10.938  -1.329  1.00 14.69 ? 102 ALA B CB   1 
ATOM   930  H H    . ALA B 2 79  ? 3.925   11.089  -2.992  1.00 0.00  ? 102 ALA B H    1 
ATOM   931  N N    . ASN B 2 80  ? 7.482   10.445  -4.118  1.00 18.15 ? 103 ASN B N    1 
ATOM   932  C CA   . ASN B 2 80  ? 7.963   9.508   -5.131  1.00 20.59 ? 103 ASN B CA   1 
ATOM   933  C C    . ASN B 2 80  ? 9.010   8.702   -4.463  1.00 20.27 ? 103 ASN B C    1 
ATOM   934  O O    . ASN B 2 80  ? 9.983   9.247   -3.949  1.00 20.18 ? 103 ASN B O    1 
ATOM   935  C CB   . ASN B 2 80  ? 8.584   10.223  -6.334  1.00 21.14 ? 103 ASN B CB   1 
ATOM   936  C CG   . ASN B 2 80  ? 7.576   10.954  -7.181  1.00 25.88 ? 103 ASN B CG   1 
ATOM   937  O OD1  . ASN B 2 80  ? 6.879   10.327  -7.984  1.00 28.61 ? 103 ASN B OD1  1 
ATOM   938  N ND2  . ASN B 2 80  ? 7.463   12.255  -7.042  1.00 32.73 ? 103 ASN B ND2  1 
ATOM   939  H H    . ASN B 2 80  ? 8.201   10.964  -3.645  1.00 0.00  ? 103 ASN B H    1 
ATOM   940  H HD21 . ASN B 2 80  ? 8.028   12.730  -6.398  1.00 0.00  ? 103 ASN B HD21 1 
ATOM   941  H HD22 . ASN B 2 80  ? 6.803   12.714  -7.601  1.00 0.00  ? 103 ASN B HD22 1 
ATOM   942  N N    . LYS B 2 81  ? 8.845   7.413   -4.431  1.00 19.30 ? 104 LYS B N    1 
ATOM   943  C CA   . LYS B 2 81  ? 9.871   6.604   -3.796  1.00 19.75 ? 104 LYS B CA   1 
ATOM   944  C C    . LYS B 2 81  ? 9.772   5.135   -4.198  1.00 16.79 ? 104 LYS B C    1 
ATOM   945  O O    . LYS B 2 81  ? 8.795   4.695   -4.804  1.00 13.79 ? 104 LYS B O    1 
ATOM   946  C CB   . LYS B 2 81  ? 9.803   6.735   -2.267  1.00 25.15 ? 104 LYS B CB   1 
ATOM   947  C CG   . LYS B 2 81  ? 8.420   6.697   -1.629  1.00 28.51 ? 104 LYS B CG   1 
ATOM   948  C CD   . LYS B 2 81  ? 8.530   7.090   -0.152  1.00 35.69 ? 104 LYS B CD   1 
ATOM   949  C CE   . LYS B 2 81  ? 7.303   6.782   0.685   1.00 37.49 ? 104 LYS B CE   1 
ATOM   950  N NZ   . LYS B 2 81  ? 7.602   6.798   2.129   1.00 37.14 ? 104 LYS B NZ   1 
ATOM   951  H H    . LYS B 2 81  ? 8.015   6.999   -4.815  1.00 0.00  ? 104 LYS B H    1 
ATOM   952  H HZ1  . LYS B 2 81  ? 8.317   6.053   2.335   1.00 0.00  ? 104 LYS B HZ1  1 
ATOM   953  H HZ2  . LYS B 2 81  ? 6.761   6.630   2.679   1.00 0.00  ? 104 LYS B HZ2  1 
ATOM   954  H HZ3  . LYS B 2 81  ? 8.031   7.718   2.414   1.00 0.00  ? 104 LYS B HZ3  1 
ATOM   955  N N    . HIS B 2 82  ? 10.822  4.414   -3.850  1.00 15.80 ? 105 HIS B N    1 
ATOM   956  C CA   . HIS B 2 82  ? 10.934  2.984   -4.156  1.00 16.73 ? 105 HIS B CA   1 
ATOM   957  C C    . HIS B 2 82  ? 10.030  2.196   -3.242  1.00 17.71 ? 105 HIS B C    1 
ATOM   958  O O    . HIS B 2 82  ? 10.118  2.290   -2.017  1.00 20.27 ? 105 HIS B O    1 
ATOM   959  C CB   . HIS B 2 82  ? 12.368  2.502   -3.937  1.00 16.57 ? 105 HIS B CB   1 
ATOM   960  C CG   . HIS B 2 82  ? 13.390  3.202   -4.819  1.00 18.53 ? 105 HIS B CG   1 
ATOM   961  N ND1  . HIS B 2 82  ? 13.757  2.693   -6.059  1.00 19.26 ? 105 HIS B ND1  1 
ATOM   962  C CD2  . HIS B 2 82  ? 14.104  4.340   -4.644  1.00 18.49 ? 105 HIS B CD2  1 
ATOM   963  C CE1  . HIS B 2 82  ? 14.656  3.504   -6.584  1.00 18.11 ? 105 HIS B CE1  1 
ATOM   964  N NE2  . HIS B 2 82  ? 14.875  4.493   -5.753  1.00 18.56 ? 105 HIS B NE2  1 
ATOM   965  H H    . HIS B 2 82  ? 11.498  4.820   -3.239  1.00 0.00  ? 105 HIS B H    1 
ATOM   966  H HD1  . HIS B 2 82  ? 13.483  1.838   -6.445  1.00 0.00  ? 105 HIS B HD1  1 
ATOM   967  H HE2  . HIS B 2 82  ? 15.554  5.195   -5.894  1.00 0.00  ? 105 HIS B HE2  1 
ATOM   968  N N    . ILE B 2 83  ? 9.153   1.418   -3.827  1.00 16.12 ? 106 ILE B N    1 
ATOM   969  C CA   . ILE B 2 83  ? 8.255   0.603   -3.016  1.00 14.46 ? 106 ILE B CA   1 
ATOM   970  C C    . ILE B 2 83  ? 8.879   -0.747  -2.794  1.00 14.99 ? 106 ILE B C    1 
ATOM   971  O O    . ILE B 2 83  ? 9.759   -1.179  -3.551  1.00 13.52 ? 106 ILE B O    1 
ATOM   972  C CB   . ILE B 2 83  ? 6.890   0.386   -3.686  1.00 16.32 ? 106 ILE B CB   1 
ATOM   973  C CG1  . ILE B 2 83  ? 7.000   -0.421  -4.994  1.00 12.33 ? 106 ILE B CG1  1 
ATOM   974  C CG2  . ILE B 2 83  ? 6.184   1.706   -4.021  1.00 16.11 ? 106 ILE B CG2  1 
ATOM   975  C CD1  . ILE B 2 83  ? 5.725   -1.197  -5.349  1.00 13.36 ? 106 ILE B CD1  1 
ATOM   976  H H    . ILE B 2 83  ? 9.153   1.307   -4.841  1.00 0.00  ? 106 ILE B H    1 
ATOM   977  N N    . ILE B 2 84  ? 8.413   -1.368  -1.756  1.00 12.59 ? 107 ILE B N    1 
ATOM   978  C CA   . ILE B 2 84  ? 8.840   -2.700  -1.397  1.00 12.98 ? 107 ILE B CA   1 
ATOM   979  C C    . ILE B 2 84  ? 7.595   -3.500  -1.091  1.00 13.93 ? 107 ILE B C    1 
ATOM   980  O O    . ILE B 2 84  ? 6.824   -3.155  -0.195  1.00 16.24 ? 107 ILE B O    1 
ATOM   981  C CB   . ILE B 2 84  ? 9.777   -2.661  -0.192  1.00 14.75 ? 107 ILE B CB   1 
ATOM   982  C CG1  . ILE B 2 84  ? 11.092  -1.946  -0.536  1.00 10.99 ? 107 ILE B CG1  1 
ATOM   983  C CG2  . ILE B 2 84  ? 10.135  -4.076  0.303   1.00 12.41 ? 107 ILE B CG2  1 
ATOM   984  C CD1  . ILE B 2 84  ? 11.737  -1.247  0.649   1.00 12.70 ? 107 ILE B CD1  1 
ATOM   985  H H    . ILE B 2 84  ? 7.760   -0.916  -1.151  1.00 0.00  ? 107 ILE B H    1 
ATOM   986  N N    . VAL B 2 85  ? 7.410   -4.548  -1.859  1.00 11.62 ? 108 VAL B N    1 
ATOM   987  C CA   . VAL B 2 85  ? 6.259   -5.437  -1.688  1.00 13.96 ? 108 VAL B CA   1 
ATOM   988  C C    . VAL B 2 85  ? 6.742   -6.841  -1.383  1.00 14.02 ? 108 VAL B C    1 
ATOM   989  O O    . VAL B 2 85  ? 7.810   -7.260  -1.840  1.00 14.85 ? 108 VAL B O    1 
ATOM   990  C CB   . VAL B 2 85  ? 5.400   -5.502  -2.969  1.00 14.56 ? 108 VAL B CB   1 
ATOM   991  C CG1  . VAL B 2 85  ? 4.803   -4.142  -3.363  1.00 13.14 ? 108 VAL B CG1  1 
ATOM   992  C CG2  . VAL B 2 85  ? 6.196   -6.000  -4.181  1.00 11.29 ? 108 VAL B CG2  1 
ATOM   993  H H    . VAL B 2 85  ? 8.069   -4.770  -2.581  1.00 0.00  ? 108 VAL B H    1 
ATOM   994  N N    . ALA B 2 86  ? 5.952   -7.535  -0.600  1.00 14.31 ? 109 ALA B N    1 
ATOM   995  C CA   . ALA B 2 86  ? 6.227   -8.929  -0.271  1.00 15.32 ? 109 ALA B CA   1 
ATOM   996  C C    . ALA B 2 86  ? 5.450   -9.684  -1.293  1.00 15.34 ? 109 ALA B C    1 
ATOM   997  O O    . ALA B 2 86  ? 4.324   -9.300  -1.635  1.00 15.49 ? 109 ALA B O    1 
ATOM   998  C CB   . ALA B 2 86  ? 5.769   -9.256  1.145   1.00 14.62 ? 109 ALA B CB   1 
ATOM   999  H H    . ALA B 2 86  ? 5.108   -7.145  -0.288  1.00 0.00  ? 109 ALA B H    1 
ATOM   1000 N N    . CYS B 2 87  ? 6.003   -10.745 -1.802  1.00 17.85 ? 110 CYS B N    1 
ATOM   1001 C CA   . CYS B 2 87  ? 5.275   -11.446 -2.851  1.00 21.08 ? 110 CYS B CA   1 
ATOM   1002 C C    . CYS B 2 87  ? 5.018   -12.922 -2.557  1.00 22.82 ? 110 CYS B C    1 
ATOM   1003 O O    . CYS B 2 87  ? 5.752   -13.594 -1.850  1.00 23.31 ? 110 CYS B O    1 
ATOM   1004 C CB   . CYS B 2 87  ? 5.995   -11.348 -4.145  1.00 24.84 ? 110 CYS B CB   1 
ATOM   1005 S SG   . CYS B 2 87  ? 6.154   -9.631  -4.776  1.00 37.64 ? 110 CYS B SG   1 
ATOM   1006 H H    . CYS B 2 87  ? 6.841   -11.106 -1.409  1.00 0.00  ? 110 CYS B H    1 
ATOM   1007 N N    . GLU B 2 88  ? 3.941   -13.371 -3.252  1.00 23.56 ? 111 GLU B N    1 
ATOM   1008 C CA   . GLU B 2 88  ? 3.470   -14.728 -2.975  1.00 23.53 ? 111 GLU B CA   1 
ATOM   1009 C C    . GLU B 2 88  ? 2.513   -15.226 -4.015  1.00 22.78 ? 111 GLU B C    1 
ATOM   1010 O O    . GLU B 2 88  ? 1.796   -14.446 -4.623  1.00 20.52 ? 111 GLU B O    1 
ATOM   1011 C CB   . GLU B 2 88  ? 2.711   -14.717 -1.643  1.00 29.09 ? 111 GLU B CB   1 
ATOM   1012 C CG   . GLU B 2 88  ? 3.137   -15.715 -0.576  1.00 35.37 ? 111 GLU B CG   1 
ATOM   1013 C CD   . GLU B 2 88  ? 2.701   -15.265 0.823   1.00 39.57 ? 111 GLU B CD   1 
ATOM   1014 O OE1  . GLU B 2 88  ? 1.892   -15.972 1.464   1.00 44.36 ? 111 GLU B OE1  1 
ATOM   1015 O OE2  . GLU B 2 88  ? 3.171   -14.196 1.284   1.00 42.01 ? 111 GLU B OE2  1 
ATOM   1016 H H    . GLU B 2 88  ? 3.476   -12.821 -3.915  1.00 0.00  ? 111 GLU B H    1 
ATOM   1017 N N    . GLY B 2 89  ? 2.456   -16.548 -4.127  1.00 23.91 ? 112 GLY B N    1 
ATOM   1018 C CA   . GLY B 2 89  ? 1.555   -17.211 -5.049  1.00 25.26 ? 112 GLY B CA   1 
ATOM   1019 C C    . GLY B 2 89  ? 2.078   -17.475 -6.442  1.00 26.93 ? 112 GLY B C    1 
ATOM   1020 O O    . GLY B 2 89  ? 3.287   -17.450 -6.693  1.00 26.33 ? 112 GLY B O    1 
ATOM   1021 H H    . GLY B 2 89  ? 3.071   -17.086 -3.596  1.00 0.00  ? 112 GLY B H    1 
ATOM   1022 N N    . ASN B 2 90  ? 1.134   -17.805 -7.317  1.00 28.78 ? 113 ASN B N    1 
ATOM   1023 C CA   . ASN B 2 90  ? 1.353   -18.077 -8.730  1.00 30.33 ? 113 ASN B CA   1 
ATOM   1024 C C    . ASN B 2 90  ? 0.032   -17.712 -9.378  1.00 29.71 ? 113 ASN B C    1 
ATOM   1025 O O    . ASN B 2 90  ? -0.982  -18.374 -9.153  1.00 31.00 ? 113 ASN B O    1 
ATOM   1026 C CB   . ASN B 2 90  ? 1.639   -19.549 -8.994  1.00 34.46 ? 113 ASN B CB   1 
ATOM   1027 C CG   . ASN B 2 90  ? 1.710   -19.862 -10.482 1.00 37.22 ? 113 ASN B CG   1 
ATOM   1028 O OD1  . ASN B 2 90  ? 2.763   -19.723 -11.104 1.00 39.73 ? 113 ASN B OD1  1 
ATOM   1029 N ND2  . ASN B 2 90  ? 0.576   -20.237 -11.069 1.00 37.20 ? 113 ASN B ND2  1 
ATOM   1030 H H    . ASN B 2 90  ? 0.196   -17.836 -7.008  1.00 0.00  ? 113 ASN B H    1 
ATOM   1031 H HD21 . ASN B 2 90  ? -0.250  -20.300 -10.544 1.00 0.00  ? 113 ASN B HD21 1 
ATOM   1032 H HD22 . ASN B 2 90  ? 0.608   -20.441 -12.026 1.00 0.00  ? 113 ASN B HD22 1 
ATOM   1033 N N    . PRO B 2 91  ? 0.009   -16.641 -10.174 1.00 28.60 ? 114 PRO B N    1 
ATOM   1034 C CA   . PRO B 2 91  ? 1.148   -15.778 -10.478 1.00 25.75 ? 114 PRO B CA   1 
ATOM   1035 C C    . PRO B 2 91  ? 1.766   -15.129 -9.242  1.00 22.84 ? 114 PRO B C    1 
ATOM   1036 O O    . PRO B 2 91  ? 1.086   -14.894 -8.249  1.00 22.28 ? 114 PRO B O    1 
ATOM   1037 C CB   . PRO B 2 91  ? 0.529   -14.737 -11.403 1.00 27.99 ? 114 PRO B CB   1 
ATOM   1038 C CG   . PRO B 2 91  ? -0.886  -14.614 -10.868 1.00 27.25 ? 114 PRO B CG   1 
ATOM   1039 C CD   . PRO B 2 91  ? -1.247  -16.057 -10.685 1.00 26.66 ? 114 PRO B CD   1 
ATOM   1040 N N    . TYR B 2 92  ? 3.079   -14.924 -9.293  1.00 20.62 ? 115 TYR B N    1 
ATOM   1041 C CA   . TYR B 2 92  ? 3.832   -14.291 -8.207  1.00 17.29 ? 115 TYR B CA   1 
ATOM   1042 C C    . TYR B 2 92  ? 3.463   -12.802 -8.202  1.00 15.13 ? 115 TYR B C    1 
ATOM   1043 O O    . TYR B 2 92  ? 3.920   -12.036 -9.032  1.00 14.17 ? 115 TYR B O    1 
ATOM   1044 C CB   . TYR B 2 92  ? 5.317   -14.485 -8.479  1.00 13.79 ? 115 TYR B CB   1 
ATOM   1045 C CG   . TYR B 2 92  ? 6.190   -14.507 -7.258  1.00 13.69 ? 115 TYR B CG   1 
ATOM   1046 C CD1  . TYR B 2 92  ? 5.853   -15.260 -6.141  1.00 13.35 ? 115 TYR B CD1  1 
ATOM   1047 C CD2  . TYR B 2 92  ? 7.380   -13.797 -7.237  1.00 12.31 ? 115 TYR B CD2  1 
ATOM   1048 C CE1  . TYR B 2 92  ? 6.687   -15.295 -5.032  1.00 14.24 ? 115 TYR B CE1  1 
ATOM   1049 C CE2  . TYR B 2 92  ? 8.206   -13.823 -6.149  1.00 13.38 ? 115 TYR B CE2  1 
ATOM   1050 C CZ   . TYR B 2 92  ? 7.860   -14.566 -5.057  1.00 14.12 ? 115 TYR B CZ   1 
ATOM   1051 O OH   . TYR B 2 92  ? 8.688   -14.528 -3.983  1.00 16.67 ? 115 TYR B OH   1 
ATOM   1052 H H    . TYR B 2 92  ? 3.568   -15.218 -10.082 1.00 0.00  ? 115 TYR B H    1 
ATOM   1053 H HH   . TYR B 2 92  ? 9.525   -14.091 -4.214  1.00 0.00  ? 115 TYR B HH   1 
ATOM   1054 N N    . VAL B 2 93  ? 2.558   -12.430 -7.309  1.00 14.57 ? 116 VAL B N    1 
ATOM   1055 C CA   . VAL B 2 93  ? 2.082   -11.055 -7.219  1.00 14.15 ? 116 VAL B CA   1 
ATOM   1056 C C    . VAL B 2 93  ? 2.217   -10.532 -5.801  1.00 13.97 ? 116 VAL B C    1 
ATOM   1057 O O    . VAL B 2 93  ? 2.448   -11.306 -4.880  1.00 14.15 ? 116 VAL B O    1 
ATOM   1058 C CB   . VAL B 2 93  ? 0.605   -10.949 -7.674  1.00 14.31 ? 116 VAL B CB   1 
ATOM   1059 C CG1  . VAL B 2 93  ? 0.530   -10.946 -9.191  1.00 12.75 ? 116 VAL B CG1  1 
ATOM   1060 C CG2  . VAL B 2 93  ? -0.216  -12.095 -7.091  1.00 13.48 ? 116 VAL B CG2  1 
ATOM   1061 H H    . VAL B 2 93  ? 2.197   -13.085 -6.671  1.00 0.00  ? 116 VAL B H    1 
ATOM   1062 N N    . PRO B 2 94  ? 2.062   -9.204  -5.605  1.00 13.06 ? 117 PRO B N    1 
ATOM   1063 C CA   . PRO B 2 94  ? 2.184   -8.633  -4.253  1.00 11.32 ? 117 PRO B CA   1 
ATOM   1064 C C    . PRO B 2 94  ? 1.026   -8.994  -3.330  1.00 12.74 ? 117 PRO B C    1 
ATOM   1065 O O    . PRO B 2 94  ? -0.135  -8.987  -3.760  1.00 11.10 ? 117 PRO B O    1 
ATOM   1066 C CB   . PRO B 2 94  ? 2.205   -7.112  -4.520  1.00 10.82 ? 117 PRO B CB   1 
ATOM   1067 C CG   . PRO B 2 94  ? 2.630   -6.973  -5.981  1.00 9.59  ? 117 PRO B CG   1 
ATOM   1068 C CD   . PRO B 2 94  ? 1.896   -8.153  -6.617  1.00 10.90 ? 117 PRO B CD   1 
ATOM   1069 N N    . VAL B 2 95  ? 1.348   -9.354  -2.088  1.00 13.53 ? 118 VAL B N    1 
ATOM   1070 C CA   . VAL B 2 95  ? 0.336   -9.649  -1.073  1.00 15.02 ? 118 VAL B CA   1 
ATOM   1071 C C    . VAL B 2 95  ? 0.403   -8.669  0.097   1.00 16.47 ? 118 VAL B C    1 
ATOM   1072 O O    . VAL B 2 95  ? -0.536  -8.584  0.874   1.00 17.92 ? 118 VAL B O    1 
ATOM   1073 C CB   . VAL B 2 95  ? 0.420   -11.073 -0.528  1.00 16.57 ? 118 VAL B CB   1 
ATOM   1074 C CG1  . VAL B 2 95  ? -0.023  -12.039 -1.590  1.00 18.73 ? 118 VAL B CG1  1 
ATOM   1075 C CG2  . VAL B 2 95  ? 1.830   -11.397 -0.049  1.00 14.86 ? 118 VAL B CG2  1 
ATOM   1076 H H    . VAL B 2 95  ? 2.301   -9.428  -1.882  1.00 0.00  ? 118 VAL B H    1 
ATOM   1077 N N    . HIS B 2 96  ? 1.513   -7.945  0.230   1.00 18.85 ? 119 HIS B N    1 
ATOM   1078 C CA   . HIS B 2 96  ? 1.686   -6.952  1.303   1.00 23.60 ? 119 HIS B CA   1 
ATOM   1079 C C    . HIS B 2 96  ? 2.560   -5.760  0.896   1.00 25.91 ? 119 HIS B C    1 
ATOM   1080 O O    . HIS B 2 96  ? 3.430   -5.875  0.016   1.00 23.96 ? 119 HIS B O    1 
ATOM   1081 C CB   . HIS B 2 96  ? 2.367   -7.577  2.525   1.00 28.22 ? 119 HIS B CB   1 
ATOM   1082 C CG   . HIS B 2 96  ? 1.552   -8.623  3.205   1.00 34.92 ? 119 HIS B CG   1 
ATOM   1083 N ND1  . HIS B 2 96  ? 0.497   -8.314  4.043   1.00 36.83 ? 119 HIS B ND1  1 
ATOM   1084 C CD2  . HIS B 2 96  ? 1.639   -9.978  3.185   1.00 35.87 ? 119 HIS B CD2  1 
ATOM   1085 C CE1  . HIS B 2 96  ? -0.032  -9.434  4.506   1.00 39.84 ? 119 HIS B CE1  1 
ATOM   1086 N NE2  . HIS B 2 96  ? 0.642   -10.458 3.999   1.00 39.01 ? 119 HIS B NE2  1 
ATOM   1087 H H    . HIS B 2 96  ? 2.243   -8.046  -0.413  1.00 0.00  ? 119 HIS B H    1 
ATOM   1088 H HD1  . HIS B 2 96  ? 0.126   -7.387  4.186   1.00 0.00  ? 119 HIS B HD1  1 
ATOM   1089 H HE2  . HIS B 2 96  ? 0.459   -11.405 4.180   1.00 0.00  ? 119 HIS B HE2  1 
ATOM   1090 N N    . PHE B 2 97  ? 2.348   -4.624  1.555   1.00 27.03 ? 120 PHE B N    1 
ATOM   1091 C CA   . PHE B 2 97  ? 3.173   -3.456  1.295   1.00 30.79 ? 120 PHE B CA   1 
ATOM   1092 C C    . PHE B 2 97  ? 4.062   -3.263  2.491   1.00 33.59 ? 120 PHE B C    1 
ATOM   1093 O O    . PHE B 2 97  ? 3.638   -2.788  3.544   1.00 35.87 ? 120 PHE B O    1 
ATOM   1094 C CB   . PHE B 2 97  ? 2.353   -2.227  0.973   1.00 29.47 ? 120 PHE B CB   1 
ATOM   1095 C CG   . PHE B 2 97  ? 2.010   -2.136  -0.467  1.00 30.13 ? 120 PHE B CG   1 
ATOM   1096 C CD1  . PHE B 2 97  ? 2.507   -1.102  -1.245  1.00 29.47 ? 120 PHE B CD1  1 
ATOM   1097 C CD2  . PHE B 2 97  ? 1.224   -3.130  -1.069  1.00 30.11 ? 120 PHE B CD2  1 
ATOM   1098 C CE1  . PHE B 2 97  ? 2.221   -1.058  -2.607  1.00 31.05 ? 120 PHE B CE1  1 
ATOM   1099 C CE2  . PHE B 2 97  ? 0.931   -3.096  -2.426  1.00 29.13 ? 120 PHE B CE2  1 
ATOM   1100 C CZ   . PHE B 2 97  ? 1.426   -2.065  -3.201  1.00 29.63 ? 120 PHE B CZ   1 
ATOM   1101 H H    . PHE B 2 97  ? 1.617   -4.548  2.224   1.00 0.00  ? 120 PHE B H    1 
ATOM   1102 N N    . ASP B 2 98  ? 5.307   -3.678  2.300   1.00 35.45 ? 121 ASP B N    1 
ATOM   1103 C CA   . ASP B 2 98  ? 6.331   -3.667  3.334   1.00 38.75 ? 121 ASP B CA   1 
ATOM   1104 C C    . ASP B 2 98  ? 7.066   -2.356  3.575   1.00 40.77 ? 121 ASP B C    1 
ATOM   1105 O O    . ASP B 2 98  ? 7.620   -2.149  4.663   1.00 39.20 ? 121 ASP B O    1 
ATOM   1106 C CB   . ASP B 2 98  ? 7.335   -4.793  3.055   1.00 36.57 ? 121 ASP B CB   1 
ATOM   1107 C CG   . ASP B 2 98  ? 8.028   -5.263  4.296   1.00 35.39 ? 121 ASP B CG   1 
ATOM   1108 O OD1  . ASP B 2 98  ? 7.409   -6.012  5.090   1.00 32.93 ? 121 ASP B OD1  1 
ATOM   1109 O OD2  . ASP B 2 98  ? 9.189   -4.868  4.474   1.00 33.20 ? 121 ASP B OD2  1 
ATOM   1110 H H    . ASP B 2 98  ? 5.557   -3.984  1.403   1.00 0.00  ? 121 ASP B H    1 
ATOM   1111 N N    . ALA B 2 99  ? 7.101   -1.485  2.573   1.00 44.44 ? 122 ALA B N    1 
ATOM   1112 C CA   . ALA B 2 99  ? 7.787   -0.207  2.738   1.00 48.12 ? 122 ALA B CA   1 
ATOM   1113 C C    . ALA B 2 99  ? 7.801   0.668   1.492   1.00 50.28 ? 122 ALA B C    1 
ATOM   1114 O O    . ALA B 2 99  ? 7.182   0.354   0.459   1.00 50.49 ? 122 ALA B O    1 
ATOM   1115 C CB   . ALA B 2 99  ? 9.235   -0.430  3.233   1.00 47.38 ? 122 ALA B CB   1 
ATOM   1116 H H    . ALA B 2 99  ? 6.673   -1.683  1.711   1.00 0.00  ? 122 ALA B H    1 
ATOM   1117 N N    . SER B 2 100 ? 8.547   1.760   1.619   1.00 51.75 ? 123 SER B N    1 
ATOM   1118 C CA   . SER B 2 100 ? 8.727   2.742   0.570   1.00 52.61 ? 123 SER B CA   1 
ATOM   1119 C C    . SER B 2 100 ? 9.914   3.613   0.981   1.00 51.88 ? 123 SER B C    1 
ATOM   1120 O O    . SER B 2 100 ? 9.838   4.338   1.985   1.00 52.38 ? 123 SER B O    1 
ATOM   1121 C CB   . SER B 2 100 ? 7.452   3.573   0.428   1.00 54.16 ? 123 SER B CB   1 
ATOM   1122 O OG   . SER B 2 100 ? 6.951   3.954   1.701   1.00 56.93 ? 123 SER B OG   1 
ATOM   1123 H H    . SER B 2 100 ? 8.991   1.970   2.468   1.00 0.00  ? 123 SER B H    1 
ATOM   1124 H HG   . SER B 2 100 ? 7.621   4.526   2.112   1.00 0.00  ? 123 SER B HG   1 
ATOM   1125 N N    . VAL B 2 101 ? 11.021  3.473   0.247   1.00 51.07 ? 124 VAL B N    1 
ATOM   1126 C CA   . VAL B 2 101 ? 12.253  4.217   0.514   1.00 50.35 ? 124 VAL B CA   1 
ATOM   1127 C C    . VAL B 2 101 ? 12.428  5.483   -0.346  1.00 50.68 ? 124 VAL B C    1 
ATOM   1128 O O    . VAL B 2 101 ? 12.335  6.562   0.262   1.00 53.13 ? 124 VAL B O    1 
ATOM   1129 C CB   . VAL B 2 101 ? 13.516  3.285   0.438   1.00 48.65 ? 124 VAL B CB   1 
ATOM   1130 C CG1  . VAL B 2 101 ? 13.223  1.965   1.129   1.00 49.12 ? 124 VAL B CG1  1 
ATOM   1131 C CG2  . VAL B 2 101 ? 13.950  3.013   -0.987  1.00 48.71 ? 124 VAL B CG2  1 
ATOM   1132 O OXT  . VAL B 2 101 ? 12.611  5.422   -1.589  1.00 50.10 ? 124 VAL B OXT  1 
ATOM   1133 H H    . VAL B 2 101 ? 11.025  2.879   -0.525  1.00 0.00  ? 124 VAL B H    1 
HETATM 1134 S S    . SO4 C 3 .   ? -0.735  -4.947  3.933   1.00 42.92 ? 125 SO4 B S    1 
HETATM 1135 O O1   . SO4 C 3 .   ? -1.267  -3.775  4.537   1.00 86.16 ? 125 SO4 B O1   1 
HETATM 1136 O O2   . SO4 C 3 .   ? -1.551  -6.106  4.181   1.00 96.15 ? 125 SO4 B O2   1 
HETATM 1137 O O3   . SO4 C 3 .   ? 0.533   -5.281  4.498   1.00 0.87  ? 125 SO4 B O3   1 
HETATM 1138 O O4   . SO4 C 3 .   ? -0.632  -4.768  2.510   1.00 69.29 ? 125 SO4 B O4   1 
HETATM 1139 O O    . HOH D 4 .   ? -12.247 -9.881  -4.982  1.00 36.61 ? 202 HOH A O    1 
HETATM 1140 H H1   . HOH D 4 .   ? -12.310 -8.946  -5.190  1.00 0.00  ? 202 HOH A H1   1 
HETATM 1141 H H2   . HOH D 4 .   ? -11.875 -10.235 -5.797  1.00 0.00  ? 202 HOH A H2   1 
HETATM 1142 O O    . HOH D 4 .   ? -5.548  -8.437  -10.450 1.00 24.92 ? 218 HOH A O    1 
HETATM 1143 H H1   . HOH D 4 .   ? -4.866  -7.971  -9.964  1.00 0.00  ? 218 HOH A H1   1 
HETATM 1144 H H2   . HOH D 4 .   ? -5.110  -8.742  -11.244 1.00 0.00  ? 218 HOH A H2   1 
HETATM 1145 O O    . HOH D 4 .   ? -10.959 -11.749 -4.847  1.00 50.09 ? 227 HOH A O    1 
HETATM 1146 H H1   . HOH D 4 .   ? -11.793 -11.464 -5.222  1.00 0.00  ? 227 HOH A H1   1 
HETATM 1147 H H2   . HOH D 4 .   ? -11.205 -12.332 -4.130  1.00 0.00  ? 227 HOH A H2   1 
HETATM 1148 O O    . HOH D 4 .   ? -9.751  -6.039  5.184   1.00 61.20 ? 236 HOH A O    1 
HETATM 1149 H H1   . HOH D 4 .   ? -9.294  -5.294  4.768   1.00 0.00  ? 236 HOH A H1   1 
HETATM 1150 H H2   . HOH D 4 .   ? -9.547  -6.769  4.600   1.00 0.00  ? 236 HOH A H2   1 
HETATM 1151 O O    . HOH D 4 .   ? -7.769  -12.891 -7.368  1.00 43.14 ? 245 HOH A O    1 
HETATM 1152 H H1   . HOH D 4 .   ? -8.560  -12.646 -7.854  1.00 0.00  ? 245 HOH A H1   1 
HETATM 1153 H H2   . HOH D 4 .   ? -8.028  -13.728 -6.977  1.00 0.00  ? 245 HOH A H2   1 
HETATM 1154 O O    . HOH D 4 .   ? -5.149  -16.226 -0.856  1.00 33.56 ? 247 HOH A O    1 
HETATM 1155 H H1   . HOH D 4 .   ? -4.365  -16.593 -0.411  1.00 0.00  ? 247 HOH A H1   1 
HETATM 1156 H H2   . HOH D 4 .   ? -5.791  -16.918 -0.697  1.00 0.00  ? 247 HOH A H2   1 
HETATM 1157 O O    . HOH E 4 .   ? -1.189  -14.527 -4.249  1.00 22.19 ? 201 HOH B O    1 
HETATM 1158 H H1   . HOH E 4 .   ? -1.155  -13.581 -4.137  1.00 0.00  ? 201 HOH B H1   1 
HETATM 1159 H H2   . HOH E 4 .   ? -0.568  -14.647 -4.990  1.00 0.00  ? 201 HOH B H2   1 
HETATM 1160 O O    . HOH E 4 .   ? -1.734  -7.882  -5.570  1.00 22.83 ? 203 HOH B O    1 
HETATM 1161 H H1   . HOH E 4 .   ? -1.172  -8.267  -6.228  1.00 0.00  ? 203 HOH B H1   1 
HETATM 1162 H H2   . HOH E 4 .   ? -1.202  -7.223  -5.127  1.00 0.00  ? 203 HOH B H2   1 
HETATM 1163 O O    . HOH E 4 .   ? 0.725   11.864  5.697   1.00 7.41  ? 205 HOH B O    1 
HETATM 1164 H H1   . HOH E 4 .   ? -0.031  11.548  6.193   1.00 0.00  ? 205 HOH B H1   1 
HETATM 1165 H H2   . HOH E 4 .   ? 1.130   12.553  6.236   1.00 0.00  ? 205 HOH B H2   1 
HETATM 1166 O O    . HOH E 4 .   ? -16.498 0.565   0.279   1.00 10.67 ? 207 HOH B O    1 
HETATM 1167 H H1   . HOH E 4 .   ? -16.554 0.214   1.154   1.00 0.00  ? 207 HOH B H1   1 
HETATM 1168 H H2   . HOH E 4 .   ? -15.584 0.827   0.155   1.00 0.00  ? 207 HOH B H2   1 
HETATM 1169 O O    . HOH E 4 .   ? -16.050 3.749   -3.890  1.00 32.38 ? 208 HOH B O    1 
HETATM 1170 H H1   . HOH E 4 .   ? -15.464 3.358   -4.535  1.00 0.00  ? 208 HOH B H1   1 
HETATM 1171 H H2   . HOH E 4 .   ? -16.380 4.537   -4.328  1.00 0.00  ? 208 HOH B H2   1 
HETATM 1172 O O    . HOH E 4 .   ? -2.859  -2.443  -15.604 1.00 11.35 ? 209 HOH B O    1 
HETATM 1173 H H1   . HOH E 4 .   ? -3.063  -2.873  -16.440 1.00 0.00  ? 209 HOH B H1   1 
HETATM 1174 H H2   . HOH E 4 .   ? -3.356  -1.597  -15.653 1.00 0.00  ? 209 HOH B H2   1 
HETATM 1175 O O    . HOH E 4 .   ? 8.083   1.061   -13.993 1.00 18.57 ? 210 HOH B O    1 
HETATM 1176 H H1   . HOH E 4 .   ? 8.381   0.159   -13.952 1.00 0.00  ? 210 HOH B H1   1 
HETATM 1177 H H2   . HOH E 4 .   ? 7.800   1.278   -13.104 1.00 0.00  ? 210 HOH B H2   1 
HETATM 1178 O O    . HOH E 4 .   ? -19.279 3.953   -0.573  1.00 26.45 ? 211 HOH B O    1 
HETATM 1179 H H1   . HOH E 4 .   ? -19.560 3.100   -0.922  1.00 0.00  ? 211 HOH B H1   1 
HETATM 1180 H H2   . HOH E 4 .   ? -19.344 4.538   -1.324  1.00 0.00  ? 211 HOH B H2   1 
HETATM 1181 O O    . HOH E 4 .   ? -3.269  -8.555  1.688   1.00 14.45 ? 212 HOH B O    1 
HETATM 1182 H H1   . HOH E 4 .   ? -2.864  -9.346  1.991   1.00 0.00  ? 212 HOH B H1   1 
HETATM 1183 H H2   . HOH E 4 .   ? -2.557  -7.887  1.679   1.00 0.00  ? 212 HOH B H2   1 
HETATM 1184 O O    . HOH E 4 .   ? -4.348  -0.275  -14.799 1.00 28.98 ? 213 HOH B O    1 
HETATM 1185 H H1   . HOH E 4 .   ? -4.846  0.540   -14.958 1.00 0.00  ? 213 HOH B H1   1 
HETATM 1186 H H2   . HOH E 4 .   ? -4.598  -0.451  -13.885 1.00 0.00  ? 213 HOH B H2   1 
HETATM 1187 O O    . HOH E 4 .   ? 2.632   3.024   -14.008 1.00 20.51 ? 214 HOH B O    1 
HETATM 1188 H H1   . HOH E 4 .   ? 3.004   2.309   -14.525 1.00 0.00  ? 214 HOH B H1   1 
HETATM 1189 H H2   . HOH E 4 .   ? 3.365   3.349   -13.486 1.00 0.00  ? 214 HOH B H2   1 
HETATM 1190 O O    . HOH E 4 .   ? -2.843  -5.745  1.776   1.00 27.20 ? 215 HOH B O    1 
HETATM 1191 H H1   . HOH E 4 .   ? -3.432  -5.741  1.021   1.00 0.00  ? 215 HOH B H1   1 
HETATM 1192 H H2   . HOH E 4 .   ? -3.277  -6.308  2.417   1.00 0.00  ? 215 HOH B H2   1 
HETATM 1193 O O    . HOH E 4 .   ? 7.918   -1.893  -12.316 1.00 13.22 ? 216 HOH B O    1 
HETATM 1194 H H1   . HOH E 4 .   ? 8.857   -1.958  -12.141 1.00 0.00  ? 216 HOH B H1   1 
HETATM 1195 H H2   . HOH E 4 .   ? 7.506   -2.365  -11.592 1.00 0.00  ? 216 HOH B H2   1 
HETATM 1196 O O    . HOH E 4 .   ? 0.527   1.048   3.735   1.00 22.89 ? 217 HOH B O    1 
HETATM 1197 H H1   . HOH E 4 .   ? -0.328  0.630   3.833   1.00 0.00  ? 217 HOH B H1   1 
HETATM 1198 H H2   . HOH E 4 .   ? 0.347   1.848   3.240   1.00 0.00  ? 217 HOH B H2   1 
HETATM 1199 O O    . HOH E 4 .   ? -13.967 -0.289  7.025   1.00 41.33 ? 219 HOH B O    1 
HETATM 1200 H H1   . HOH E 4 .   ? -13.506 -0.273  6.172   1.00 0.00  ? 219 HOH B H1   1 
HETATM 1201 H H2   . HOH E 4 .   ? -13.287 -0.706  7.565   1.00 0.00  ? 219 HOH B H2   1 
HETATM 1202 O O    . HOH E 4 .   ? 1.808   1.715   -22.069 1.00 39.73 ? 221 HOH B O    1 
HETATM 1203 H H1   . HOH E 4 .   ? 2.428   1.260   -22.649 1.00 0.00  ? 221 HOH B H1   1 
HETATM 1204 H H2   . HOH E 4 .   ? 2.216   2.564   -21.911 1.00 0.00  ? 221 HOH B H2   1 
HETATM 1205 O O    . HOH E 4 .   ? -3.566  -10.919 -8.690  1.00 19.87 ? 222 HOH B O    1 
HETATM 1206 H H1   . HOH E 4 .   ? -4.074  -11.694 -8.951  1.00 0.00  ? 222 HOH B H1   1 
HETATM 1207 H H2   . HOH E 4 .   ? -3.916  -10.690 -7.830  1.00 0.00  ? 222 HOH B H2   1 
HETATM 1208 O O    . HOH E 4 .   ? -1.732  -15.223 -7.163  1.00 17.58 ? 226 HOH B O    1 
HETATM 1209 H H1   . HOH E 4 .   ? -2.139  -15.070 -6.306  1.00 0.00  ? 226 HOH B H1   1 
HETATM 1210 H H2   . HOH E 4 .   ? -2.313  -14.770 -7.783  1.00 0.00  ? 226 HOH B H2   1 
HETATM 1211 O O    . HOH E 4 .   ? -11.015 5.190   16.975  1.00 21.61 ? 228 HOH B O    1 
HETATM 1212 H H1   . HOH E 4 .   ? -10.926 5.712   17.780  1.00 0.00  ? 228 HOH B H1   1 
HETATM 1213 H H2   . HOH E 4 .   ? -10.450 5.661   16.323  1.00 0.00  ? 228 HOH B H2   1 
HETATM 1214 O O    . HOH E 4 .   ? 7.938   -14.191 -11.371 1.00 48.78 ? 237 HOH B O    1 
HETATM 1215 H H1   . HOH E 4 .   ? 8.606   -14.572 -11.950 1.00 0.00  ? 237 HOH B H1   1 
HETATM 1216 H H2   . HOH E 4 .   ? 7.253   -14.854 -11.396 1.00 0.00  ? 237 HOH B H2   1 
HETATM 1217 O O    . HOH E 4 .   ? -3.556  -3.683  7.227   1.00 53.27 ? 241 HOH B O    1 
HETATM 1218 H H1   . HOH E 4 .   ? -2.901  -3.513  6.530   1.00 0.00  ? 241 HOH B H1   1 
HETATM 1219 H H2   . HOH E 4 .   ? -3.239  -4.506  7.599   1.00 0.00  ? 241 HOH B H2   1 
HETATM 1220 O O    . HOH E 4 .   ? 1.285   16.305  -0.204  1.00 30.09 ? 243 HOH B O    1 
HETATM 1221 H H1   . HOH E 4 .   ? 2.151   16.438  -0.588  1.00 0.00  ? 243 HOH B H1   1 
HETATM 1222 H H2   . HOH E 4 .   ? 1.180   17.038  0.403   1.00 0.00  ? 243 HOH B H2   1 
HETATM 1223 O O    . HOH E 4 .   ? 5.087   17.727  6.487   1.00 40.71 ? 248 HOH B O    1 
HETATM 1224 H H1   . HOH E 4 .   ? 4.607   17.780  5.665   1.00 0.00  ? 248 HOH B H1   1 
HETATM 1225 H H2   . HOH E 4 .   ? 4.774   16.917  6.904   1.00 0.00  ? 248 HOH B H2   1 
HETATM 1226 O O    . HOH E 4 .   ? -12.009 10.513  24.325  1.00 57.97 ? 252 HOH B O    1 
HETATM 1227 H H1   . HOH E 4 .   ? -12.691 10.080  24.838  1.00 0.00  ? 252 HOH B H1   1 
HETATM 1228 H H2   . HOH E 4 .   ? -11.693 11.217  24.891  1.00 0.00  ? 252 HOH B H2   1 
HETATM 1229 O O    . HOH E 4 .   ? 17.835  -10.093 -7.074  1.00 56.21 ? 255 HOH B O    1 
HETATM 1230 H H1   . HOH E 4 .   ? 16.991  -9.654  -7.183  1.00 0.00  ? 255 HOH B H1   1 
HETATM 1231 H H2   . HOH E 4 .   ? 18.052  -10.418 -7.948  1.00 0.00  ? 255 HOH B H2   1 
HETATM 1232 O O    . HOH E 4 .   ? -20.734 -0.389  3.130   1.00 29.05 ? 257 HOH B O    1 
HETATM 1233 H H1   . HOH E 4 .   ? -20.855 -1.340  3.208   1.00 0.00  ? 257 HOH B H1   1 
HETATM 1234 H H2   . HOH E 4 .   ? -19.786 -0.268  3.046   1.00 0.00  ? 257 HOH B H2   1 
HETATM 1235 O O    . HOH E 4 .   ? -13.849 -6.784  3.052   1.00 33.57 ? 259 HOH B O    1 
HETATM 1236 H H1   . HOH E 4 .   ? -13.488 -6.585  3.928   1.00 0.00  ? 259 HOH B H1   1 
HETATM 1237 H H2   . HOH E 4 .   ? -13.290 -7.505  2.761   1.00 0.00  ? 259 HOH B H2   1 
HETATM 1238 O O    . HOH E 4 .   ? -9.979  2.125   21.185  1.00 43.74 ? 260 HOH B O    1 
HETATM 1239 H H1   . HOH E 4 .   ? -9.432  2.751   21.661  1.00 0.00  ? 260 HOH B H1   1 
HETATM 1240 H H2   . HOH E 4 .   ? -10.634 1.880   21.846  1.00 0.00  ? 260 HOH B H2   1 
HETATM 1241 O O    . HOH E 4 .   ? -8.709  6.483   16.089  1.00 27.38 ? 262 HOH B O    1 
HETATM 1242 H H1   . HOH E 4 .   ? -8.277  6.116   16.874  1.00 0.00  ? 262 HOH B H1   1 
HETATM 1243 H H2   . HOH E 4 .   ? -8.286  7.363   16.065  1.00 0.00  ? 262 HOH B H2   1 
# 
